data_4HZ5
#
_entry.id   4HZ5
#
_cell.length_a   144.210
_cell.length_b   144.210
_cell.length_c   84.168
_cell.angle_alpha   90.00
_cell.angle_beta   90.00
_cell.angle_gamma   120.00
#
_symmetry.space_group_name_H-M   'P 31'
#
loop_
_entity.id
_entity.type
_entity.pdbx_description
1 polymer 'DNA topoisomerase IV, B subunit'
2 non-polymer 6-ethyl-4-methoxy-2-(pyridin-3-ylsulfanyl)-7H-pyrrolo[2,3-d]pyrimidine-5-carbaldehyde
3 water water
#
_entity_poly.entity_id   1
_entity_poly.type   'polypeptide(L)'
_entity_poly.pdbx_seq_one_letter_code
;MGLEAVRKRPGMYIGSTDSRGLHHLVYEIVDNAVDEALSGYGNEINVTIQKDNSICVADSGRGMPTGMHASGIPTVEVIF
TVLHAGGKFGQGGYKTSGGLHGVGASVVNALSKWLEVHIVRDGVEYMERFEDGGKPVGTLKKIGKTKKRNGTSVTFLPDD
TIFSTTNFSYEILAERLRESAFLLKGVKITLTDERGEEPKEEVFHYEELEHHHHHH
;
_entity_poly.pdbx_strand_id   A,B,C,D,E,F,G,H,J
#
# COMPACT_ATOMS: atom_id res chain seq x y z
N GLY A 2 15.79 -45.76 6.47
CA GLY A 2 16.22 -45.25 7.81
C GLY A 2 16.94 -43.92 7.71
N LEU A 3 17.49 -43.47 8.84
CA LEU A 3 18.24 -42.21 8.87
C LEU A 3 19.65 -42.38 8.34
N GLU A 4 20.15 -43.62 8.32
CA GLU A 4 21.47 -43.91 7.77
C GLU A 4 21.56 -43.59 6.29
N ALA A 5 20.47 -43.80 5.56
CA ALA A 5 20.39 -43.47 4.14
C ALA A 5 20.62 -41.98 3.90
N VAL A 6 20.08 -41.16 4.79
CA VAL A 6 20.28 -39.71 4.76
C VAL A 6 21.76 -39.35 4.98
N ARG A 7 22.42 -40.02 5.93
CA ARG A 7 23.81 -39.74 6.23
C ARG A 7 24.77 -40.27 5.16
N LYS A 8 24.37 -41.36 4.51
CA LYS A 8 25.17 -41.95 3.45
C LYS A 8 25.11 -41.14 2.15
N ARG A 9 23.92 -40.59 1.86
CA ARG A 9 23.71 -39.78 0.65
C ARG A 9 22.89 -38.52 0.95
N PRO A 10 23.43 -37.60 1.77
CA PRO A 10 22.63 -36.43 2.15
C PRO A 10 22.26 -35.55 0.96
N GLY A 11 23.03 -35.65 -0.12
CA GLY A 11 22.75 -34.93 -1.36
C GLY A 11 21.40 -35.24 -1.98
N MET A 12 20.90 -36.45 -1.75
CA MET A 12 19.57 -36.85 -2.23
C MET A 12 18.44 -36.34 -1.35
N TYR A 13 18.77 -35.58 -0.31
CA TYR A 13 17.77 -35.13 0.65
C TYR A 13 17.79 -33.63 0.88
N ILE A 14 18.98 -33.03 0.80
CA ILE A 14 19.14 -31.59 1.02
C ILE A 14 19.98 -30.92 -0.06
N GLY A 15 20.23 -31.64 -1.16
CA GLY A 15 20.83 -31.06 -2.34
C GLY A 15 22.35 -31.08 -2.39
N SER A 16 22.98 -30.74 -1.25
CA SER A 16 24.43 -30.70 -1.14
C SER A 16 24.81 -30.56 0.33
N THR A 17 26.10 -30.71 0.65
CA THR A 17 26.54 -30.60 2.03
C THR A 17 27.58 -29.50 2.21
N ASP A 18 27.48 -28.48 1.38
CA ASP A 18 28.29 -27.29 1.52
C ASP A 18 27.48 -26.21 2.25
N SER A 19 27.88 -24.95 2.08
CA SER A 19 27.16 -23.83 2.69
C SER A 19 25.65 -23.86 2.40
N ARG A 20 25.30 -24.12 1.14
CA ARG A 20 23.90 -24.28 0.70
C ARG A 20 23.10 -25.28 1.53
N GLY A 21 23.66 -26.48 1.70
CA GLY A 21 23.01 -27.55 2.45
C GLY A 21 22.90 -27.25 3.94
N LEU A 22 23.95 -26.65 4.49
CA LEU A 22 23.95 -26.20 5.88
C LEU A 22 22.76 -25.32 6.21
N HIS A 23 22.56 -24.27 5.40
CA HIS A 23 21.49 -23.30 5.65
C HIS A 23 20.14 -23.88 5.37
N HIS A 24 20.12 -24.90 4.52
CA HIS A 24 18.90 -25.62 4.20
C HIS A 24 18.32 -26.31 5.41
N LEU A 25 19.19 -26.74 6.33
CA LEU A 25 18.74 -27.37 7.57
C LEU A 25 17.88 -26.42 8.39
N VAL A 26 18.28 -25.15 8.44
CA VAL A 26 17.51 -24.12 9.14
C VAL A 26 16.13 -23.99 8.50
N TYR A 27 16.10 -23.91 7.17
CA TYR A 27 14.85 -23.69 6.43
C TYR A 27 13.85 -24.83 6.61
N GLU A 28 14.35 -26.05 6.68
CA GLU A 28 13.51 -27.21 6.94
C GLU A 28 12.72 -27.09 8.24
N ILE A 29 13.42 -26.78 9.33
CA ILE A 29 12.75 -26.61 10.62
C ILE A 29 11.82 -25.40 10.62
N VAL A 30 12.27 -24.31 9.99
CA VAL A 30 11.48 -23.08 9.88
C VAL A 30 10.16 -23.30 9.15
N ASP A 31 10.20 -24.02 8.02
CA ASP A 31 9.01 -24.31 7.21
C ASP A 31 7.93 -25.07 7.97
N ASN A 32 8.33 -25.90 8.93
CA ASN A 32 7.39 -26.56 9.82
C ASN A 32 6.70 -25.57 10.76
N ALA A 33 7.43 -24.54 11.18
CA ALA A 33 6.84 -23.48 11.98
C ALA A 33 5.87 -22.63 11.17
N VAL A 34 6.24 -22.28 9.94
CA VAL A 34 5.35 -21.47 9.10
C VAL A 34 4.13 -22.27 8.63
N ASP A 35 4.33 -23.56 8.38
CA ASP A 35 3.20 -24.48 8.15
C ASP A 35 2.19 -24.33 9.28
N GLU A 36 2.67 -24.36 10.53
CA GLU A 36 1.83 -24.20 11.72
C GLU A 36 1.16 -22.83 11.76
N ALA A 37 1.94 -21.78 11.50
CA ALA A 37 1.43 -20.41 11.47
C ALA A 37 0.31 -20.28 10.45
N LEU A 38 0.51 -20.82 9.26
CA LEU A 38 -0.50 -20.77 8.20
C LEU A 38 -1.72 -21.63 8.51
N SER A 39 -1.60 -22.49 9.52
CA SER A 39 -2.68 -23.38 9.91
C SER A 39 -3.54 -22.78 11.00
N GLY A 40 -2.95 -21.91 11.82
CA GLY A 40 -3.57 -21.49 13.07
C GLY A 40 -3.18 -20.14 13.62
N TYR A 41 -2.31 -20.02 14.64
CA TYR A 41 -1.51 -21.02 15.41
C TYR A 41 -0.05 -20.52 15.45
N GLY A 42 0.15 -19.35 16.05
CA GLY A 42 1.49 -18.79 16.22
C GLY A 42 1.68 -17.42 15.58
N ASN A 43 2.05 -16.44 16.41
CA ASN A 43 2.26 -15.07 15.93
C ASN A 43 3.75 -14.68 15.80
N GLU A 44 4.66 -15.60 16.10
CA GLU A 44 6.09 -15.35 15.92
C GLU A 44 6.96 -16.60 15.78
N ILE A 45 7.96 -16.50 14.92
CA ILE A 45 8.97 -17.53 14.73
C ILE A 45 10.33 -16.91 15.02
N ASN A 46 11.07 -17.52 15.95
CA ASN A 46 12.39 -17.04 16.34
C ASN A 46 13.50 -17.96 15.88
N VAL A 47 14.45 -17.41 15.13
CA VAL A 47 15.64 -18.16 14.71
C VAL A 47 16.85 -17.55 15.41
N THR A 48 17.57 -18.36 16.17
CA THR A 48 18.74 -17.92 16.92
C THR A 48 19.97 -18.73 16.51
N ILE A 49 21.03 -18.03 16.08
CA ILE A 49 22.33 -18.66 15.89
C ILE A 49 23.11 -18.58 17.20
N GLN A 50 23.23 -19.71 17.87
CA GLN A 50 23.84 -19.73 19.20
C GLN A 50 25.36 -19.71 19.17
N LYS A 51 25.96 -19.49 20.33
CA LYS A 51 27.41 -19.30 20.47
C LYS A 51 28.22 -20.51 20.00
N ASP A 52 27.66 -21.70 20.18
CA ASP A 52 28.31 -22.95 19.75
C ASP A 52 27.98 -23.32 18.31
N ASN A 53 27.47 -22.36 17.55
CA ASN A 53 27.05 -22.54 16.14
C ASN A 53 25.87 -23.48 15.92
N SER A 54 25.13 -23.75 16.98
CA SER A 54 23.89 -24.50 16.89
C SER A 54 22.76 -23.53 16.58
N ILE A 55 21.65 -24.06 16.09
CA ILE A 55 20.51 -23.26 15.68
C ILE A 55 19.32 -23.58 16.56
N CYS A 56 18.64 -22.54 17.02
CA CYS A 56 17.33 -22.69 17.66
C CYS A 56 16.24 -22.10 16.76
N VAL A 57 15.19 -22.88 16.53
CA VAL A 57 14.00 -22.39 15.82
C VAL A 57 12.79 -22.60 16.74
N ALA A 58 12.16 -21.50 17.12
CA ALA A 58 11.07 -21.54 18.10
C ALA A 58 9.83 -20.82 17.60
N ASP A 59 8.68 -21.48 17.74
CA ASP A 59 7.40 -20.89 17.38
C ASP A 59 6.42 -20.84 18.56
N SER A 60 5.30 -20.16 18.37
CA SER A 60 4.23 -20.07 19.37
C SER A 60 3.00 -20.84 18.93
N GLY A 61 3.22 -22.01 18.32
CA GLY A 61 2.13 -22.85 17.83
C GLY A 61 1.52 -23.72 18.91
N ARG A 62 0.72 -24.70 18.50
CA ARG A 62 0.02 -25.61 19.41
C ARG A 62 0.98 -26.48 20.24
N GLY A 63 2.21 -26.63 19.76
CA GLY A 63 3.16 -27.56 20.37
C GLY A 63 3.03 -28.90 19.69
N MET A 64 4.16 -29.50 19.32
CA MET A 64 4.17 -30.84 18.74
C MET A 64 3.40 -31.83 19.62
N PRO A 65 2.54 -32.67 19.01
CA PRO A 65 1.75 -33.62 19.77
C PRO A 65 2.62 -34.51 20.63
N THR A 66 2.20 -34.74 21.87
CA THR A 66 3.00 -35.48 22.85
C THR A 66 2.47 -36.89 23.11
N GLY A 67 1.41 -37.25 22.40
CA GLY A 67 0.78 -38.55 22.59
C GLY A 67 1.47 -39.68 21.84
N MET A 68 0.95 -40.89 22.03
CA MET A 68 1.48 -42.08 21.40
C MET A 68 1.03 -42.16 19.95
N HIS A 69 1.95 -42.54 19.07
CA HIS A 69 1.66 -42.75 17.66
C HIS A 69 1.14 -44.14 17.51
N ALA A 70 0.38 -44.39 16.45
CA ALA A 70 -0.21 -45.70 16.18
C ALA A 70 0.84 -46.80 15.98
N SER A 71 2.07 -46.42 15.69
CA SER A 71 3.15 -47.38 15.51
C SER A 71 3.76 -47.84 16.85
N GLY A 72 3.41 -47.16 17.94
CA GLY A 72 3.84 -47.56 19.28
C GLY A 72 5.06 -46.85 19.85
N ILE A 73 5.41 -45.71 19.25
CA ILE A 73 6.38 -44.78 19.83
C ILE A 73 5.77 -43.37 19.78
N PRO A 74 6.19 -42.46 20.67
CA PRO A 74 5.57 -41.13 20.66
C PRO A 74 5.66 -40.40 19.32
N THR A 75 4.62 -39.62 19.00
CA THR A 75 4.54 -38.86 17.75
C THR A 75 5.75 -37.92 17.56
N VAL A 76 6.24 -37.36 18.66
CA VAL A 76 7.45 -36.55 18.65
C VAL A 76 8.59 -37.33 17.99
N GLU A 77 8.73 -38.58 18.43
CA GLU A 77 9.83 -39.44 18.00
C GLU A 77 9.67 -39.86 16.56
N VAL A 78 8.45 -40.20 16.15
CA VAL A 78 8.15 -40.55 14.76
C VAL A 78 8.55 -39.42 13.81
N ILE A 79 8.23 -38.19 14.20
CA ILE A 79 8.53 -37.02 13.38
C ILE A 79 10.05 -36.87 13.16
N PHE A 80 10.84 -37.15 14.20
CA PHE A 80 12.28 -36.92 14.16
C PHE A 80 13.14 -38.14 13.83
N THR A 81 12.53 -39.32 13.73
CA THR A 81 13.30 -40.54 13.50
C THR A 81 12.85 -41.33 12.28
N VAL A 82 11.68 -40.99 11.76
CA VAL A 82 11.12 -41.69 10.60
C VAL A 82 10.90 -40.69 9.47
N LEU A 83 11.07 -41.14 8.23
CA LEU A 83 10.98 -40.21 7.08
C LEU A 83 9.57 -39.62 6.79
N HIS A 84 8.53 -40.37 6.38
CA HIS A 84 8.53 -41.73 5.78
C HIS A 84 9.71 -42.63 6.05
N HIS A 101 2.94 -33.12 8.19
CA HIS A 101 3.17 -32.75 9.58
C HIS A 101 4.53 -32.12 9.72
N GLY A 102 5.57 -32.95 9.64
CA GLY A 102 6.94 -32.49 9.87
C GLY A 102 7.92 -32.99 8.83
N VAL A 103 7.72 -32.59 7.58
CA VAL A 103 8.65 -32.94 6.50
C VAL A 103 10.00 -32.24 6.72
N GLY A 104 11.07 -33.01 6.65
CA GLY A 104 12.42 -32.46 6.77
C GLY A 104 13.01 -32.52 8.17
N ALA A 105 12.15 -32.68 9.18
CA ALA A 105 12.57 -32.71 10.58
C ALA A 105 13.51 -33.87 10.89
N SER A 106 13.17 -35.06 10.39
CA SER A 106 14.02 -36.23 10.58
C SER A 106 15.33 -36.13 9.79
N VAL A 107 15.28 -35.46 8.64
CA VAL A 107 16.46 -35.21 7.81
C VAL A 107 17.46 -34.36 8.58
N VAL A 108 16.98 -33.29 9.21
CA VAL A 108 17.80 -32.43 10.05
C VAL A 108 18.34 -33.24 11.23
N ASN A 109 17.49 -34.04 11.84
CA ASN A 109 17.92 -34.89 12.95
C ASN A 109 19.03 -35.86 12.53
N ALA A 110 18.91 -36.42 11.33
CA ALA A 110 19.88 -37.38 10.82
C ALA A 110 21.25 -36.76 10.57
N LEU A 111 21.27 -35.47 10.25
CA LEU A 111 22.51 -34.76 9.89
C LEU A 111 23.00 -33.82 10.98
N SER A 112 22.53 -34.03 12.21
CA SER A 112 22.99 -33.25 13.35
C SER A 112 23.70 -34.12 14.38
N LYS A 113 24.71 -33.56 15.05
CA LYS A 113 25.43 -34.23 16.13
C LYS A 113 24.51 -34.46 17.31
N TRP A 114 23.69 -33.46 17.60
CA TRP A 114 22.60 -33.60 18.55
C TRP A 114 21.47 -32.72 18.14
N LEU A 115 20.29 -33.01 18.69
CA LEU A 115 19.10 -32.20 18.48
C LEU A 115 18.17 -32.39 19.67
N GLU A 116 17.60 -31.29 20.17
CA GLU A 116 16.46 -31.42 21.09
C GLU A 116 15.25 -30.56 20.77
N VAL A 117 14.09 -31.15 21.05
CA VAL A 117 12.81 -30.48 20.88
C VAL A 117 12.20 -30.19 22.25
N HIS A 118 11.86 -28.92 22.48
CA HIS A 118 11.12 -28.50 23.67
C HIS A 118 9.72 -28.15 23.29
N ILE A 119 8.75 -28.83 23.90
CA ILE A 119 7.33 -28.61 23.64
C ILE A 119 6.62 -28.10 24.89
N VAL A 120 5.87 -27.02 24.74
CA VAL A 120 4.95 -26.57 25.79
C VAL A 120 3.51 -26.74 25.31
N ARG A 121 2.78 -27.64 25.97
CA ARG A 121 1.37 -27.87 25.68
C ARG A 121 0.56 -27.83 26.95
N ASP A 122 -0.43 -26.93 26.99
CA ASP A 122 -1.44 -26.86 28.05
C ASP A 122 -0.86 -26.82 29.47
N GLY A 123 0.12 -25.96 29.68
CA GLY A 123 0.68 -25.73 31.02
C GLY A 123 1.74 -26.71 31.48
N VAL A 124 1.93 -27.77 30.70
CA VAL A 124 3.03 -28.72 30.96
C VAL A 124 4.08 -28.62 29.83
N GLU A 125 5.35 -28.71 30.21
CA GLU A 125 6.47 -28.64 29.27
C GLU A 125 7.09 -30.03 29.04
N TYR A 126 7.47 -30.28 27.79
CA TYR A 126 8.08 -31.56 27.39
C TYR A 126 9.44 -31.34 26.72
N MET A 127 10.21 -32.43 26.58
CA MET A 127 11.51 -32.39 25.91
C MET A 127 11.94 -33.78 25.47
N GLU A 128 12.68 -33.83 24.36
CA GLU A 128 13.40 -35.05 23.97
C GLU A 128 14.69 -34.72 23.22
N ARG A 129 15.76 -35.43 23.59
CA ARG A 129 17.08 -35.23 23.01
C ARG A 129 17.45 -36.38 22.06
N PHE A 130 18.11 -36.03 20.97
CA PHE A 130 18.65 -37.00 20.02
C PHE A 130 20.13 -36.71 19.83
N GLU A 131 20.90 -37.76 19.56
CA GLU A 131 22.32 -37.63 19.33
C GLU A 131 22.81 -38.50 18.19
N ASP A 132 24.02 -38.20 17.71
CA ASP A 132 24.74 -39.02 16.74
C ASP A 132 23.89 -39.41 15.55
N GLY A 133 23.23 -38.43 14.96
CA GLY A 133 22.47 -38.65 13.74
C GLY A 133 21.09 -39.21 13.96
N GLY A 134 20.49 -38.93 15.11
CA GLY A 134 19.07 -39.23 15.34
C GLY A 134 18.71 -40.31 16.35
N LYS A 135 19.69 -40.83 17.07
CA LYS A 135 19.44 -41.81 18.13
C LYS A 135 18.84 -41.11 19.34
N PRO A 136 17.66 -41.57 19.78
CA PRO A 136 17.06 -40.97 20.97
C PRO A 136 17.91 -41.24 22.20
N VAL A 137 18.10 -40.19 23.00
CA VAL A 137 18.74 -40.27 24.30
C VAL A 137 17.60 -40.39 25.31
N GLY A 138 17.45 -41.58 25.88
CA GLY A 138 16.26 -41.89 26.69
C GLY A 138 15.03 -41.85 25.82
N THR A 139 13.98 -41.22 26.34
CA THR A 139 12.73 -41.07 25.61
C THR A 139 12.10 -39.70 25.84
N LEU A 140 10.96 -39.44 25.20
CA LEU A 140 10.20 -38.21 25.44
C LEU A 140 9.85 -38.08 26.93
N LYS A 141 10.13 -36.91 27.50
CA LYS A 141 9.91 -36.67 28.92
C LYS A 141 9.03 -35.46 29.17
N LYS A 142 8.11 -35.61 30.11
CA LYS A 142 7.42 -34.49 30.73
C LYS A 142 8.39 -33.90 31.74
N ILE A 143 8.67 -32.61 31.62
CA ILE A 143 9.59 -31.93 32.54
C ILE A 143 8.87 -31.48 33.82
N GLY A 144 7.74 -30.81 33.63
CA GLY A 144 6.98 -30.23 34.74
C GLY A 144 6.29 -28.94 34.33
N LYS A 145 5.20 -28.62 35.03
CA LYS A 145 4.33 -27.49 34.69
C LYS A 145 5.06 -26.15 34.58
N THR A 146 4.69 -25.38 33.57
CA THR A 146 5.22 -24.02 33.37
C THR A 146 4.10 -23.03 33.07
N LYS A 147 4.39 -21.75 33.26
CA LYS A 147 3.49 -20.66 32.91
C LYS A 147 3.65 -20.27 31.43
N LYS A 148 4.65 -20.85 30.77
CA LYS A 148 4.98 -20.54 29.37
C LYS A 148 3.82 -20.75 28.39
N ARG A 149 3.83 -19.97 27.31
CA ARG A 149 2.87 -20.09 26.22
C ARG A 149 3.13 -21.36 25.41
N ASN A 150 2.07 -21.89 24.78
CA ASN A 150 2.20 -23.04 23.90
C ASN A 150 3.23 -22.80 22.79
N GLY A 151 4.04 -23.81 22.51
CA GLY A 151 5.05 -23.70 21.45
C GLY A 151 6.06 -24.82 21.35
N THR A 152 6.66 -24.93 20.18
CA THR A 152 7.72 -25.90 19.90
C THR A 152 9.02 -25.15 19.60
N SER A 153 10.10 -25.62 20.20
CA SER A 153 11.44 -25.05 20.01
C SER A 153 12.42 -26.16 19.65
N VAL A 154 13.11 -26.01 18.52
CA VAL A 154 14.05 -27.03 18.03
C VAL A 154 15.47 -26.47 17.97
N THR A 155 16.37 -27.10 18.72
CA THR A 155 17.78 -26.75 18.67
C THR A 155 18.56 -27.94 18.12
N PHE A 156 19.55 -27.64 17.28
CA PHE A 156 20.37 -28.67 16.68
C PHE A 156 21.73 -28.12 16.28
N LEU A 157 22.76 -28.95 16.42
CA LEU A 157 24.09 -28.65 15.93
C LEU A 157 24.39 -29.55 14.73
N PRO A 158 24.49 -28.96 13.52
CA PRO A 158 24.78 -29.74 12.31
C PRO A 158 26.04 -30.59 12.46
N ASP A 159 26.09 -31.71 11.74
CA ASP A 159 27.20 -32.66 11.85
C ASP A 159 28.41 -32.22 11.02
N ASP A 160 29.50 -31.87 11.69
CA ASP A 160 30.69 -31.36 11.01
C ASP A 160 31.49 -32.43 10.23
N THR A 161 31.22 -33.70 10.50
CA THR A 161 31.83 -34.80 9.74
C THR A 161 31.06 -35.02 8.45
N ILE A 162 29.93 -34.31 8.29
CA ILE A 162 29.08 -34.39 7.10
C ILE A 162 29.24 -33.13 6.25
N PHE A 163 29.19 -31.96 6.89
CA PHE A 163 29.21 -30.68 6.17
C PHE A 163 30.62 -30.13 5.96
N SER A 164 30.87 -29.63 4.75
CA SER A 164 32.15 -29.01 4.39
C SER A 164 32.44 -27.83 5.29
N THR A 165 31.38 -27.10 5.66
CA THR A 165 31.45 -25.98 6.56
C THR A 165 30.25 -25.99 7.52
N THR A 166 30.50 -25.69 8.78
CA THR A 166 29.42 -25.57 9.77
C THR A 166 29.30 -24.12 10.26
N ASN A 167 29.65 -23.18 9.39
CA ASN A 167 29.70 -21.78 9.74
C ASN A 167 28.56 -20.96 9.11
N PHE A 168 27.49 -20.75 9.87
CA PHE A 168 26.29 -20.06 9.36
C PHE A 168 26.54 -18.60 9.00
N SER A 169 26.10 -18.23 7.80
CA SER A 169 26.07 -16.85 7.34
C SER A 169 24.80 -16.15 7.81
N TYR A 170 24.98 -15.08 8.58
CA TYR A 170 23.88 -14.28 9.10
C TYR A 170 23.12 -13.56 7.97
N GLU A 171 23.86 -13.06 6.99
CA GLU A 171 23.27 -12.36 5.85
C GLU A 171 22.37 -13.27 5.02
N ILE A 172 22.84 -14.48 4.76
CA ILE A 172 22.09 -15.46 3.97
C ILE A 172 20.79 -15.85 4.69
N LEU A 173 20.88 -16.06 6.00
CA LEU A 173 19.71 -16.41 6.80
C LEU A 173 18.70 -15.27 6.83
N ALA A 174 19.18 -14.04 7.02
CA ALA A 174 18.30 -12.87 7.08
C ALA A 174 17.51 -12.68 5.79
N GLU A 175 18.19 -12.81 4.66
CA GLU A 175 17.57 -12.65 3.34
C GLU A 175 16.46 -13.69 3.12
N ARG A 176 16.70 -14.92 3.55
CA ARG A 176 15.77 -16.02 3.31
C ARG A 176 14.62 -16.06 4.32
N LEU A 177 14.86 -15.56 5.52
CA LEU A 177 13.80 -15.49 6.53
C LEU A 177 12.83 -14.35 6.22
N ARG A 178 13.36 -13.23 5.74
CA ARG A 178 12.53 -12.15 5.21
C ARG A 178 11.57 -12.68 4.13
N GLU A 179 12.09 -13.56 3.28
CA GLU A 179 11.28 -14.19 2.24
C GLU A 179 10.16 -15.05 2.81
N SER A 180 10.48 -15.79 3.86
CA SER A 180 9.51 -16.59 4.59
C SER A 180 8.46 -15.72 5.28
N ALA A 181 8.85 -14.52 5.69
CA ALA A 181 7.92 -13.57 6.31
C ALA A 181 6.96 -13.00 5.27
N PHE A 182 7.43 -12.84 4.03
CA PHE A 182 6.59 -12.39 2.92
C PHE A 182 5.33 -13.25 2.78
N LEU A 183 5.45 -14.52 3.15
CA LEU A 183 4.35 -15.48 3.13
C LEU A 183 3.26 -15.20 4.16
N LEU A 184 3.61 -14.44 5.20
CA LEU A 184 2.83 -14.41 6.43
C LEU A 184 2.18 -13.06 6.79
N LYS A 185 0.99 -13.13 7.38
CA LYS A 185 0.31 -11.94 7.89
C LYS A 185 0.19 -12.00 9.41
N GLY A 186 0.64 -10.95 10.08
CA GLY A 186 0.53 -10.84 11.53
C GLY A 186 1.39 -11.79 12.34
N VAL A 187 2.44 -12.34 11.71
CA VAL A 187 3.41 -13.19 12.39
C VAL A 187 4.81 -12.66 12.14
N LYS A 188 5.60 -12.57 13.20
CA LYS A 188 6.86 -11.87 13.18
C LYS A 188 8.06 -12.84 13.22
N ILE A 189 8.96 -12.70 12.25
CA ILE A 189 10.14 -13.58 12.18
C ILE A 189 11.43 -12.82 12.51
N THR A 190 12.06 -13.22 13.61
CA THR A 190 13.29 -12.63 14.09
C THR A 190 14.47 -13.58 13.88
N LEU A 191 15.62 -12.99 13.56
CA LEU A 191 16.88 -13.73 13.48
C LEU A 191 17.80 -13.12 14.53
N THR A 192 18.38 -13.94 15.40
CA THR A 192 19.34 -13.45 16.38
C THR A 192 20.70 -14.16 16.26
N ASP A 193 21.77 -13.37 16.26
CA ASP A 193 23.13 -13.89 16.25
C ASP A 193 23.81 -13.56 17.58
N GLU A 194 24.27 -14.58 18.29
CA GLU A 194 24.86 -14.42 19.61
C GLU A 194 26.31 -14.90 19.66
N ARG A 195 27.04 -14.71 18.57
CA ARG A 195 28.30 -15.45 18.35
C ARG A 195 29.66 -14.84 18.77
N GLY A 196 29.86 -13.52 18.74
CA GLY A 196 28.82 -12.52 18.69
C GLY A 196 28.78 -11.95 20.09
N GLU A 197 29.65 -10.97 20.35
CA GLU A 197 29.78 -10.37 21.68
C GLU A 197 28.54 -9.59 22.13
N GLU A 198 27.77 -9.09 21.16
CA GLU A 198 26.49 -8.44 21.43
C GLU A 198 25.39 -8.96 20.50
N PRO A 199 24.20 -9.25 21.05
CA PRO A 199 23.07 -9.80 20.30
C PRO A 199 22.66 -8.96 19.09
N LYS A 200 23.16 -9.34 17.91
CA LYS A 200 22.78 -8.71 16.65
C LYS A 200 21.53 -9.39 16.11
N GLU A 201 20.54 -8.59 15.68
CA GLU A 201 19.28 -9.16 15.19
C GLU A 201 18.48 -8.34 14.16
N GLU A 202 17.71 -9.06 13.35
CA GLU A 202 16.82 -8.50 12.34
C GLU A 202 15.40 -9.00 12.58
N VAL A 203 14.41 -8.15 12.29
CA VAL A 203 13.01 -8.48 12.49
C VAL A 203 12.22 -8.18 11.24
N PHE A 204 11.34 -9.10 10.84
CA PHE A 204 10.47 -8.93 9.68
C PHE A 204 9.03 -9.28 10.04
N HIS A 205 8.12 -8.33 9.80
CA HIS A 205 6.69 -8.54 10.05
C HIS A 205 5.82 -7.78 9.09
N TYR A 206 4.69 -8.40 8.72
CA TYR A 206 3.68 -7.86 7.83
C TYR A 206 2.37 -8.52 8.27
N GLU A 207 1.21 -7.84 8.23
CA GLU A 207 0.97 -6.43 7.93
C GLU A 207 -0.54 -6.35 7.84
N GLU A 208 -1.10 -6.99 6.81
CA GLU A 208 -2.53 -6.99 6.54
C GLU A 208 -3.23 -8.08 7.34
N GLY B 2 27.35 42.16 6.74
CA GLY B 2 26.46 40.97 6.94
C GLY B 2 26.98 39.75 6.22
N LEU B 3 26.65 38.57 6.76
CA LEU B 3 27.08 37.30 6.16
C LEU B 3 26.34 36.98 4.86
N GLU B 4 25.16 37.58 4.69
CA GLU B 4 24.37 37.37 3.47
C GLU B 4 25.05 37.96 2.23
N ALA B 5 25.90 38.97 2.45
CA ALA B 5 26.72 39.53 1.38
C ALA B 5 27.69 38.47 0.87
N VAL B 6 28.29 37.72 1.81
CA VAL B 6 29.17 36.60 1.49
C VAL B 6 28.40 35.51 0.75
N ARG B 7 27.19 35.22 1.21
CA ARG B 7 26.36 34.17 0.58
C ARG B 7 25.86 34.56 -0.82
N LYS B 8 25.67 35.86 -1.05
CA LYS B 8 25.15 36.31 -2.35
C LYS B 8 26.23 36.41 -3.43
N ARG B 9 27.39 36.94 -3.06
CA ARG B 9 28.55 36.95 -3.96
C ARG B 9 29.82 36.40 -3.30
N PRO B 10 29.88 35.07 -3.11
CA PRO B 10 31.03 34.45 -2.43
C PRO B 10 32.34 34.57 -3.23
N GLY B 11 32.23 34.66 -4.55
CA GLY B 11 33.39 34.87 -5.42
C GLY B 11 34.28 36.02 -4.97
N MET B 12 33.66 37.03 -4.37
CA MET B 12 34.37 38.21 -3.86
C MET B 12 35.00 38.00 -2.47
N TYR B 13 35.01 36.75 -2.01
CA TYR B 13 35.53 36.44 -0.67
C TYR B 13 36.45 35.21 -0.68
N ILE B 14 36.17 34.26 -1.57
CA ILE B 14 36.97 33.04 -1.68
C ILE B 14 37.40 32.71 -3.11
N GLY B 15 37.22 33.66 -4.02
CA GLY B 15 37.71 33.51 -5.40
C GLY B 15 36.74 32.86 -6.37
N SER B 16 36.14 31.76 -5.92
CA SER B 16 35.16 31.00 -6.71
C SER B 16 34.42 30.00 -5.81
N THR B 17 33.48 29.25 -6.38
CA THR B 17 32.73 28.25 -5.61
C THR B 17 32.78 26.86 -6.23
N ASP B 18 33.86 26.60 -6.95
CA ASP B 18 34.17 25.27 -7.49
C ASP B 18 35.10 24.54 -6.51
N SER B 19 35.82 23.54 -6.99
CA SER B 19 36.73 22.77 -6.15
C SER B 19 37.75 23.67 -5.43
N ARG B 20 38.31 24.62 -6.17
CA ARG B 20 39.27 25.57 -5.63
C ARG B 20 38.67 26.33 -4.45
N GLY B 21 37.41 26.75 -4.59
CA GLY B 21 36.70 27.49 -3.54
C GLY B 21 36.36 26.64 -2.34
N LEU B 22 36.02 25.38 -2.58
CA LEU B 22 35.69 24.43 -1.53
C LEU B 22 36.85 24.17 -0.59
N HIS B 23 38.03 23.89 -1.16
CA HIS B 23 39.23 23.62 -0.38
C HIS B 23 39.75 24.84 0.31
N HIS B 24 39.47 26.01 -0.27
CA HIS B 24 39.86 27.28 0.33
C HIS B 24 39.27 27.51 1.71
N LEU B 25 38.09 26.96 1.97
CA LEU B 25 37.46 27.01 3.29
C LEU B 25 38.32 26.35 4.35
N VAL B 26 38.95 25.24 3.98
CA VAL B 26 39.84 24.50 4.88
C VAL B 26 41.09 25.32 5.15
N TYR B 27 41.67 25.89 4.10
CA TYR B 27 42.92 26.64 4.22
C TYR B 27 42.77 27.86 5.11
N GLU B 28 41.59 28.49 5.07
CA GLU B 28 41.34 29.67 5.90
C GLU B 28 41.32 29.35 7.39
N ILE B 29 40.76 28.19 7.74
CA ILE B 29 40.75 27.75 9.14
C ILE B 29 42.13 27.26 9.55
N VAL B 30 42.78 26.50 8.67
CA VAL B 30 44.15 26.04 8.89
C VAL B 30 45.08 27.25 9.12
N ASP B 31 45.01 28.24 8.23
CA ASP B 31 45.82 29.46 8.38
C ASP B 31 45.65 30.13 9.74
N ASN B 32 44.44 30.07 10.30
CA ASN B 32 44.19 30.58 11.65
C ASN B 32 44.95 29.81 12.72
N ALA B 33 45.14 28.51 12.49
CA ALA B 33 45.88 27.66 13.43
C ALA B 33 47.39 27.90 13.34
N VAL B 34 47.91 28.05 12.12
CA VAL B 34 49.33 28.37 11.93
C VAL B 34 49.66 29.77 12.44
N ASP B 35 48.74 30.72 12.22
CA ASP B 35 48.82 32.05 12.83
C ASP B 35 49.07 31.91 14.33
N GLU B 36 48.26 31.09 14.98
CA GLU B 36 48.41 30.79 16.40
C GLU B 36 49.69 30.02 16.70
N ALA B 37 50.14 29.17 15.78
CA ALA B 37 51.34 28.35 15.99
C ALA B 37 52.63 29.14 15.84
N LEU B 38 52.68 30.04 14.86
CA LEU B 38 53.84 30.91 14.65
C LEU B 38 53.93 32.04 15.68
N SER B 39 52.83 32.29 16.38
CA SER B 39 52.83 33.12 17.59
C SER B 39 52.96 32.16 18.78
N GLY B 40 52.94 30.87 18.46
CA GLY B 40 52.51 29.81 19.36
C GLY B 40 53.24 29.53 20.65
N TYR B 41 52.62 28.77 21.56
CA TYR B 41 51.22 28.25 21.48
C TYR B 41 50.88 27.30 20.30
N GLY B 42 51.14 26.02 20.48
CA GLY B 42 50.70 24.99 19.54
C GLY B 42 51.81 24.27 18.80
N ASN B 43 51.85 22.95 18.96
CA ASN B 43 52.88 22.12 18.31
C ASN B 43 52.34 21.12 17.30
N GLU B 44 51.02 21.04 17.18
CA GLU B 44 50.38 20.20 16.15
C GLU B 44 49.09 20.81 15.60
N ILE B 45 48.87 20.59 14.31
CA ILE B 45 47.64 21.00 13.62
C ILE B 45 47.05 19.77 12.93
N ASN B 46 45.85 19.39 13.36
CA ASN B 46 45.18 18.19 12.87
C ASN B 46 43.99 18.49 11.95
N VAL B 47 44.10 18.09 10.69
CA VAL B 47 43.00 18.24 9.74
C VAL B 47 42.35 16.88 9.50
N THR B 48 41.02 16.85 9.49
CA THR B 48 40.28 15.59 9.34
C THR B 48 39.08 15.75 8.42
N ILE B 49 39.07 14.97 7.34
CA ILE B 49 37.88 14.81 6.51
C ILE B 49 37.02 13.74 7.17
N GLN B 50 35.94 14.16 7.80
CA GLN B 50 35.11 13.27 8.58
C GLN B 50 34.13 12.48 7.72
N LYS B 51 33.47 11.51 8.34
CA LYS B 51 32.61 10.53 7.65
C LYS B 51 31.36 11.13 7.02
N ASP B 52 30.90 12.27 7.54
CA ASP B 52 29.74 12.98 6.98
C ASP B 52 30.15 14.05 5.96
N ASN B 53 31.40 13.97 5.50
CA ASN B 53 31.97 14.91 4.51
C ASN B 53 32.31 16.30 5.07
N SER B 54 32.31 16.42 6.38
CA SER B 54 32.69 17.66 7.04
C SER B 54 34.19 17.68 7.30
N ILE B 55 34.71 18.87 7.64
CA ILE B 55 36.12 19.05 7.94
C ILE B 55 36.29 19.43 9.40
N CYS B 56 37.25 18.81 10.07
CA CYS B 56 37.68 19.24 11.41
C CYS B 56 39.12 19.74 11.34
N VAL B 57 39.35 20.92 11.92
CA VAL B 57 40.69 21.48 12.07
C VAL B 57 40.89 21.76 13.55
N ALA B 58 41.88 21.11 14.14
CA ALA B 58 42.14 21.20 15.57
C ALA B 58 43.59 21.55 15.84
N ASP B 59 43.81 22.53 16.71
CA ASP B 59 45.17 22.93 17.11
C ASP B 59 45.38 22.82 18.62
N SER B 60 46.63 23.01 19.05
CA SER B 60 46.99 23.02 20.47
C SER B 60 47.39 24.42 20.97
N GLY B 61 46.64 25.43 20.55
CA GLY B 61 46.91 26.82 20.95
C GLY B 61 46.21 27.22 22.23
N ARG B 62 46.18 28.52 22.52
CA ARG B 62 45.56 29.06 23.73
C ARG B 62 44.07 28.78 23.84
N GLY B 63 43.39 28.73 22.69
CA GLY B 63 41.94 28.59 22.63
C GLY B 63 41.30 29.95 22.40
N MET B 64 40.28 29.98 21.55
CA MET B 64 39.53 31.22 21.29
C MET B 64 39.04 31.85 22.58
N PRO B 65 39.17 33.18 22.71
CA PRO B 65 38.68 33.87 23.89
C PRO B 65 37.19 33.62 24.12
N THR B 66 36.84 33.20 25.33
CA THR B 66 35.45 32.91 25.70
C THR B 66 34.82 34.04 26.52
N GLY B 67 35.52 35.16 26.61
CA GLY B 67 35.01 36.34 27.28
C GLY B 67 34.14 37.19 26.37
N MET B 68 33.51 38.20 26.97
CA MET B 68 32.58 39.08 26.28
C MET B 68 33.33 40.13 25.48
N HIS B 69 32.86 40.39 24.26
CA HIS B 69 33.44 41.40 23.39
C HIS B 69 32.77 42.71 23.66
N ALA B 70 33.50 43.80 23.42
CA ALA B 70 33.01 45.16 23.69
C ALA B 70 31.65 45.47 23.09
N SER B 71 31.30 44.79 21.99
CA SER B 71 30.02 45.02 21.32
C SER B 71 28.80 44.35 21.99
N GLY B 72 29.05 43.55 23.03
CA GLY B 72 27.96 42.95 23.81
C GLY B 72 27.53 41.55 23.38
N ILE B 73 28.43 40.84 22.71
CA ILE B 73 28.28 39.42 22.40
C ILE B 73 29.65 38.77 22.61
N PRO B 74 29.71 37.46 22.90
CA PRO B 74 31.01 36.83 23.17
C PRO B 74 31.96 36.92 21.98
N THR B 75 33.26 37.03 22.28
CA THR B 75 34.30 37.14 21.26
C THR B 75 34.25 36.02 20.23
N VAL B 76 33.85 34.82 20.69
CA VAL B 76 33.65 33.65 19.84
C VAL B 76 32.63 33.96 18.74
N GLU B 77 31.55 34.64 19.11
CA GLU B 77 30.47 34.94 18.19
C GLU B 77 30.90 36.02 17.19
N VAL B 78 31.69 36.98 17.68
CA VAL B 78 32.21 38.07 16.85
C VAL B 78 33.08 37.53 15.72
N ILE B 79 34.03 36.66 16.08
CA ILE B 79 34.94 36.05 15.11
C ILE B 79 34.19 35.25 14.03
N PHE B 80 33.09 34.59 14.42
CA PHE B 80 32.34 33.78 13.46
C PHE B 80 31.14 34.44 12.77
N THR B 81 30.66 35.58 13.27
CA THR B 81 29.50 36.26 12.65
C THR B 81 29.76 37.66 12.10
N VAL B 82 30.89 38.26 12.47
CA VAL B 82 31.25 39.61 11.99
C VAL B 82 32.49 39.52 11.11
N LEU B 83 32.52 40.30 10.03
CA LEU B 83 33.66 40.25 9.09
C LEU B 83 34.95 40.95 9.56
N HIS B 84 35.04 42.28 9.72
CA HIS B 84 34.09 43.36 9.34
C HIS B 84 32.67 43.01 9.01
N HIS B 101 43.70 38.42 12.67
CA HIS B 101 42.98 38.06 13.88
C HIS B 101 41.65 37.42 13.56
N GLY B 102 41.69 36.11 13.33
CA GLY B 102 40.49 35.32 12.99
C GLY B 102 39.91 35.61 11.61
N VAL B 103 40.76 36.11 10.71
CA VAL B 103 40.35 36.48 9.36
C VAL B 103 39.92 35.25 8.58
N GLY B 104 38.70 35.29 8.06
CA GLY B 104 38.16 34.22 7.24
C GLY B 104 37.20 33.30 7.96
N ALA B 105 37.32 33.23 9.28
CA ALA B 105 36.46 32.38 10.10
C ALA B 105 34.97 32.58 9.79
N SER B 106 34.53 33.84 9.81
CA SER B 106 33.15 34.19 9.51
C SER B 106 32.75 33.93 8.05
N VAL B 107 33.70 34.03 7.12
CA VAL B 107 33.44 33.72 5.71
C VAL B 107 33.09 32.23 5.56
N VAL B 108 33.91 31.38 6.19
CA VAL B 108 33.69 29.93 6.22
C VAL B 108 32.33 29.62 6.84
N ASN B 109 32.05 30.24 7.99
CA ASN B 109 30.76 30.09 8.67
C ASN B 109 29.58 30.48 7.78
N ALA B 110 29.73 31.58 7.05
CA ALA B 110 28.70 32.08 6.13
C ALA B 110 28.39 31.08 5.01
N LEU B 111 29.40 30.31 4.61
CA LEU B 111 29.27 29.38 3.50
C LEU B 111 29.16 27.92 3.98
N SER B 112 28.75 27.75 5.23
CA SER B 112 28.57 26.42 5.82
C SER B 112 27.11 26.11 6.13
N LYS B 113 26.74 24.83 6.01
CA LYS B 113 25.42 24.34 6.42
C LYS B 113 25.35 24.35 7.96
N TRP B 114 26.45 23.94 8.58
CA TRP B 114 26.68 24.11 10.01
C TRP B 114 28.13 24.26 10.30
N LEU B 115 28.43 24.99 11.38
CA LEU B 115 29.77 25.09 11.90
C LEU B 115 29.75 24.93 13.42
N GLU B 116 30.71 24.18 13.95
CA GLU B 116 30.87 24.02 15.39
C GLU B 116 32.29 24.37 15.80
N VAL B 117 32.41 25.13 16.88
CA VAL B 117 33.71 25.44 17.47
C VAL B 117 33.83 24.81 18.87
N HIS B 118 34.97 24.21 19.15
CA HIS B 118 35.23 23.62 20.47
C HIS B 118 36.49 24.20 21.04
N ILE B 119 36.39 24.72 22.26
CA ILE B 119 37.51 25.40 22.91
C ILE B 119 37.86 24.75 24.25
N VAL B 120 39.15 24.61 24.53
CA VAL B 120 39.63 24.20 25.85
C VAL B 120 40.55 25.29 26.40
N ARG B 121 40.14 25.89 27.52
CA ARG B 121 40.94 26.91 28.21
C ARG B 121 41.14 26.57 29.67
N ASP B 122 42.35 26.12 30.01
CA ASP B 122 42.74 25.81 31.39
C ASP B 122 41.76 24.88 32.13
N GLY B 123 41.53 23.71 31.54
CA GLY B 123 40.73 22.67 32.17
C GLY B 123 39.22 22.73 32.02
N VAL B 124 38.73 23.60 31.14
CA VAL B 124 37.28 23.70 30.89
C VAL B 124 36.94 23.80 29.40
N GLU B 125 36.10 22.87 28.94
CA GLU B 125 35.65 22.80 27.55
C GLU B 125 34.51 23.79 27.29
N TYR B 126 34.61 24.51 26.18
CA TYR B 126 33.57 25.42 25.73
C TYR B 126 33.14 25.04 24.31
N MET B 127 31.94 25.46 23.94
CA MET B 127 31.34 25.05 22.68
C MET B 127 30.27 26.03 22.20
N GLU B 128 30.22 26.26 20.89
CA GLU B 128 29.09 26.94 20.25
C GLU B 128 28.86 26.41 18.84
N ARG B 129 27.59 26.29 18.47
CA ARG B 129 27.19 25.79 17.16
C ARG B 129 26.50 26.87 16.34
N PHE B 130 26.78 26.87 15.03
CA PHE B 130 26.17 27.79 14.08
C PHE B 130 25.55 26.98 12.95
N GLU B 131 24.44 27.46 12.41
CA GLU B 131 23.74 26.78 11.31
C GLU B 131 23.25 27.74 10.22
N ASP B 132 22.91 27.17 9.05
CA ASP B 132 22.31 27.90 7.92
C ASP B 132 23.05 29.18 7.55
N GLY B 133 24.35 29.05 7.29
CA GLY B 133 25.16 30.20 6.92
C GLY B 133 25.48 31.14 8.07
N GLY B 134 25.69 30.57 9.26
CA GLY B 134 26.26 31.33 10.38
C GLY B 134 25.33 31.82 11.47
N LYS B 135 24.08 31.38 11.45
CA LYS B 135 23.12 31.75 12.49
C LYS B 135 23.34 30.92 13.75
N PRO B 136 23.60 31.57 14.89
CA PRO B 136 23.93 30.89 16.14
C PRO B 136 22.77 30.05 16.67
N VAL B 137 23.08 28.88 17.20
CA VAL B 137 22.10 27.99 17.81
C VAL B 137 22.26 28.08 19.32
N GLY B 138 21.34 28.80 19.96
CA GLY B 138 21.49 29.14 21.37
C GLY B 138 22.60 30.14 21.52
N THR B 139 23.57 29.84 22.39
CA THR B 139 24.71 30.71 22.62
C THR B 139 25.95 29.92 23.07
N LEU B 140 27.09 30.59 23.20
CA LEU B 140 28.32 29.97 23.67
C LEU B 140 28.07 29.25 25.00
N LYS B 141 28.42 27.96 25.04
CA LYS B 141 28.17 27.14 26.22
C LYS B 141 29.43 26.64 26.92
N LYS B 142 29.38 26.67 28.25
CA LYS B 142 30.40 26.07 29.11
C LYS B 142 29.99 24.62 29.36
N ILE B 143 30.73 23.69 28.76
CA ILE B 143 30.39 22.27 28.83
C ILE B 143 30.68 21.70 30.22
N GLY B 144 31.89 21.93 30.71
CA GLY B 144 32.34 21.40 31.99
C GLY B 144 33.84 21.21 32.03
N LYS B 145 34.33 20.57 33.09
CA LYS B 145 35.76 20.34 33.28
C LYS B 145 36.29 19.25 32.34
N THR B 146 37.51 19.45 31.85
CA THR B 146 38.22 18.44 31.06
C THR B 146 39.69 18.37 31.44
N LYS B 147 40.30 17.22 31.17
CA LYS B 147 41.71 16.98 31.45
C LYS B 147 42.53 17.05 30.16
N LYS B 148 42.09 17.89 29.24
CA LYS B 148 42.73 18.00 27.92
C LYS B 148 43.59 19.26 27.80
N ARG B 149 44.60 19.17 26.93
CA ARG B 149 45.43 20.31 26.54
C ARG B 149 44.57 21.43 25.96
N ASN B 150 44.99 22.67 26.20
CA ASN B 150 44.38 23.83 25.56
C ASN B 150 44.37 23.69 24.03
N GLY B 151 43.35 24.25 23.40
CA GLY B 151 43.26 24.22 21.94
C GLY B 151 41.88 24.54 21.39
N THR B 152 41.86 24.92 20.12
CA THR B 152 40.62 25.21 19.39
C THR B 152 40.38 24.17 18.31
N SER B 153 39.14 23.70 18.23
CA SER B 153 38.72 22.76 17.21
C SER B 153 37.56 23.36 16.41
N VAL B 154 37.74 23.48 15.10
CA VAL B 154 36.71 24.03 14.21
C VAL B 154 36.19 22.97 13.22
N THR B 155 34.90 22.66 13.34
CA THR B 155 34.25 21.66 12.49
C THR B 155 33.10 22.28 11.68
N PHE B 156 33.14 22.09 10.37
CA PHE B 156 32.12 22.67 9.50
C PHE B 156 31.75 21.75 8.33
N LEU B 157 30.50 21.87 7.88
CA LEU B 157 30.05 21.23 6.65
C LEU B 157 29.67 22.33 5.66
N PRO B 158 30.35 22.40 4.51
CA PRO B 158 30.05 23.37 3.45
C PRO B 158 28.62 23.29 2.94
N ASP B 159 28.10 24.42 2.48
CA ASP B 159 26.72 24.52 2.00
C ASP B 159 26.63 24.11 0.53
N ASP B 160 25.89 23.04 0.26
CA ASP B 160 25.75 22.52 -1.10
C ASP B 160 24.83 23.35 -2.00
N THR B 161 24.16 24.34 -1.41
CA THR B 161 23.37 25.30 -2.18
C THR B 161 24.23 26.50 -2.58
N ILE B 162 25.53 26.43 -2.29
CA ILE B 162 26.49 27.48 -2.64
C ILE B 162 27.57 26.93 -3.56
N PHE B 163 28.13 25.78 -3.20
CA PHE B 163 29.24 25.19 -3.92
C PHE B 163 28.81 24.20 -4.99
N SER B 164 29.52 24.23 -6.12
CA SER B 164 29.31 23.29 -7.21
C SER B 164 29.57 21.86 -6.75
N THR B 165 30.67 21.68 -6.04
CA THR B 165 31.05 20.38 -5.49
C THR B 165 31.33 20.50 -3.99
N THR B 166 30.92 19.48 -3.24
CA THR B 166 31.19 19.42 -1.80
C THR B 166 32.09 18.22 -1.47
N ASN B 167 32.81 17.74 -2.48
CA ASN B 167 33.63 16.54 -2.37
C ASN B 167 35.11 16.87 -2.18
N PHE B 168 35.57 16.80 -0.94
CA PHE B 168 36.97 17.12 -0.62
C PHE B 168 37.93 16.09 -1.21
N SER B 169 38.97 16.61 -1.87
CA SER B 169 40.03 15.80 -2.44
C SER B 169 41.15 15.64 -1.42
N TYR B 170 41.42 14.39 -1.06
CA TYR B 170 42.48 14.04 -0.12
C TYR B 170 43.86 14.42 -0.67
N GLU B 171 44.06 14.19 -1.97
CA GLU B 171 45.33 14.50 -2.63
C GLU B 171 45.60 16.01 -2.65
N ILE B 172 44.63 16.80 -3.11
CA ILE B 172 44.76 18.25 -3.17
C ILE B 172 45.08 18.84 -1.78
N LEU B 173 44.30 18.45 -0.77
CA LEU B 173 44.52 18.88 0.60
C LEU B 173 45.92 18.52 1.11
N ALA B 174 46.36 17.30 0.82
CA ALA B 174 47.68 16.82 1.19
C ALA B 174 48.80 17.67 0.57
N GLU B 175 48.59 18.10 -0.67
CA GLU B 175 49.56 18.95 -1.37
C GLU B 175 49.73 20.31 -0.71
N ARG B 176 48.62 20.96 -0.37
CA ARG B 176 48.67 22.30 0.22
C ARG B 176 49.09 22.28 1.69
N LEU B 177 48.60 21.31 2.45
CA LEU B 177 48.97 21.17 3.86
C LEU B 177 50.44 20.83 4.05
N ARG B 178 51.05 20.22 3.03
CA ARG B 178 52.49 19.99 3.02
C ARG B 178 53.21 21.34 2.94
N GLU B 179 52.70 22.21 2.05
CA GLU B 179 53.26 23.55 1.83
C GLU B 179 53.14 24.46 3.05
N SER B 180 52.13 24.22 3.88
CA SER B 180 51.98 24.94 5.14
C SER B 180 53.01 24.47 6.15
N ALA B 181 53.31 23.17 6.12
CA ALA B 181 54.28 22.57 7.02
C ALA B 181 55.70 23.04 6.73
N PHE B 182 55.96 23.39 5.46
CA PHE B 182 57.24 23.95 5.05
C PHE B 182 57.57 25.22 5.85
N LEU B 183 56.55 26.06 6.01
CA LEU B 183 56.62 27.33 6.73
C LEU B 183 56.89 27.12 8.22
N LEU B 184 56.56 25.93 8.70
CA LEU B 184 56.59 25.65 10.12
C LEU B 184 57.80 24.81 10.54
N LYS B 185 58.35 25.14 11.69
CA LYS B 185 59.42 24.35 12.30
C LYS B 185 58.97 23.87 13.67
N GLY B 186 59.02 22.55 13.87
CA GLY B 186 58.66 21.96 15.15
C GLY B 186 57.17 21.94 15.40
N VAL B 187 56.39 21.94 14.33
CA VAL B 187 54.95 21.77 14.41
C VAL B 187 54.45 20.85 13.30
N LYS B 188 53.74 19.79 13.71
CA LYS B 188 53.35 18.68 12.85
C LYS B 188 51.92 18.86 12.32
N ILE B 189 51.76 18.81 11.00
CA ILE B 189 50.44 18.89 10.37
C ILE B 189 49.99 17.54 9.85
N THR B 190 48.84 17.06 10.34
CA THR B 190 48.29 15.78 9.93
C THR B 190 47.03 15.93 9.07
N LEU B 191 46.86 15.03 8.11
CA LEU B 191 45.63 14.94 7.33
C LEU B 191 45.07 13.52 7.43
N THR B 192 43.89 13.38 8.02
CA THR B 192 43.22 12.08 8.16
C THR B 192 41.92 12.03 7.36
N ASP B 193 41.84 11.06 6.45
CA ASP B 193 40.60 10.82 5.70
C ASP B 193 39.88 9.60 6.27
N GLU B 194 38.57 9.74 6.48
CA GLU B 194 37.80 8.72 7.18
C GLU B 194 36.54 8.28 6.44
N ARG B 195 36.67 8.03 5.14
CA ARG B 195 35.49 7.86 4.27
C ARG B 195 35.32 6.55 3.46
N GLY B 196 36.13 5.50 3.65
CA GLY B 196 37.09 5.36 4.72
C GLY B 196 36.72 4.19 5.60
N GLU B 197 36.72 2.99 5.01
CA GLU B 197 36.52 1.75 5.77
C GLU B 197 37.64 1.58 6.78
N GLU B 198 38.87 1.77 6.31
CA GLU B 198 40.01 1.94 7.19
C GLU B 198 40.58 3.34 6.90
N PRO B 199 40.78 4.17 7.94
CA PRO B 199 41.28 5.53 7.75
C PRO B 199 42.66 5.57 7.10
N LYS B 200 42.99 6.71 6.49
CA LYS B 200 44.31 6.96 5.94
C LYS B 200 44.78 8.37 6.29
N GLU B 201 46.06 8.50 6.65
CA GLU B 201 46.56 9.80 7.07
C GLU B 201 47.95 10.17 6.54
N GLU B 202 48.24 11.46 6.55
CA GLU B 202 49.55 11.98 6.21
C GLU B 202 50.07 12.79 7.38
N VAL B 203 51.39 12.82 7.54
CA VAL B 203 52.05 13.64 8.55
C VAL B 203 53.18 14.46 7.93
N PHE B 204 53.25 15.74 8.27
CA PHE B 204 54.31 16.63 7.76
C PHE B 204 54.95 17.45 8.88
N HIS B 205 56.23 17.22 9.12
CA HIS B 205 56.97 17.94 10.16
C HIS B 205 58.41 18.17 9.77
N TYR B 206 58.95 19.33 10.16
CA TYR B 206 60.31 19.71 9.81
C TYR B 206 61.05 20.34 10.99
N GLU B 207 62.33 19.99 11.13
CA GLU B 207 63.14 20.41 12.26
C GLU B 207 64.36 21.23 11.84
N GLY C 2 31.27 -2.43 5.89
CA GLY C 2 31.94 -3.77 5.86
C GLY C 2 31.98 -4.36 4.46
N LEU C 3 32.11 -3.50 3.46
CA LEU C 3 32.02 -3.90 2.06
C LEU C 3 33.24 -4.68 1.55
N GLU C 4 34.40 -4.44 2.15
CA GLU C 4 35.62 -5.17 1.81
C GLU C 4 35.55 -6.62 2.23
N ALA C 5 34.91 -6.90 3.35
CA ALA C 5 34.68 -8.26 3.83
C ALA C 5 33.85 -9.05 2.83
N VAL C 6 32.82 -8.39 2.27
CA VAL C 6 31.94 -9.00 1.27
C VAL C 6 32.73 -9.39 0.03
N ARG C 7 33.69 -8.54 -0.35
CA ARG C 7 34.50 -8.77 -1.54
C ARG C 7 35.52 -9.90 -1.36
N LYS C 8 36.00 -10.07 -0.13
CA LYS C 8 36.93 -11.15 0.22
C LYS C 8 36.25 -12.52 0.19
N ARG C 9 35.07 -12.63 0.83
CA ARG C 9 34.32 -13.88 0.85
C ARG C 9 32.88 -13.69 0.36
N PRO C 10 32.69 -13.53 -0.95
CA PRO C 10 31.35 -13.26 -1.49
C PRO C 10 30.35 -14.40 -1.27
N GLY C 11 30.83 -15.64 -1.24
CA GLY C 11 29.99 -16.80 -0.99
C GLY C 11 29.27 -16.75 0.33
N MET C 12 29.91 -16.11 1.32
CA MET C 12 29.33 -15.92 2.65
C MET C 12 28.23 -14.86 2.69
N TYR C 13 27.93 -14.27 1.54
CA TYR C 13 26.92 -13.21 1.45
C TYR C 13 25.86 -13.47 0.38
N ILE C 14 26.25 -14.05 -0.76
CA ILE C 14 25.32 -14.34 -1.87
C ILE C 14 25.32 -15.79 -2.34
N GLY C 15 26.05 -16.66 -1.66
CA GLY C 15 26.05 -18.09 -2.00
C GLY C 15 27.19 -18.53 -2.90
N SER C 16 27.43 -17.78 -3.98
CA SER C 16 28.48 -18.10 -4.96
C SER C 16 28.72 -16.92 -5.91
N THR C 17 29.80 -16.99 -6.70
CA THR C 17 30.10 -15.93 -7.67
C THR C 17 29.88 -16.33 -9.12
N ASP C 18 29.17 -17.43 -9.33
CA ASP C 18 28.77 -17.87 -10.67
C ASP C 18 27.41 -17.28 -11.06
N SER C 19 26.76 -17.88 -12.05
CA SER C 19 25.45 -17.43 -12.52
C SER C 19 24.39 -17.42 -11.41
N ARG C 20 24.46 -18.39 -10.50
CA ARG C 20 23.52 -18.49 -9.39
C ARG C 20 23.57 -17.21 -8.55
N GLY C 21 24.79 -16.79 -8.20
CA GLY C 21 25.02 -15.60 -7.41
C GLY C 21 24.80 -14.30 -8.16
N LEU C 22 25.06 -14.31 -9.47
CA LEU C 22 24.85 -13.14 -10.32
C LEU C 22 23.39 -12.74 -10.26
N HIS C 23 22.51 -13.71 -10.47
CA HIS C 23 21.07 -13.47 -10.46
C HIS C 23 20.56 -13.13 -9.10
N HIS C 24 21.30 -13.54 -8.07
CA HIS C 24 20.91 -13.27 -6.69
C HIS C 24 20.93 -11.80 -6.38
N LEU C 25 21.87 -11.07 -6.97
CA LEU C 25 21.96 -9.62 -6.83
C LEU C 25 20.63 -8.93 -7.14
N VAL C 26 19.94 -9.38 -8.19
CA VAL C 26 18.64 -8.84 -8.60
C VAL C 26 17.61 -9.08 -7.50
N TYR C 27 17.59 -10.29 -6.97
CA TYR C 27 16.57 -10.69 -5.99
C TYR C 27 16.72 -9.95 -4.67
N GLU C 28 17.94 -9.55 -4.32
CA GLU C 28 18.17 -8.80 -3.10
C GLU C 28 17.57 -7.40 -3.19
N ILE C 29 17.67 -6.79 -4.36
CA ILE C 29 17.08 -5.48 -4.61
C ILE C 29 15.55 -5.59 -4.74
N VAL C 30 15.08 -6.63 -5.43
CA VAL C 30 13.64 -6.87 -5.59
C VAL C 30 12.94 -7.15 -4.26
N ASP C 31 13.53 -7.99 -3.42
CA ASP C 31 12.96 -8.31 -2.10
C ASP C 31 12.76 -7.08 -1.24
N ASN C 32 13.66 -6.12 -1.34
CA ASN C 32 13.51 -4.83 -0.68
C ASN C 32 12.30 -4.05 -1.23
N ALA C 33 12.06 -4.14 -2.53
CA ALA C 33 10.88 -3.54 -3.14
C ALA C 33 9.59 -4.22 -2.68
N VAL C 34 9.59 -5.55 -2.64
CA VAL C 34 8.38 -6.28 -2.23
C VAL C 34 8.11 -6.10 -0.73
N ASP C 35 9.17 -5.92 0.05
CA ASP C 35 9.05 -5.53 1.46
C ASP C 35 8.27 -4.24 1.53
N GLU C 36 8.71 -3.24 0.76
CA GLU C 36 8.03 -1.96 0.66
C GLU C 36 6.58 -2.12 0.19
N ALA C 37 6.37 -3.03 -0.76
CA ALA C 37 5.02 -3.31 -1.26
C ALA C 37 4.12 -3.95 -0.20
N LEU C 38 4.67 -4.87 0.59
CA LEU C 38 3.89 -5.61 1.60
C LEU C 38 3.57 -4.76 2.82
N SER C 39 4.43 -3.79 3.11
CA SER C 39 4.13 -2.75 4.07
C SER C 39 3.35 -1.67 3.31
N GLY C 40 3.31 -1.84 1.99
CA GLY C 40 3.15 -0.74 1.04
C GLY C 40 1.82 -0.07 0.84
N TYR C 41 1.80 1.07 0.14
CA TYR C 41 2.99 1.71 -0.49
C TYR C 41 3.64 0.91 -1.62
N GLY C 42 3.10 1.03 -2.83
CA GLY C 42 3.66 0.38 -4.00
C GLY C 42 2.71 -0.61 -4.64
N ASN C 43 2.44 -0.40 -5.93
CA ASN C 43 1.60 -1.31 -6.70
C ASN C 43 2.30 -1.81 -7.96
N GLU C 44 3.56 -1.40 -8.12
CA GLU C 44 4.35 -1.78 -9.29
C GLU C 44 5.82 -1.95 -8.97
N ILE C 45 6.43 -2.99 -9.55
CA ILE C 45 7.86 -3.24 -9.46
C ILE C 45 8.38 -3.56 -10.86
N ASN C 46 9.31 -2.75 -11.34
CA ASN C 46 9.89 -2.91 -12.67
C ASN C 46 11.35 -3.31 -12.61
N VAL C 47 11.66 -4.44 -13.23
CA VAL C 47 13.04 -4.90 -13.38
C VAL C 47 13.40 -4.79 -14.86
N THR C 48 14.57 -4.24 -15.15
CA THR C 48 15.04 -4.07 -16.51
C THR C 48 16.48 -4.52 -16.68
N ILE C 49 16.69 -5.48 -17.58
CA ILE C 49 18.03 -5.84 -18.04
C ILE C 49 18.37 -4.89 -19.19
N GLN C 50 19.36 -4.03 -18.96
CA GLN C 50 19.65 -2.95 -19.90
C GLN C 50 20.67 -3.35 -20.98
N LYS C 51 20.92 -2.44 -21.92
CA LYS C 51 21.79 -2.72 -23.07
C LYS C 51 23.22 -3.10 -22.66
N ASP C 52 23.74 -2.45 -21.62
CA ASP C 52 25.10 -2.67 -21.12
C ASP C 52 25.21 -3.79 -20.08
N ASN C 53 24.17 -4.63 -19.98
CA ASN C 53 24.05 -5.69 -18.97
C ASN C 53 23.93 -5.21 -17.52
N SER C 54 23.36 -4.03 -17.33
CA SER C 54 23.06 -3.51 -16.00
C SER C 54 21.62 -3.82 -15.62
N ILE C 55 21.29 -3.65 -14.35
CA ILE C 55 19.97 -3.98 -13.84
C ILE C 55 19.35 -2.75 -13.20
N CYS C 56 18.11 -2.45 -13.57
CA CYS C 56 17.35 -1.42 -12.91
C CYS C 56 16.16 -2.03 -12.19
N VAL C 57 16.05 -1.76 -10.89
CA VAL C 57 14.90 -2.19 -10.11
C VAL C 57 14.17 -0.96 -9.59
N ALA C 58 12.98 -0.72 -10.13
CA ALA C 58 12.19 0.46 -9.80
C ALA C 58 10.88 0.09 -9.15
N ASP C 59 10.59 0.73 -8.02
CA ASP C 59 9.30 0.57 -7.34
C ASP C 59 8.57 1.89 -7.20
N SER C 60 7.32 1.83 -6.74
CA SER C 60 6.51 3.02 -6.51
C SER C 60 6.21 3.21 -5.03
N GLY C 61 7.15 2.79 -4.18
CA GLY C 61 7.00 2.92 -2.73
C GLY C 61 7.20 4.35 -2.26
N ARG C 62 7.40 4.51 -0.95
CA ARG C 62 7.54 5.85 -0.37
C ARG C 62 8.79 6.60 -0.84
N GLY C 63 9.80 5.85 -1.26
CA GLY C 63 11.10 6.41 -1.58
C GLY C 63 11.97 6.37 -0.34
N MET C 64 13.23 5.98 -0.50
CA MET C 64 14.17 5.86 0.61
C MET C 64 14.29 7.16 1.38
N PRO C 65 14.28 7.09 2.73
CA PRO C 65 14.45 8.28 3.56
C PRO C 65 15.69 9.08 3.17
N THR C 66 15.49 10.37 2.90
CA THR C 66 16.55 11.24 2.42
C THR C 66 17.21 12.01 3.57
N GLY C 67 16.60 11.94 4.75
CA GLY C 67 17.15 12.57 5.95
C GLY C 67 18.45 11.92 6.40
N MET C 68 19.14 12.58 7.33
CA MET C 68 20.37 12.05 7.88
C MET C 68 20.11 11.01 8.95
N HIS C 69 20.90 9.95 8.93
CA HIS C 69 20.91 8.93 9.98
C HIS C 69 21.44 9.53 11.24
N ALA C 70 21.33 8.78 12.34
CA ALA C 70 21.84 9.19 13.65
C ALA C 70 23.33 9.54 13.62
N SER C 71 24.09 8.79 12.83
CA SER C 71 25.56 8.92 12.78
C SER C 71 26.08 9.94 11.75
N GLY C 72 25.23 10.90 11.37
CA GLY C 72 25.63 11.99 10.47
C GLY C 72 25.54 11.67 8.98
N ILE C 73 25.93 10.43 8.63
CA ILE C 73 25.84 9.91 7.27
C ILE C 73 24.36 9.75 6.87
N PRO C 74 23.99 10.23 5.66
CA PRO C 74 22.60 10.09 5.18
C PRO C 74 22.12 8.63 5.18
N THR C 75 20.83 8.44 5.48
CA THR C 75 20.23 7.11 5.59
C THR C 75 20.46 6.24 4.36
N VAL C 76 20.27 6.83 3.18
CA VAL C 76 20.55 6.17 1.89
C VAL C 76 21.95 5.57 1.87
N GLU C 77 22.94 6.39 2.24
CA GLU C 77 24.33 5.96 2.24
C GLU C 77 24.59 4.87 3.26
N VAL C 78 23.88 4.92 4.39
CA VAL C 78 24.00 3.90 5.44
C VAL C 78 23.52 2.55 4.92
N ILE C 79 22.31 2.55 4.35
CA ILE C 79 21.68 1.36 3.78
C ILE C 79 22.55 0.72 2.68
N PHE C 80 23.33 1.52 1.98
CA PHE C 80 24.15 1.04 0.87
C PHE C 80 25.65 0.84 1.18
N THR C 81 26.13 1.32 2.32
CA THR C 81 27.57 1.18 2.65
C THR C 81 27.86 0.41 3.94
N VAL C 82 26.90 0.36 4.85
CA VAL C 82 27.11 -0.27 6.17
C VAL C 82 26.44 -1.64 6.24
N LEU C 83 26.90 -2.50 7.16
CA LEU C 83 26.45 -3.90 7.21
C LEU C 83 25.64 -4.43 8.44
N HIS C 84 26.19 -4.60 9.66
CA HIS C 84 27.57 -4.36 10.13
C HIS C 84 28.01 -2.91 10.08
N HIS C 101 18.55 -2.55 8.08
CA HIS C 101 17.48 -1.63 7.69
C HIS C 101 17.12 -1.81 6.24
N GLY C 102 18.11 -2.10 5.41
CA GLY C 102 17.89 -2.37 3.99
C GLY C 102 18.61 -3.63 3.52
N VAL C 103 18.27 -4.75 4.13
CA VAL C 103 18.99 -6.03 3.96
C VAL C 103 19.20 -6.41 2.49
N GLY C 104 20.47 -6.62 2.13
CA GLY C 104 20.86 -6.99 0.77
C GLY C 104 21.48 -5.86 -0.03
N ALA C 105 21.00 -4.65 0.20
CA ALA C 105 21.42 -3.47 -0.58
C ALA C 105 22.92 -3.24 -0.60
N SER C 106 23.55 -3.32 0.57
CA SER C 106 24.99 -3.07 0.70
C SER C 106 25.83 -4.18 0.07
N VAL C 107 25.32 -5.41 0.09
CA VAL C 107 25.99 -6.54 -0.54
C VAL C 107 26.06 -6.34 -2.06
N VAL C 108 24.92 -6.00 -2.65
CA VAL C 108 24.81 -5.73 -4.08
C VAL C 108 25.74 -4.59 -4.46
N ASN C 109 25.81 -3.58 -3.61
CA ASN C 109 26.68 -2.43 -3.83
C ASN C 109 28.15 -2.81 -3.80
N ALA C 110 28.53 -3.54 -2.77
CA ALA C 110 29.91 -4.01 -2.58
C ALA C 110 30.41 -4.83 -3.77
N LEU C 111 29.50 -5.50 -4.46
CA LEU C 111 29.87 -6.39 -5.56
C LEU C 111 29.51 -5.78 -6.92
N SER C 112 29.36 -4.46 -6.94
CA SER C 112 29.06 -3.72 -8.17
C SER C 112 30.22 -2.83 -8.61
N LYS C 113 30.51 -2.88 -9.92
CA LYS C 113 31.40 -1.92 -10.56
C LYS C 113 30.88 -0.50 -10.31
N TRP C 114 29.57 -0.33 -10.43
CA TRP C 114 28.90 0.90 -10.05
C TRP C 114 27.45 0.64 -9.67
N LEU C 115 26.93 1.49 -8.81
CA LEU C 115 25.51 1.47 -8.43
C LEU C 115 25.05 2.90 -8.21
N GLU C 116 23.88 3.24 -8.75
CA GLU C 116 23.24 4.51 -8.41
C GLU C 116 21.75 4.38 -8.12
N VAL C 117 21.26 5.21 -7.21
CA VAL C 117 19.89 5.15 -6.75
C VAL C 117 19.14 6.48 -6.94
N HIS C 118 17.93 6.40 -7.48
CA HIS C 118 17.07 7.57 -7.67
C HIS C 118 15.87 7.49 -6.76
N ILE C 119 15.74 8.49 -5.88
CA ILE C 119 14.61 8.57 -4.96
C ILE C 119 13.72 9.76 -5.32
N VAL C 120 12.43 9.50 -5.46
CA VAL C 120 11.42 10.56 -5.57
C VAL C 120 10.57 10.58 -4.29
N ARG C 121 10.61 11.70 -3.58
CA ARG C 121 9.84 11.87 -2.35
C ARG C 121 9.12 13.22 -2.37
N ASP C 122 7.79 13.17 -2.31
CA ASP C 122 6.95 14.37 -2.26
C ASP C 122 7.45 15.47 -3.19
N GLY C 123 7.47 15.19 -4.49
CA GLY C 123 7.83 16.19 -5.49
C GLY C 123 9.31 16.27 -5.80
N VAL C 124 10.11 16.47 -4.76
CA VAL C 124 11.56 16.66 -4.91
C VAL C 124 12.31 15.33 -5.16
N GLU C 125 13.19 15.35 -6.16
CA GLU C 125 13.95 14.16 -6.56
C GLU C 125 15.41 14.19 -6.11
N TYR C 126 15.91 13.01 -5.71
CA TYR C 126 17.25 12.87 -5.14
C TYR C 126 18.06 11.81 -5.89
N MET C 127 19.38 11.83 -5.70
CA MET C 127 20.28 10.87 -6.33
C MET C 127 21.59 10.69 -5.57
N GLU C 128 22.09 9.45 -5.55
CA GLU C 128 23.45 9.15 -5.12
C GLU C 128 24.05 8.03 -5.96
N ARG C 129 25.36 8.12 -6.20
CA ARG C 129 26.09 7.14 -7.00
C ARG C 129 27.27 6.57 -6.21
N PHE C 130 27.58 5.30 -6.49
CA PHE C 130 28.66 4.58 -5.83
C PHE C 130 29.47 3.86 -6.91
N GLU C 131 30.77 3.69 -6.68
CA GLU C 131 31.62 3.04 -7.66
C GLU C 131 32.69 2.12 -7.06
N ASP C 132 33.12 1.16 -7.88
CA ASP C 132 34.20 0.22 -7.55
C ASP C 132 34.08 -0.35 -6.14
N GLY C 133 33.00 -1.12 -5.93
CA GLY C 133 32.80 -1.81 -4.66
C GLY C 133 32.06 -1.00 -3.60
N GLY C 134 31.24 -0.05 -4.04
CA GLY C 134 30.35 0.69 -3.15
C GLY C 134 30.88 2.01 -2.58
N LYS C 135 31.96 2.51 -3.14
CA LYS C 135 32.55 3.78 -2.68
C LYS C 135 31.78 4.97 -3.25
N PRO C 136 31.18 5.79 -2.37
CA PRO C 136 30.29 6.88 -2.81
C PRO C 136 31.00 7.95 -3.65
N VAL C 137 30.40 8.29 -4.79
CA VAL C 137 30.86 9.39 -5.62
C VAL C 137 30.16 10.66 -5.11
N GLY C 138 30.89 11.45 -4.32
CA GLY C 138 30.30 12.60 -3.63
C GLY C 138 29.38 12.15 -2.53
N THR C 139 28.14 12.67 -2.55
CA THR C 139 27.08 12.26 -1.62
C THR C 139 25.69 12.45 -2.24
N LEU C 140 24.65 12.23 -1.44
CA LEU C 140 23.26 12.38 -1.88
C LEU C 140 22.95 13.80 -2.37
N LYS C 141 22.61 13.91 -3.66
CA LYS C 141 22.37 15.20 -4.31
C LYS C 141 20.90 15.43 -4.62
N LYS C 142 20.39 16.59 -4.17
CA LYS C 142 19.05 17.05 -4.48
C LYS C 142 19.01 17.53 -5.93
N ILE C 143 18.40 16.72 -6.81
CA ILE C 143 18.36 17.04 -8.25
C ILE C 143 17.46 18.22 -8.58
N GLY C 144 16.27 18.26 -7.98
CA GLY C 144 15.29 19.30 -8.24
C GLY C 144 13.89 18.81 -7.97
N LYS C 145 12.92 19.28 -8.77
CA LYS C 145 11.52 18.89 -8.62
C LYS C 145 11.04 18.08 -9.81
N THR C 146 10.09 17.18 -9.56
CA THR C 146 9.57 16.28 -10.60
C THR C 146 8.06 16.09 -10.44
N LYS C 147 7.40 15.81 -11.56
CA LYS C 147 5.99 15.42 -11.55
C LYS C 147 5.83 13.92 -11.28
N LYS C 148 6.96 13.21 -11.23
CA LYS C 148 6.98 11.76 -11.02
C LYS C 148 6.46 11.39 -9.64
N ARG C 149 5.84 10.22 -9.56
CA ARG C 149 5.33 9.68 -8.30
C ARG C 149 6.47 9.22 -7.40
N ASN C 150 6.18 9.09 -6.11
CA ASN C 150 7.12 8.57 -5.13
C ASN C 150 7.64 7.18 -5.53
N GLY C 151 8.90 6.91 -5.20
CA GLY C 151 9.50 5.61 -5.50
C GLY C 151 11.00 5.58 -5.36
N THR C 152 11.54 4.37 -5.44
CA THR C 152 12.99 4.16 -5.38
C THR C 152 13.41 3.34 -6.60
N SER C 153 14.50 3.78 -7.24
CA SER C 153 14.99 3.12 -8.45
C SER C 153 16.48 2.84 -8.31
N VAL C 154 16.84 1.57 -8.17
CA VAL C 154 18.24 1.17 -8.01
C VAL C 154 18.75 0.56 -9.32
N THR C 155 19.88 1.10 -9.80
CA THR C 155 20.53 0.60 -11.01
C THR C 155 21.96 0.21 -10.67
N PHE C 156 22.41 -0.94 -11.19
CA PHE C 156 23.76 -1.45 -10.88
C PHE C 156 24.33 -2.35 -11.97
N LEU C 157 25.65 -2.33 -12.09
CA LEU C 157 26.35 -3.21 -12.98
C LEU C 157 27.27 -4.13 -12.17
N PRO C 158 27.01 -5.45 -12.20
CA PRO C 158 27.80 -6.41 -11.45
C PRO C 158 29.28 -6.36 -11.81
N ASP C 159 30.14 -6.54 -10.81
CA ASP C 159 31.59 -6.44 -10.97
C ASP C 159 32.13 -7.68 -11.70
N ASP C 160 32.65 -7.45 -12.91
CA ASP C 160 33.11 -8.55 -13.76
C ASP C 160 34.46 -9.15 -13.32
N THR C 161 35.03 -8.59 -12.25
CA THR C 161 36.21 -9.15 -11.61
C THR C 161 35.81 -10.12 -10.51
N ILE C 162 34.61 -9.95 -9.96
CA ILE C 162 34.09 -10.85 -8.94
C ILE C 162 33.35 -12.03 -9.59
N PHE C 163 32.48 -11.74 -10.55
CA PHE C 163 31.62 -12.76 -11.15
C PHE C 163 32.22 -13.41 -12.39
N SER C 164 32.23 -14.75 -12.40
CA SER C 164 32.74 -15.53 -13.54
C SER C 164 31.89 -15.35 -14.79
N THR C 165 30.65 -14.90 -14.60
CA THR C 165 29.75 -14.54 -15.70
C THR C 165 28.97 -13.28 -15.35
N THR C 166 28.75 -12.41 -16.33
CA THR C 166 27.92 -11.23 -16.14
C THR C 166 26.83 -11.17 -17.22
N ASN C 167 26.39 -12.34 -17.66
CA ASN C 167 25.33 -12.46 -18.65
C ASN C 167 24.04 -12.93 -18.00
N PHE C 168 23.09 -12.01 -17.82
CA PHE C 168 21.82 -12.34 -17.19
C PHE C 168 20.95 -13.19 -18.10
N SER C 169 20.29 -14.18 -17.50
CA SER C 169 19.29 -14.98 -18.18
C SER C 169 17.92 -14.36 -17.99
N TYR C 170 17.27 -14.08 -19.10
CA TYR C 170 15.92 -13.51 -19.13
C TYR C 170 14.88 -14.48 -18.58
N GLU C 171 15.07 -15.77 -18.89
CA GLU C 171 14.15 -16.82 -18.47
C GLU C 171 14.25 -17.10 -16.97
N ILE C 172 15.49 -17.19 -16.47
CA ILE C 172 15.72 -17.43 -15.03
C ILE C 172 15.14 -16.32 -14.15
N LEU C 173 15.25 -15.07 -14.63
CA LEU C 173 14.74 -13.91 -13.89
C LEU C 173 13.22 -13.85 -13.91
N ALA C 174 12.62 -14.17 -15.06
CA ALA C 174 11.17 -14.11 -15.23
C ALA C 174 10.46 -15.10 -14.31
N GLU C 175 11.07 -16.26 -14.12
CA GLU C 175 10.46 -17.30 -13.31
C GLU C 175 10.47 -17.01 -11.82
N ARG C 176 11.57 -16.45 -11.33
CA ARG C 176 11.68 -16.07 -9.93
C ARG C 176 10.90 -14.80 -9.61
N LEU C 177 10.73 -13.93 -10.61
CA LEU C 177 9.93 -12.71 -10.45
C LEU C 177 8.44 -13.02 -10.46
N ARG C 178 8.05 -14.03 -11.22
CA ARG C 178 6.69 -14.55 -11.19
C ARG C 178 6.42 -15.13 -9.81
N GLU C 179 7.43 -15.80 -9.27
CA GLU C 179 7.36 -16.35 -7.91
C GLU C 179 7.27 -15.26 -6.86
N SER C 180 7.99 -14.15 -7.09
CA SER C 180 7.88 -12.95 -6.26
C SER C 180 6.50 -12.30 -6.40
N ALA C 181 5.93 -12.37 -7.61
CA ALA C 181 4.58 -11.85 -7.86
C ALA C 181 3.50 -12.68 -7.19
N PHE C 182 3.76 -13.97 -6.98
CA PHE C 182 2.83 -14.86 -6.27
C PHE C 182 2.55 -14.36 -4.85
N LEU C 183 3.57 -13.80 -4.21
CA LEU C 183 3.43 -13.20 -2.87
C LEU C 183 2.38 -12.09 -2.86
N LEU C 184 2.41 -11.28 -3.90
CA LEU C 184 1.69 -10.01 -3.89
C LEU C 184 0.27 -10.07 -4.47
N LYS C 185 -0.58 -9.20 -3.95
CA LYS C 185 -1.93 -9.03 -4.47
C LYS C 185 -2.16 -7.59 -4.91
N GLY C 186 -2.48 -7.40 -6.19
CA GLY C 186 -2.73 -6.08 -6.74
C GLY C 186 -1.47 -5.25 -6.88
N VAL C 187 -0.35 -5.93 -7.15
CA VAL C 187 0.90 -5.26 -7.49
C VAL C 187 1.60 -5.96 -8.66
N LYS C 188 1.93 -5.17 -9.67
CA LYS C 188 2.43 -5.69 -10.93
C LYS C 188 3.95 -5.77 -10.93
N ILE C 189 4.48 -6.95 -11.23
CA ILE C 189 5.92 -7.12 -11.42
C ILE C 189 6.23 -7.33 -12.89
N THR C 190 7.10 -6.50 -13.44
CA THR C 190 7.47 -6.60 -14.86
C THR C 190 8.95 -6.93 -15.05
N LEU C 191 9.26 -7.51 -16.19
CA LEU C 191 10.63 -7.78 -16.60
C LEU C 191 10.79 -7.37 -18.05
N THR C 192 11.78 -6.51 -18.31
CA THR C 192 12.05 -6.04 -19.66
C THR C 192 13.50 -6.31 -20.05
N ASP C 193 13.69 -6.85 -21.25
CA ASP C 193 15.02 -7.11 -21.80
C ASP C 193 15.26 -6.22 -23.02
N GLU C 194 16.33 -5.43 -22.98
CA GLU C 194 16.59 -4.43 -24.02
C GLU C 194 17.94 -4.63 -24.71
N ARG C 195 18.46 -5.87 -24.66
CA ARG C 195 19.88 -6.11 -24.89
C ARG C 195 20.53 -5.90 -26.28
N GLY C 196 19.93 -6.35 -27.38
CA GLY C 196 18.56 -6.88 -27.45
C GLY C 196 17.95 -6.29 -28.71
N GLU C 197 17.81 -7.12 -29.74
CA GLU C 197 17.29 -6.68 -31.04
C GLU C 197 15.96 -5.95 -30.91
N GLU C 198 15.12 -6.44 -29.99
CA GLU C 198 13.83 -5.84 -29.69
C GLU C 198 13.60 -5.92 -28.19
N PRO C 199 13.09 -4.83 -27.58
CA PRO C 199 12.67 -4.90 -26.18
C PRO C 199 11.56 -5.93 -25.97
N LYS C 200 11.82 -6.91 -25.11
CA LYS C 200 10.86 -7.96 -24.77
C LYS C 200 10.46 -7.84 -23.31
N GLU C 201 9.16 -7.99 -23.03
CA GLU C 201 8.63 -7.75 -21.68
C GLU C 201 7.65 -8.80 -21.19
N GLU C 202 7.84 -9.25 -19.94
CA GLU C 202 6.88 -10.10 -19.26
C GLU C 202 6.17 -9.28 -18.18
N VAL C 203 4.90 -9.59 -17.93
CA VAL C 203 4.12 -8.92 -16.88
C VAL C 203 3.46 -9.93 -15.93
N PHE C 204 3.55 -9.67 -14.63
CA PHE C 204 3.01 -10.59 -13.62
C PHE C 204 2.17 -9.84 -12.58
N HIS C 205 0.90 -10.23 -12.46
CA HIS C 205 -0.06 -9.58 -11.56
C HIS C 205 -1.17 -10.52 -11.14
N TYR C 206 -1.59 -10.39 -9.88
CA TYR C 206 -2.65 -11.23 -9.32
C TYR C 206 -3.50 -10.41 -8.34
N GLU C 207 -4.81 -10.60 -8.38
CA GLU C 207 -5.74 -9.84 -7.52
C GLU C 207 -6.45 -10.73 -6.50
N GLU C 208 -7.30 -10.11 -5.68
CA GLU C 208 -8.12 -10.79 -4.66
C GLU C 208 -7.27 -11.38 -3.53
N GLY D 2 14.50 -20.56 -30.36
CA GLY D 2 13.86 -21.88 -30.62
C GLY D 2 14.16 -22.91 -29.56
N LEU D 3 13.72 -24.14 -29.79
CA LEU D 3 13.95 -25.23 -28.84
C LEU D 3 15.40 -25.73 -28.85
N GLU D 4 16.10 -25.51 -29.96
CA GLU D 4 17.49 -25.92 -30.09
C GLU D 4 18.44 -25.00 -29.31
N ALA D 5 18.06 -23.72 -29.19
CA ALA D 5 18.80 -22.76 -28.36
C ALA D 5 18.77 -23.16 -26.89
N VAL D 6 17.70 -23.83 -26.48
CA VAL D 6 17.56 -24.33 -25.11
C VAL D 6 18.43 -25.57 -24.89
N ARG D 7 18.49 -26.43 -25.91
CA ARG D 7 19.26 -27.67 -25.82
C ARG D 7 20.77 -27.44 -25.85
N LYS D 8 21.22 -26.36 -26.49
CA LYS D 8 22.64 -26.02 -26.54
C LYS D 8 23.11 -25.27 -25.31
N ARG D 9 22.27 -24.38 -24.80
CA ARG D 9 22.62 -23.56 -23.64
C ARG D 9 21.60 -23.70 -22.50
N PRO D 10 21.43 -24.92 -21.95
CA PRO D 10 20.36 -25.13 -20.97
C PRO D 10 20.53 -24.30 -19.68
N GLY D 11 21.78 -23.99 -19.34
CA GLY D 11 22.09 -23.14 -18.20
C GLY D 11 21.44 -21.75 -18.27
N MET D 12 21.25 -21.25 -19.49
CA MET D 12 20.58 -19.97 -19.72
C MET D 12 19.07 -20.07 -19.52
N TYR D 13 18.56 -21.26 -19.23
CA TYR D 13 17.13 -21.49 -19.12
C TYR D 13 16.70 -22.19 -17.84
N ILE D 14 17.58 -23.02 -17.27
CA ILE D 14 17.27 -23.74 -16.02
C ILE D 14 18.38 -23.65 -14.99
N GLY D 15 19.45 -22.92 -15.32
CA GLY D 15 20.51 -22.63 -14.36
C GLY D 15 21.66 -23.61 -14.31
N SER D 16 21.36 -24.89 -14.48
CA SER D 16 22.36 -25.98 -14.45
C SER D 16 21.72 -27.25 -14.98
N THR D 17 22.52 -28.29 -15.20
CA THR D 17 22.01 -29.55 -15.72
C THR D 17 22.28 -30.74 -14.81
N ASP D 18 22.49 -30.44 -13.53
CA ASP D 18 22.59 -31.44 -12.47
C ASP D 18 21.21 -31.66 -11.82
N SER D 19 21.20 -32.13 -10.56
CA SER D 19 19.97 -32.31 -9.79
C SER D 19 19.13 -31.04 -9.65
N ARG D 20 19.81 -29.92 -9.43
CA ARG D 20 19.13 -28.62 -9.33
C ARG D 20 18.29 -28.35 -10.58
N GLY D 21 18.86 -28.65 -11.75
CA GLY D 21 18.16 -28.48 -13.02
C GLY D 21 17.03 -29.47 -13.19
N LEU D 22 17.31 -30.73 -12.86
CA LEU D 22 16.34 -31.81 -12.96
C LEU D 22 15.02 -31.46 -12.26
N HIS D 23 15.13 -31.01 -11.01
CA HIS D 23 13.97 -30.65 -10.20
C HIS D 23 13.36 -29.35 -10.63
N HIS D 24 14.17 -28.45 -11.16
CA HIS D 24 13.69 -27.16 -11.64
C HIS D 24 12.66 -27.31 -12.73
N LEU D 25 12.81 -28.37 -13.54
CA LEU D 25 11.84 -28.71 -14.58
C LEU D 25 10.44 -28.90 -13.99
N VAL D 26 10.39 -29.50 -12.81
CA VAL D 26 9.13 -29.76 -12.13
C VAL D 26 8.46 -28.46 -11.67
N TYR D 27 9.25 -27.53 -11.15
CA TYR D 27 8.72 -26.27 -10.61
C TYR D 27 8.17 -25.36 -11.70
N GLU D 28 8.78 -25.39 -12.87
CA GLU D 28 8.31 -24.58 -14.01
C GLU D 28 6.89 -24.97 -14.40
N ILE D 29 6.62 -26.27 -14.41
CA ILE D 29 5.30 -26.77 -14.74
C ILE D 29 4.33 -26.50 -13.59
N VAL D 30 4.76 -26.76 -12.36
CA VAL D 30 3.97 -26.45 -11.17
C VAL D 30 3.62 -24.96 -11.11
N ASP D 31 4.59 -24.10 -11.43
CA ASP D 31 4.40 -22.65 -11.41
C ASP D 31 3.32 -22.14 -12.37
N ASN D 32 3.16 -22.81 -13.50
CA ASN D 32 2.08 -22.49 -14.43
C ASN D 32 0.72 -22.85 -13.82
N ALA D 33 0.69 -23.97 -13.10
CA ALA D 33 -0.51 -24.42 -12.40
C ALA D 33 -0.87 -23.54 -11.21
N VAL D 34 0.13 -22.93 -10.56
CA VAL D 34 -0.15 -22.01 -9.46
C VAL D 34 -0.47 -20.61 -9.97
N ASP D 35 0.11 -20.25 -11.12
CA ASP D 35 -0.27 -19.03 -11.83
C ASP D 35 -1.75 -19.12 -12.16
N GLU D 36 -2.15 -20.28 -12.66
CA GLU D 36 -3.54 -20.55 -13.00
C GLU D 36 -4.44 -20.52 -11.78
N ALA D 37 -3.89 -20.89 -10.62
CA ALA D 37 -4.66 -20.95 -9.37
C ALA D 37 -4.87 -19.59 -8.72
N LEU D 38 -3.90 -18.69 -8.85
CA LEU D 38 -3.98 -17.35 -8.27
C LEU D 38 -4.83 -16.42 -9.14
N SER D 39 -4.96 -16.78 -10.42
CA SER D 39 -5.97 -16.18 -11.29
C SER D 39 -7.21 -17.06 -11.19
N GLY D 40 -6.99 -18.25 -10.62
CA GLY D 40 -7.84 -19.41 -10.79
C GLY D 40 -9.26 -19.39 -10.27
N TYR D 41 -10.05 -20.39 -10.65
CA TYR D 41 -9.68 -21.50 -11.57
C TYR D 41 -8.65 -22.53 -11.06
N GLY D 42 -9.14 -23.58 -10.42
CA GLY D 42 -8.28 -24.66 -9.92
C GLY D 42 -8.14 -24.63 -8.42
N ASN D 43 -8.38 -25.78 -7.79
CA ASN D 43 -8.30 -25.89 -6.34
C ASN D 43 -7.39 -27.02 -5.85
N GLU D 44 -6.79 -27.75 -6.79
CA GLU D 44 -5.77 -28.75 -6.45
C GLU D 44 -4.76 -29.04 -7.56
N ILE D 45 -3.50 -29.17 -7.16
CA ILE D 45 -2.41 -29.54 -8.07
C ILE D 45 -1.76 -30.84 -7.58
N ASN D 46 -1.77 -31.85 -8.45
CA ASN D 46 -1.19 -33.16 -8.13
C ASN D 46 0.11 -33.40 -8.90
N VAL D 47 1.20 -33.60 -8.17
CA VAL D 47 2.48 -33.99 -8.78
C VAL D 47 2.72 -35.48 -8.49
N THR D 48 3.14 -36.23 -9.51
CA THR D 48 3.37 -37.67 -9.36
C THR D 48 4.70 -38.09 -9.97
N ILE D 49 5.50 -38.82 -9.18
CA ILE D 49 6.74 -39.44 -9.66
C ILE D 49 6.40 -40.89 -10.03
N GLN D 50 6.54 -41.21 -11.31
CA GLN D 50 6.07 -42.48 -11.84
C GLN D 50 7.18 -43.51 -11.93
N LYS D 51 6.81 -44.79 -11.99
CA LYS D 51 7.77 -45.90 -12.00
C LYS D 51 8.95 -45.72 -12.95
N ASP D 52 8.66 -45.37 -14.21
CA ASP D 52 9.71 -45.17 -15.21
C ASP D 52 10.54 -43.91 -14.98
N ASN D 53 10.35 -43.29 -13.81
CA ASN D 53 11.04 -42.06 -13.38
C ASN D 53 10.68 -40.82 -14.20
N SER D 54 9.41 -40.75 -14.60
CA SER D 54 8.86 -39.60 -15.31
C SER D 54 7.95 -38.82 -14.36
N ILE D 55 7.67 -37.56 -14.69
CA ILE D 55 6.88 -36.68 -13.84
C ILE D 55 5.55 -36.30 -14.47
N CYS D 56 4.48 -36.41 -13.69
CA CYS D 56 3.16 -35.89 -14.06
C CYS D 56 2.73 -34.77 -13.13
N VAL D 57 2.32 -33.64 -13.72
CA VAL D 57 1.78 -32.50 -12.99
C VAL D 57 0.35 -32.26 -13.48
N ALA D 58 -0.62 -32.44 -12.59
CA ALA D 58 -2.03 -32.35 -12.98
C ALA D 58 -2.76 -31.26 -12.19
N ASP D 59 -3.48 -30.40 -12.91
CA ASP D 59 -4.28 -29.35 -12.30
C ASP D 59 -5.75 -29.47 -12.69
N SER D 60 -6.60 -28.74 -11.96
CA SER D 60 -8.02 -28.68 -12.28
C SER D 60 -8.48 -27.25 -12.61
N GLY D 61 -7.65 -26.55 -13.39
CA GLY D 61 -7.98 -25.21 -13.88
C GLY D 61 -8.87 -25.26 -15.11
N ARG D 62 -8.83 -24.18 -15.90
CA ARG D 62 -9.70 -24.02 -17.06
C ARG D 62 -9.44 -25.01 -18.18
N GLY D 63 -8.18 -25.43 -18.31
CA GLY D 63 -7.75 -26.27 -19.42
C GLY D 63 -7.18 -25.39 -20.52
N MET D 64 -6.10 -25.86 -21.15
CA MET D 64 -5.45 -25.12 -22.23
C MET D 64 -6.32 -25.02 -23.48
N PRO D 65 -6.12 -23.95 -24.29
CA PRO D 65 -6.90 -23.75 -25.52
C PRO D 65 -6.71 -24.87 -26.55
N THR D 66 -7.81 -25.27 -27.18
CA THR D 66 -7.81 -26.34 -28.18
C THR D 66 -8.09 -25.83 -29.60
N GLY D 67 -7.35 -26.35 -30.57
CA GLY D 67 -7.51 -25.98 -31.98
C GLY D 67 -6.52 -24.92 -32.44
N MET D 68 -6.66 -24.53 -33.71
CA MET D 68 -5.82 -23.49 -34.32
C MET D 68 -6.05 -22.11 -33.73
N HIS D 69 -4.98 -21.32 -33.62
CA HIS D 69 -5.06 -19.91 -33.25
C HIS D 69 -3.72 -19.24 -33.42
N SER D 71 -1.33 -19.54 -37.48
CA SER D 71 -0.64 -20.38 -38.46
C SER D 71 -1.19 -21.81 -38.44
N GLY D 72 -0.46 -22.74 -39.07
CA GLY D 72 -0.97 -24.10 -39.30
C GLY D 72 -0.79 -25.13 -38.20
N ILE D 73 -0.68 -24.67 -36.96
CA ILE D 73 -0.51 -25.57 -35.79
C ILE D 73 -1.39 -25.15 -34.60
N PRO D 74 -1.73 -26.12 -33.70
CA PRO D 74 -2.57 -25.82 -32.53
C PRO D 74 -1.91 -24.88 -31.51
N THR D 75 -2.73 -24.21 -30.70
CA THR D 75 -2.25 -23.23 -29.72
C THR D 75 -1.41 -23.88 -28.62
N VAL D 76 -1.75 -25.12 -28.26
CA VAL D 76 -0.96 -25.91 -27.32
C VAL D 76 0.44 -26.12 -27.88
N GLU D 77 0.52 -26.49 -29.17
CA GLU D 77 1.79 -26.73 -29.82
C GLU D 77 2.68 -25.49 -29.86
N VAL D 78 2.06 -24.31 -29.82
CA VAL D 78 2.80 -23.04 -29.81
C VAL D 78 3.46 -22.84 -28.45
N ILE D 79 2.70 -23.05 -27.38
CA ILE D 79 3.19 -22.85 -26.01
C ILE D 79 4.37 -23.78 -25.67
N PHE D 80 4.34 -24.99 -26.22
CA PHE D 80 5.35 -26.00 -25.92
C PHE D 80 6.53 -26.05 -26.89
N THR D 81 6.54 -25.16 -27.89
CA THR D 81 7.62 -25.14 -28.89
C THR D 81 8.22 -23.75 -29.14
N VAL D 82 7.45 -22.71 -28.84
CA VAL D 82 7.89 -21.32 -29.06
C VAL D 82 8.00 -20.62 -27.71
N LEU D 83 9.14 -19.97 -27.47
CA LEU D 83 9.48 -19.44 -26.14
C LEU D 83 8.46 -18.50 -25.43
N HIS D 84 8.07 -17.32 -25.94
CA HIS D 84 8.57 -16.57 -27.13
C HIS D 84 9.52 -17.25 -28.08
N HIS D 101 1.22 -16.33 -19.19
CA HIS D 101 0.91 -17.07 -20.41
C HIS D 101 2.14 -17.79 -20.91
N GLY D 102 2.12 -19.12 -20.81
CA GLY D 102 3.23 -19.97 -21.26
C GLY D 102 4.31 -20.05 -20.21
N VAL D 103 5.31 -19.18 -20.33
CA VAL D 103 6.38 -19.00 -19.33
C VAL D 103 7.07 -20.29 -18.88
N GLY D 104 7.93 -20.83 -19.75
CA GLY D 104 8.81 -21.94 -19.38
C GLY D 104 8.36 -23.35 -19.74
N ALA D 105 7.12 -23.50 -20.19
CA ALA D 105 6.61 -24.80 -20.62
C ALA D 105 7.40 -25.40 -21.79
N SER D 106 7.81 -24.56 -22.73
CA SER D 106 8.62 -25.00 -23.87
C SER D 106 10.06 -25.37 -23.49
N VAL D 107 10.56 -24.80 -22.39
CA VAL D 107 11.89 -25.16 -21.87
C VAL D 107 11.90 -26.61 -21.40
N VAL D 108 10.89 -26.98 -20.61
CA VAL D 108 10.72 -28.35 -20.12
C VAL D 108 10.62 -29.32 -21.30
N ASN D 109 9.82 -28.96 -22.30
CA ASN D 109 9.64 -29.76 -23.51
C ASN D 109 10.96 -30.01 -24.25
N ALA D 110 11.71 -28.93 -24.46
CA ALA D 110 13.02 -28.97 -25.11
C ALA D 110 14.01 -29.91 -24.42
N LEU D 111 13.92 -30.01 -23.10
CA LEU D 111 14.85 -30.82 -22.33
C LEU D 111 14.26 -32.16 -21.90
N SER D 112 13.23 -32.60 -22.64
CA SER D 112 12.56 -33.86 -22.34
C SER D 112 12.66 -34.86 -23.49
N LYS D 113 12.97 -36.11 -23.16
CA LYS D 113 12.96 -37.20 -24.14
C LYS D 113 11.57 -37.37 -24.73
N TRP D 114 10.55 -37.30 -23.88
CA TRP D 114 9.16 -37.19 -24.32
C TRP D 114 8.30 -36.38 -23.39
N LEU D 115 7.32 -35.69 -23.96
CA LEU D 115 6.35 -34.89 -23.21
C LEU D 115 4.95 -35.08 -23.77
N GLU D 116 3.97 -35.23 -22.88
CA GLU D 116 2.59 -35.45 -23.28
C GLU D 116 1.69 -34.51 -22.49
N VAL D 117 0.79 -33.83 -23.18
CA VAL D 117 -0.13 -32.90 -22.52
C VAL D 117 -1.61 -33.29 -22.71
N HIS D 118 -2.28 -33.56 -21.59
CA HIS D 118 -3.70 -33.90 -21.60
C HIS D 118 -4.52 -32.75 -21.13
N ILE D 119 -5.49 -32.33 -21.96
CA ILE D 119 -6.44 -31.27 -21.60
C ILE D 119 -7.84 -31.85 -21.52
N VAL D 120 -8.64 -31.36 -20.57
CA VAL D 120 -10.06 -31.72 -20.46
C VAL D 120 -10.91 -30.45 -20.45
N ARG D 121 -11.74 -30.29 -21.49
CA ARG D 121 -12.63 -29.12 -21.60
C ARG D 121 -14.09 -29.53 -21.78
N ASP D 122 -14.86 -29.34 -20.70
CA ASP D 122 -16.30 -29.66 -20.64
C ASP D 122 -16.66 -31.04 -21.19
N GLY D 123 -16.34 -32.07 -20.41
CA GLY D 123 -16.72 -33.44 -20.72
C GLY D 123 -15.82 -34.19 -21.69
N VAL D 124 -15.00 -33.45 -22.45
CA VAL D 124 -14.18 -34.05 -23.50
C VAL D 124 -12.67 -33.90 -23.25
N GLU D 125 -11.91 -34.93 -23.60
CA GLU D 125 -10.46 -34.98 -23.36
C GLU D 125 -9.63 -34.91 -24.65
N TYR D 126 -8.60 -34.07 -24.64
CA TYR D 126 -7.67 -33.90 -25.76
C TYR D 126 -6.24 -34.28 -25.34
N MET D 127 -5.35 -34.44 -26.33
CA MET D 127 -3.97 -34.85 -26.07
C MET D 127 -3.00 -34.61 -27.23
N GLU D 128 -1.80 -34.15 -26.90
CA GLU D 128 -0.69 -34.06 -27.86
C GLU D 128 0.62 -34.55 -27.24
N ARG D 129 1.39 -35.29 -28.03
CA ARG D 129 2.66 -35.86 -27.59
C ARG D 129 3.83 -35.23 -28.33
N PHE D 130 4.91 -34.98 -27.60
CA PHE D 130 6.16 -34.45 -28.13
C PHE D 130 7.30 -35.39 -27.79
N GLU D 131 8.29 -35.49 -28.69
CA GLU D 131 9.45 -36.36 -28.45
C GLU D 131 10.76 -35.70 -28.85
N ASP D 132 11.87 -36.29 -28.38
CA ASP D 132 13.24 -35.88 -28.73
C ASP D 132 13.44 -34.36 -28.80
N GLY D 133 13.24 -33.69 -27.67
CA GLY D 133 13.46 -32.26 -27.58
C GLY D 133 12.30 -31.41 -28.06
N GLY D 134 11.08 -31.93 -27.96
CA GLY D 134 9.88 -31.16 -28.24
C GLY D 134 9.33 -31.21 -29.65
N LYS D 135 9.70 -32.25 -30.39
CA LYS D 135 9.20 -32.45 -31.75
C LYS D 135 7.85 -33.17 -31.71
N PRO D 136 6.81 -32.53 -32.26
CA PRO D 136 5.45 -33.07 -32.23
C PRO D 136 5.30 -34.40 -32.98
N VAL D 137 4.82 -35.41 -32.28
CA VAL D 137 4.45 -36.69 -32.89
C VAL D 137 2.94 -36.63 -33.12
N GLY D 138 2.54 -36.55 -34.39
CA GLY D 138 1.15 -36.31 -34.75
C GLY D 138 0.78 -34.87 -34.49
N THR D 139 -0.41 -34.67 -33.91
CA THR D 139 -0.90 -33.33 -33.55
C THR D 139 -1.92 -33.42 -32.40
N LEU D 140 -2.46 -32.27 -31.99
CA LEU D 140 -3.48 -32.22 -30.94
C LEU D 140 -4.73 -33.02 -31.34
N LYS D 141 -4.87 -34.21 -30.77
CA LYS D 141 -5.98 -35.11 -31.08
C LYS D 141 -6.97 -35.24 -29.93
N LYS D 142 -8.24 -35.44 -30.29
CA LYS D 142 -9.30 -35.74 -29.33
C LYS D 142 -9.36 -37.25 -29.14
N ILE D 143 -9.26 -37.72 -27.90
CA ILE D 143 -9.27 -39.15 -27.61
C ILE D 143 -10.70 -39.65 -27.42
N GLY D 144 -11.36 -39.17 -26.37
CA GLY D 144 -12.72 -39.56 -26.05
C GLY D 144 -13.38 -38.58 -25.10
N LYS D 145 -14.17 -39.11 -24.18
CA LYS D 145 -14.93 -38.30 -23.22
C LYS D 145 -14.91 -38.90 -21.82
N THR D 146 -14.86 -38.04 -20.81
CA THR D 146 -14.86 -38.46 -19.40
C THR D 146 -15.71 -37.51 -18.55
N LYS D 147 -16.25 -38.04 -17.46
CA LYS D 147 -17.05 -37.24 -16.52
C LYS D 147 -16.20 -36.56 -15.44
N LYS D 148 -14.90 -36.49 -15.67
CA LYS D 148 -13.97 -35.84 -14.75
C LYS D 148 -13.85 -34.34 -14.98
N ARG D 149 -13.50 -33.62 -13.91
CA ARG D 149 -13.36 -32.16 -13.88
C ARG D 149 -12.42 -31.62 -14.97
N ASN D 150 -12.67 -30.39 -15.40
CA ASN D 150 -11.79 -29.69 -16.34
C ASN D 150 -10.43 -29.39 -15.73
N GLY D 151 -9.39 -29.43 -16.56
CA GLY D 151 -8.03 -29.16 -16.12
C GLY D 151 -6.99 -29.60 -17.11
N THR D 152 -5.72 -29.38 -16.76
CA THR D 152 -4.61 -29.73 -17.65
C THR D 152 -3.61 -30.66 -16.96
N SER D 153 -3.00 -31.53 -17.75
CA SER D 153 -1.97 -32.45 -17.27
C SER D 153 -0.74 -32.37 -18.18
N VAL D 154 0.43 -32.21 -17.57
CA VAL D 154 1.70 -32.30 -18.29
C VAL D 154 2.51 -33.47 -17.73
N THR D 155 2.87 -34.41 -18.60
CA THR D 155 3.69 -35.56 -18.23
C THR D 155 4.96 -35.54 -19.08
N PHE D 156 6.12 -35.73 -18.45
CA PHE D 156 7.40 -35.69 -19.16
C PHE D 156 8.47 -36.58 -18.55
N LEU D 157 9.32 -37.14 -19.42
CA LEU D 157 10.54 -37.82 -18.99
C LEU D 157 11.73 -36.94 -19.39
N PRO D 158 12.46 -36.41 -18.38
CA PRO D 158 13.67 -35.64 -18.67
C PRO D 158 14.65 -36.40 -19.56
N ASP D 159 15.38 -35.67 -20.38
CA ASP D 159 16.37 -36.25 -21.28
C ASP D 159 17.64 -36.61 -20.52
N ASP D 160 18.02 -37.88 -20.58
CA ASP D 160 19.25 -38.33 -19.92
C ASP D 160 20.53 -38.04 -20.73
N THR D 161 20.38 -37.34 -21.85
CA THR D 161 21.54 -36.86 -22.60
C THR D 161 21.87 -35.41 -22.24
N ILE D 162 20.96 -34.76 -21.51
CA ILE D 162 21.15 -33.41 -21.03
C ILE D 162 21.55 -33.39 -19.55
N PHE D 163 20.92 -34.26 -18.76
CA PHE D 163 21.10 -34.25 -17.30
C PHE D 163 22.09 -35.27 -16.79
N SER D 164 22.88 -34.86 -15.79
CA SER D 164 23.78 -35.75 -15.07
C SER D 164 23.03 -36.90 -14.41
N THR D 165 21.81 -36.61 -13.94
CA THR D 165 21.00 -37.58 -13.21
C THR D 165 19.52 -37.47 -13.59
N THR D 166 18.81 -38.58 -13.47
CA THR D 166 17.35 -38.60 -13.70
C THR D 166 16.64 -39.23 -12.51
N ASN D 167 17.26 -39.11 -11.34
CA ASN D 167 16.69 -39.66 -10.11
C ASN D 167 16.15 -38.57 -9.19
N PHE D 168 14.85 -38.33 -9.30
CA PHE D 168 14.16 -37.31 -8.51
C PHE D 168 14.19 -37.61 -7.02
N SER D 169 14.37 -36.56 -6.22
CA SER D 169 14.31 -36.66 -4.77
C SER D 169 12.92 -36.33 -4.27
N TYR D 170 12.24 -37.34 -3.75
CA TYR D 170 10.94 -37.17 -3.12
C TYR D 170 10.97 -36.10 -2.01
N GLU D 171 12.05 -36.11 -1.22
CA GLU D 171 12.23 -35.16 -0.13
C GLU D 171 12.38 -33.72 -0.62
N ILE D 172 13.28 -33.52 -1.58
CA ILE D 172 13.49 -32.18 -2.14
C ILE D 172 12.23 -31.63 -2.82
N LEU D 173 11.52 -32.47 -3.58
CA LEU D 173 10.28 -32.05 -4.24
C LEU D 173 9.20 -31.68 -3.23
N ALA D 174 9.06 -32.49 -2.18
CA ALA D 174 8.07 -32.26 -1.12
C ALA D 174 8.31 -30.94 -0.36
N GLU D 175 9.56 -30.69 0.00
CA GLU D 175 9.94 -29.46 0.70
C GLU D 175 9.62 -28.24 -0.15
N ARG D 176 9.93 -28.31 -1.45
CA ARG D 176 9.66 -27.20 -2.36
C ARG D 176 8.17 -27.06 -2.73
N LEU D 177 7.45 -28.17 -2.83
CA LEU D 177 6.02 -28.11 -3.10
C LEU D 177 5.21 -27.56 -1.93
N ARG D 178 5.67 -27.81 -0.71
CA ARG D 178 5.06 -27.19 0.48
C ARG D 178 5.27 -25.67 0.45
N GLU D 179 6.45 -25.23 0.01
CA GLU D 179 6.76 -23.81 -0.14
C GLU D 179 5.88 -23.13 -1.18
N SER D 180 5.50 -23.86 -2.22
CA SER D 180 4.56 -23.39 -3.24
C SER D 180 3.16 -23.31 -2.65
N ALA D 181 2.82 -24.28 -1.82
CA ALA D 181 1.51 -24.33 -1.18
C ALA D 181 1.36 -23.23 -0.13
N PHE D 182 2.48 -22.72 0.37
CA PHE D 182 2.49 -21.60 1.31
C PHE D 182 1.87 -20.36 0.68
N LEU D 183 2.07 -20.20 -0.62
CA LEU D 183 1.57 -19.09 -1.42
C LEU D 183 0.04 -19.03 -1.54
N LEU D 184 -0.59 -20.21 -1.43
CA LEU D 184 -1.98 -20.37 -1.86
C LEU D 184 -2.98 -20.55 -0.73
N LYS D 185 -4.21 -20.14 -1.00
CA LYS D 185 -5.33 -20.31 -0.09
C LYS D 185 -6.42 -21.18 -0.71
N GLY D 186 -6.81 -22.22 0.02
CA GLY D 186 -7.85 -23.15 -0.43
C GLY D 186 -7.43 -24.13 -1.51
N VAL D 187 -6.20 -24.04 -1.99
CA VAL D 187 -5.73 -24.97 -3.02
C VAL D 187 -4.73 -26.01 -2.49
N LYS D 188 -5.04 -27.27 -2.77
CA LYS D 188 -4.31 -28.42 -2.24
C LYS D 188 -3.22 -28.85 -3.22
N ILE D 189 -2.00 -29.00 -2.72
CA ILE D 189 -0.90 -29.52 -3.54
C ILE D 189 -0.42 -30.85 -2.98
N THR D 190 -0.39 -31.88 -3.82
CA THR D 190 -0.01 -33.23 -3.41
C THR D 190 1.20 -33.76 -4.16
N LEU D 191 2.06 -34.50 -3.46
CA LEU D 191 3.17 -35.21 -4.08
C LEU D 191 2.97 -36.70 -3.84
N THR D 192 3.11 -37.48 -4.90
CA THR D 192 2.97 -38.93 -4.82
C THR D 192 4.19 -39.58 -5.45
N ASP D 193 4.74 -40.59 -4.78
CA ASP D 193 5.87 -41.36 -5.30
C ASP D 193 5.44 -42.80 -5.51
N GLU D 194 5.71 -43.33 -6.70
CA GLU D 194 5.33 -44.70 -7.07
C GLU D 194 6.53 -45.52 -7.57
N ARG D 195 7.70 -45.32 -6.97
CA ARG D 195 8.94 -45.83 -7.55
C ARG D 195 9.60 -47.13 -7.02
N GLY D 196 9.15 -47.70 -5.90
CA GLY D 196 7.96 -47.35 -5.18
C GLY D 196 7.09 -48.59 -5.15
N GLU D 197 7.47 -49.52 -4.28
CA GLU D 197 6.72 -50.77 -4.07
C GLU D 197 5.35 -50.47 -3.44
N GLU D 198 5.33 -49.44 -2.59
CA GLU D 198 4.10 -48.90 -2.01
C GLU D 198 4.14 -47.39 -2.15
N PRO D 199 3.02 -46.77 -2.58
CA PRO D 199 2.99 -45.32 -2.80
C PRO D 199 3.17 -44.49 -1.52
N LYS D 200 4.00 -43.45 -1.63
CA LYS D 200 4.14 -42.42 -0.60
C LYS D 200 3.42 -41.19 -1.11
N GLU D 201 2.82 -40.42 -0.21
CA GLU D 201 2.12 -39.20 -0.59
C GLU D 201 2.13 -38.10 0.48
N GLU D 202 2.41 -36.87 0.06
CA GLU D 202 2.27 -35.71 0.92
C GLU D 202 1.13 -34.83 0.42
N VAL D 203 0.43 -34.17 1.34
CA VAL D 203 -0.60 -33.19 0.99
C VAL D 203 -0.40 -31.87 1.73
N PHE D 204 -0.50 -30.76 0.99
CA PHE D 204 -0.35 -29.44 1.58
C PHE D 204 -1.52 -28.54 1.18
N HIS D 205 -2.22 -28.02 2.18
CA HIS D 205 -3.37 -27.14 2.00
C HIS D 205 -3.46 -26.16 3.13
N TYR D 206 -3.84 -24.92 2.81
CA TYR D 206 -4.00 -23.88 3.80
C TYR D 206 -5.23 -23.04 3.49
N GLU D 207 -5.98 -22.67 4.53
CA GLU D 207 -7.26 -21.98 4.38
C GLU D 207 -7.17 -20.53 4.79
N GLU D 208 -8.32 -19.84 4.78
CA GLU D 208 -8.43 -18.43 5.21
C GLU D 208 -7.67 -17.49 4.28
N GLY E 2 -55.59 -3.61 6.17
CA GLY E 2 -54.31 -3.16 5.56
C GLY E 2 -53.13 -3.10 6.52
N LEU E 3 -52.07 -2.41 6.10
CA LEU E 3 -50.84 -2.29 6.89
C LEU E 3 -50.95 -1.27 8.02
N GLU E 4 -51.84 -0.30 7.86
CA GLU E 4 -52.06 0.74 8.87
C GLU E 4 -52.66 0.16 10.16
N ALA E 5 -53.48 -0.87 10.00
CA ALA E 5 -54.04 -1.62 11.14
C ALA E 5 -52.93 -2.23 12.00
N VAL E 6 -51.86 -2.69 11.34
CA VAL E 6 -50.69 -3.25 12.01
C VAL E 6 -49.90 -2.15 12.74
N ARG E 7 -49.77 -0.99 12.10
CA ARG E 7 -49.04 0.13 12.72
C ARG E 7 -49.78 0.71 13.92
N LYS E 8 -51.10 0.62 13.90
CA LYS E 8 -51.94 1.16 14.97
C LYS E 8 -52.04 0.23 16.17
N ARG E 9 -52.09 -1.07 15.92
CA ARG E 9 -52.10 -2.07 17.00
C ARG E 9 -51.05 -3.16 16.77
N PRO E 10 -49.75 -2.79 16.76
CA PRO E 10 -48.70 -3.79 16.48
C PRO E 10 -48.71 -4.98 17.45
N GLY E 11 -49.13 -4.74 18.70
CA GLY E 11 -49.25 -5.79 19.69
C GLY E 11 -50.23 -6.89 19.31
N MET E 12 -51.16 -6.57 18.41
CA MET E 12 -52.09 -7.56 17.89
C MET E 12 -51.47 -8.42 16.78
N TYR E 13 -50.19 -8.19 16.48
CA TYR E 13 -49.52 -8.86 15.38
C TYR E 13 -48.15 -9.40 15.75
N ILE E 14 -47.47 -8.72 16.67
CA ILE E 14 -46.12 -9.14 17.10
C ILE E 14 -45.99 -9.29 18.62
N GLY E 15 -47.11 -9.18 19.34
CA GLY E 15 -47.14 -9.37 20.79
C GLY E 15 -46.90 -8.12 21.61
N SER E 16 -45.88 -7.36 21.25
CA SER E 16 -45.47 -6.15 21.99
C SER E 16 -44.51 -5.31 21.15
N THR E 17 -44.19 -4.11 21.61
CA THR E 17 -43.30 -3.21 20.88
C THR E 17 -42.01 -2.85 21.63
N ASP E 18 -41.70 -3.62 22.67
CA ASP E 18 -40.42 -3.48 23.38
C ASP E 18 -39.37 -4.38 22.71
N SER E 19 -38.28 -4.67 23.43
CA SER E 19 -37.20 -5.53 22.94
C SER E 19 -37.70 -6.91 22.52
N ARG E 20 -38.69 -7.43 23.24
CA ARG E 20 -39.30 -8.72 22.93
C ARG E 20 -39.97 -8.68 21.55
N GLY E 21 -40.42 -7.50 21.15
CA GLY E 21 -41.12 -7.30 19.86
C GLY E 21 -40.21 -6.92 18.72
N LEU E 22 -39.17 -6.14 19.03
CA LEU E 22 -38.14 -5.76 18.06
C LEU E 22 -37.46 -7.01 17.47
N HIS E 23 -37.18 -7.98 18.33
CA HIS E 23 -36.52 -9.22 17.92
C HIS E 23 -37.43 -10.15 17.17
N HIS E 24 -38.74 -10.04 17.41
CA HIS E 24 -39.73 -10.87 16.73
C HIS E 24 -39.82 -10.59 15.26
N LEU E 25 -39.55 -9.35 14.86
CA LEU E 25 -39.46 -8.96 13.44
C LEU E 25 -38.45 -9.82 12.70
N VAL E 26 -37.30 -10.03 13.35
CA VAL E 26 -36.21 -10.83 12.79
C VAL E 26 -36.64 -12.29 12.65
N TYR E 27 -37.30 -12.82 13.68
CA TYR E 27 -37.69 -14.23 13.68
C TYR E 27 -38.81 -14.49 12.69
N GLU E 28 -39.53 -13.43 12.33
CA GLU E 28 -40.60 -13.52 11.36
C GLU E 28 -40.02 -13.72 9.95
N ILE E 29 -39.02 -12.93 9.60
CA ILE E 29 -38.34 -13.06 8.31
C ILE E 29 -37.51 -14.35 8.25
N VAL E 30 -36.87 -14.72 9.37
CA VAL E 30 -36.10 -15.97 9.44
C VAL E 30 -37.00 -17.18 9.23
N ASP E 31 -38.14 -17.21 9.93
CA ASP E 31 -39.11 -18.30 9.81
C ASP E 31 -39.59 -18.53 8.37
N ASN E 32 -39.55 -17.48 7.55
CA ASN E 32 -39.83 -17.61 6.12
C ASN E 32 -38.71 -18.38 5.39
N ALA E 33 -37.47 -18.10 5.77
CA ALA E 33 -36.30 -18.75 5.17
C ALA E 33 -36.14 -20.20 5.57
N VAL E 34 -36.48 -20.53 6.82
CA VAL E 34 -36.45 -21.93 7.29
C VAL E 34 -37.58 -22.72 6.66
N ASP E 35 -38.75 -22.10 6.54
CA ASP E 35 -39.88 -22.67 5.80
C ASP E 35 -39.41 -23.06 4.40
N GLU E 36 -38.67 -22.16 3.76
CA GLU E 36 -38.12 -22.41 2.43
C GLU E 36 -37.11 -23.56 2.45
N ALA E 37 -36.32 -23.66 3.51
CA ALA E 37 -35.31 -24.71 3.64
C ALA E 37 -35.91 -26.09 3.96
N LEU E 38 -36.92 -26.12 4.83
CA LEU E 38 -37.55 -27.38 5.23
C LEU E 38 -38.31 -28.08 4.10
N SER E 39 -38.63 -27.35 3.05
CA SER E 39 -39.10 -27.92 1.80
C SER E 39 -38.06 -27.64 0.73
N GLY E 40 -36.94 -27.08 1.18
CA GLY E 40 -35.95 -26.44 0.32
C GLY E 40 -35.05 -27.31 -0.52
N TYR E 41 -34.20 -26.70 -1.36
CA TYR E 41 -34.07 -25.22 -1.54
C TYR E 41 -33.51 -24.46 -0.32
N GLY E 42 -32.19 -24.45 -0.18
CA GLY E 42 -31.53 -23.62 0.83
C GLY E 42 -30.59 -24.36 1.74
N ASN E 43 -29.30 -24.07 1.62
CA ASN E 43 -28.27 -24.71 2.45
C ASN E 43 -27.81 -23.82 3.61
N GLU E 44 -27.93 -22.51 3.43
CA GLU E 44 -27.57 -21.58 4.49
C GLU E 44 -28.51 -20.38 4.62
N ILE E 45 -28.56 -19.82 5.82
CA ILE E 45 -29.32 -18.62 6.12
C ILE E 45 -28.43 -17.67 6.92
N ASN E 46 -28.17 -16.49 6.36
CA ASN E 46 -27.31 -15.51 7.01
C ASN E 46 -28.11 -14.36 7.58
N VAL E 47 -27.92 -14.09 8.87
CA VAL E 47 -28.51 -12.92 9.51
C VAL E 47 -27.39 -11.94 9.87
N THR E 48 -27.60 -10.67 9.57
CA THR E 48 -26.58 -9.66 9.81
C THR E 48 -27.18 -8.41 10.43
N ILE E 49 -26.66 -8.02 11.60
CA ILE E 49 -27.01 -6.73 12.18
C ILE E 49 -26.06 -5.69 11.59
N GLN E 50 -26.56 -4.94 10.61
CA GLN E 50 -25.74 -3.95 9.89
C GLN E 50 -25.33 -2.79 10.78
N LYS E 51 -24.38 -2.00 10.31
CA LYS E 51 -23.82 -0.87 11.06
C LYS E 51 -24.87 0.15 11.48
N ASP E 52 -25.84 0.41 10.59
CA ASP E 52 -26.87 1.42 10.83
C ASP E 52 -28.05 0.91 11.66
N ASN E 53 -27.86 -0.23 12.34
CA ASN E 53 -28.90 -0.89 13.14
C ASN E 53 -30.02 -1.54 12.33
N SER E 54 -29.72 -1.90 11.09
CA SER E 54 -30.67 -2.61 10.23
C SER E 54 -30.34 -4.10 10.19
N ILE E 55 -31.34 -4.91 9.85
CA ILE E 55 -31.19 -6.36 9.81
C ILE E 55 -31.25 -6.90 8.39
N CYS E 56 -30.31 -7.78 8.06
CA CYS E 56 -30.33 -8.47 6.78
C CYS E 56 -30.47 -9.97 6.97
N VAL E 57 -31.52 -10.54 6.39
CA VAL E 57 -31.74 -11.99 6.41
C VAL E 57 -31.69 -12.51 4.96
N ALA E 58 -30.68 -13.33 4.69
CA ALA E 58 -30.46 -13.88 3.35
C ALA E 58 -30.52 -15.41 3.34
N ASP E 59 -31.06 -15.98 2.28
CA ASP E 59 -31.11 -17.44 2.13
C ASP E 59 -30.68 -17.93 0.74
N SER E 60 -30.51 -19.24 0.60
CA SER E 60 -30.16 -19.85 -0.68
C SER E 60 -31.34 -20.64 -1.25
N GLY E 61 -32.54 -20.09 -1.11
CA GLY E 61 -33.74 -20.71 -1.66
C GLY E 61 -33.95 -20.35 -3.11
N ARG E 62 -35.12 -20.71 -3.62
CA ARG E 62 -35.51 -20.45 -5.02
C ARG E 62 -35.58 -18.97 -5.37
N GLY E 63 -35.88 -18.13 -4.36
CA GLY E 63 -36.15 -16.72 -4.59
C GLY E 63 -37.64 -16.50 -4.77
N MET E 64 -38.17 -15.42 -4.22
CA MET E 64 -39.59 -15.10 -4.33
C MET E 64 -39.99 -14.98 -5.80
N PRO E 65 -41.14 -15.56 -6.17
CA PRO E 65 -41.60 -15.45 -7.55
C PRO E 65 -41.71 -13.99 -7.97
N THR E 66 -41.06 -13.66 -9.08
CA THR E 66 -41.05 -12.29 -9.59
C THR E 66 -42.15 -12.06 -10.63
N GLY E 67 -43.04 -13.04 -10.77
CA GLY E 67 -44.14 -12.95 -11.71
C GLY E 67 -45.25 -12.02 -11.24
N MET E 68 -46.22 -11.80 -12.13
CA MET E 68 -47.38 -10.99 -11.82
C MET E 68 -48.41 -11.87 -11.11
N HIS E 69 -48.89 -11.38 -9.97
CA HIS E 69 -49.97 -12.03 -9.23
C HIS E 69 -51.26 -11.70 -9.90
N ALA E 70 -52.25 -12.59 -9.76
CA ALA E 70 -53.56 -12.41 -10.37
C ALA E 70 -54.28 -11.11 -9.96
N SER E 71 -53.83 -10.49 -8.88
CA SER E 71 -54.43 -9.26 -8.37
C SER E 71 -54.00 -8.00 -9.12
N GLY E 72 -52.96 -8.12 -9.95
CA GLY E 72 -52.53 -7.00 -10.79
C GLY E 72 -51.28 -6.27 -10.34
N ILE E 73 -50.62 -6.80 -9.31
CA ILE E 73 -49.31 -6.33 -8.86
C ILE E 73 -48.40 -7.56 -8.77
N PRO E 74 -47.07 -7.37 -8.75
CA PRO E 74 -46.18 -8.54 -8.70
C PRO E 74 -46.34 -9.30 -7.38
N THR E 75 -46.15 -10.62 -7.42
CA THR E 75 -46.30 -11.47 -6.24
C THR E 75 -45.45 -10.94 -5.06
N VAL E 76 -44.26 -10.45 -5.37
CA VAL E 76 -43.37 -9.81 -4.42
C VAL E 76 -44.07 -8.72 -3.60
N GLU E 77 -44.83 -7.88 -4.29
CA GLU E 77 -45.50 -6.76 -3.66
C GLU E 77 -46.71 -7.23 -2.86
N VAL E 78 -47.33 -8.31 -3.30
CA VAL E 78 -48.45 -8.92 -2.59
C VAL E 78 -47.93 -9.43 -1.24
N ILE E 79 -46.81 -10.16 -1.29
CA ILE E 79 -46.20 -10.73 -0.09
C ILE E 79 -45.87 -9.68 0.97
N PHE E 80 -45.33 -8.54 0.54
CA PHE E 80 -44.87 -7.51 1.48
C PHE E 80 -45.87 -6.41 1.86
N THR E 81 -47.02 -6.33 1.18
CA THR E 81 -47.97 -5.24 1.42
C THR E 81 -49.40 -5.68 1.78
N VAL E 82 -49.69 -6.97 1.63
CA VAL E 82 -51.04 -7.52 1.86
C VAL E 82 -50.99 -8.66 2.89
N LEU E 83 -52.02 -8.73 3.75
CA LEU E 83 -52.05 -9.70 4.85
C LEU E 83 -52.48 -11.16 4.52
N HIS E 84 -53.65 -11.42 3.93
CA HIS E 84 -54.69 -10.45 3.57
C HIS E 84 -55.78 -10.40 4.60
N HIS E 101 -48.15 -19.22 2.80
CA HIS E 101 -47.61 -18.65 1.57
C HIS E 101 -46.30 -17.94 1.82
N GLY E 102 -46.34 -16.95 2.72
CA GLY E 102 -45.16 -16.18 3.12
C GLY E 102 -45.52 -15.32 4.32
N VAL E 103 -46.02 -15.97 5.36
CA VAL E 103 -46.67 -15.31 6.51
C VAL E 103 -45.72 -14.42 7.30
N GLY E 104 -46.22 -13.23 7.66
CA GLY E 104 -45.50 -12.32 8.55
C GLY E 104 -44.64 -11.27 7.87
N ALA E 105 -44.35 -11.48 6.58
CA ALA E 105 -43.48 -10.59 5.83
C ALA E 105 -44.06 -9.18 5.72
N SER E 106 -45.36 -9.08 5.46
CA SER E 106 -46.04 -7.78 5.36
C SER E 106 -46.08 -7.03 6.69
N VAL E 107 -46.13 -7.78 7.79
CA VAL E 107 -46.13 -7.23 9.15
C VAL E 107 -44.79 -6.54 9.47
N VAL E 108 -43.69 -7.21 9.12
CA VAL E 108 -42.35 -6.64 9.29
C VAL E 108 -42.23 -5.34 8.48
N ASN E 109 -42.70 -5.38 7.23
CA ASN E 109 -42.70 -4.22 6.35
C ASN E 109 -43.52 -3.04 6.89
N ALA E 110 -44.72 -3.35 7.41
CA ALA E 110 -45.59 -2.35 8.01
C ALA E 110 -44.90 -1.64 9.18
N LEU E 111 -44.14 -2.39 9.96
CA LEU E 111 -43.49 -1.86 11.15
C LEU E 111 -42.03 -1.43 10.91
N SER E 112 -41.66 -1.28 9.64
CA SER E 112 -40.31 -0.85 9.24
C SER E 112 -40.30 0.51 8.54
N LYS E 113 -39.32 1.35 8.88
CA LYS E 113 -39.16 2.65 8.23
C LYS E 113 -38.71 2.51 6.77
N TRP E 114 -37.91 1.48 6.51
CA TRP E 114 -37.69 1.02 5.13
C TRP E 114 -37.40 -0.45 5.07
N LEU E 115 -37.53 -1.03 3.88
CA LEU E 115 -37.25 -2.43 3.64
C LEU E 115 -36.86 -2.68 2.18
N GLU E 116 -35.83 -3.50 1.97
CA GLU E 116 -35.40 -3.88 0.65
C GLU E 116 -35.39 -5.40 0.51
N VAL E 117 -35.97 -5.89 -0.58
CA VAL E 117 -35.87 -7.31 -0.90
C VAL E 117 -35.05 -7.50 -2.19
N HIS E 118 -34.06 -8.37 -2.12
CA HIS E 118 -33.25 -8.74 -3.27
C HIS E 118 -33.48 -10.19 -3.62
N ILE E 119 -33.74 -10.45 -4.88
CA ILE E 119 -34.04 -11.80 -5.34
C ILE E 119 -33.09 -12.18 -6.47
N VAL E 120 -32.60 -13.41 -6.43
CA VAL E 120 -31.77 -13.95 -7.51
C VAL E 120 -32.44 -15.19 -8.08
N ARG E 121 -32.74 -15.16 -9.37
CA ARG E 121 -33.37 -16.29 -10.07
C ARG E 121 -32.79 -16.48 -11.46
N ASP E 122 -32.21 -17.67 -11.69
CA ASP E 122 -31.59 -18.03 -12.98
C ASP E 122 -30.62 -16.99 -13.52
N GLY E 123 -29.69 -16.56 -12.67
CA GLY E 123 -28.64 -15.62 -13.06
C GLY E 123 -29.08 -14.17 -13.25
N VAL E 124 -30.35 -13.88 -13.01
CA VAL E 124 -30.85 -12.49 -13.04
C VAL E 124 -31.33 -12.05 -11.65
N GLU E 125 -30.99 -10.81 -11.29
CA GLU E 125 -31.31 -10.25 -9.97
C GLU E 125 -32.44 -9.22 -10.03
N TYR E 126 -33.34 -9.29 -9.05
CA TYR E 126 -34.44 -8.34 -8.91
C TYR E 126 -34.42 -7.64 -7.55
N MET E 127 -35.04 -6.46 -7.49
CA MET E 127 -35.06 -5.68 -6.26
C MET E 127 -36.29 -4.77 -6.17
N GLU E 128 -36.85 -4.67 -4.96
CA GLU E 128 -37.86 -3.67 -4.65
C GLU E 128 -37.61 -3.05 -3.27
N ARG E 129 -37.78 -1.74 -3.19
CA ARG E 129 -37.62 -1.00 -1.94
C ARG E 129 -38.96 -0.45 -1.45
N PHE E 130 -39.20 -0.62 -0.15
CA PHE E 130 -40.38 -0.09 0.52
C PHE E 130 -39.96 0.91 1.57
N GLU E 131 -40.82 1.89 1.87
CA GLU E 131 -40.54 2.94 2.85
C GLU E 131 -41.77 3.38 3.64
N ASP E 132 -41.52 3.92 4.83
CA ASP E 132 -42.55 4.51 5.70
C ASP E 132 -43.80 3.66 5.86
N GLY E 133 -43.65 2.54 6.58
CA GLY E 133 -44.78 1.66 6.86
C GLY E 133 -45.11 0.71 5.73
N GLY E 134 -44.23 0.63 4.74
CA GLY E 134 -44.37 -0.36 3.68
C GLY E 134 -44.94 0.14 2.37
N LYS E 135 -44.78 1.44 2.12
CA LYS E 135 -45.21 2.02 0.85
C LYS E 135 -44.11 1.79 -0.18
N PRO E 136 -44.47 1.22 -1.35
CA PRO E 136 -43.49 0.88 -2.38
C PRO E 136 -42.83 2.10 -3.02
N VAL E 137 -41.51 2.16 -2.95
CA VAL E 137 -40.72 3.19 -3.64
C VAL E 137 -40.46 2.69 -5.05
N GLY E 138 -41.18 3.27 -6.01
CA GLY E 138 -41.12 2.82 -7.39
C GLY E 138 -41.77 1.47 -7.58
N THR E 139 -41.06 0.56 -8.23
CA THR E 139 -41.60 -0.75 -8.57
C THR E 139 -40.54 -1.86 -8.45
N LEU E 140 -40.98 -3.11 -8.58
CA LEU E 140 -40.06 -4.24 -8.66
C LEU E 140 -39.28 -4.14 -9.98
N LYS E 141 -37.97 -3.97 -9.87
CA LYS E 141 -37.12 -3.75 -11.04
C LYS E 141 -36.13 -4.88 -11.26
N LYS E 142 -35.90 -5.18 -12.54
CA LYS E 142 -34.87 -6.11 -12.97
C LYS E 142 -33.55 -5.33 -13.05
N ILE E 143 -32.58 -5.72 -12.22
CA ILE E 143 -31.30 -5.03 -12.16
C ILE E 143 -30.40 -5.42 -13.33
N GLY E 144 -30.18 -6.73 -13.49
CA GLY E 144 -29.33 -7.25 -14.55
C GLY E 144 -28.84 -8.65 -14.24
N LYS E 145 -27.75 -9.04 -14.90
CA LYS E 145 -27.17 -10.37 -14.74
C LYS E 145 -26.24 -10.41 -13.54
N THR E 146 -26.24 -11.55 -12.84
CA THR E 146 -25.30 -11.82 -11.77
C THR E 146 -24.84 -13.26 -11.83
N LYS E 147 -23.59 -13.50 -11.43
CA LYS E 147 -23.04 -14.85 -11.37
C LYS E 147 -23.49 -15.62 -10.13
N LYS E 148 -24.01 -14.88 -9.14
CA LYS E 148 -24.35 -15.44 -7.83
C LYS E 148 -25.53 -16.41 -7.85
N ARG E 149 -25.58 -17.28 -6.85
CA ARG E 149 -26.59 -18.34 -6.75
C ARG E 149 -27.95 -17.82 -6.32
N ASN E 150 -28.99 -18.59 -6.63
CA ASN E 150 -30.37 -18.24 -6.31
C ASN E 150 -30.64 -18.05 -4.82
N GLY E 151 -31.49 -17.06 -4.51
CA GLY E 151 -31.83 -16.76 -3.12
C GLY E 151 -32.56 -15.45 -2.93
N THR E 152 -33.08 -15.27 -1.72
CA THR E 152 -33.80 -14.08 -1.31
C THR E 152 -33.06 -13.45 -0.13
N SER E 153 -32.96 -12.12 -0.13
CA SER E 153 -32.45 -11.41 1.03
C SER E 153 -33.34 -10.21 1.36
N VAL E 154 -33.80 -10.18 2.61
CA VAL E 154 -34.62 -9.09 3.10
C VAL E 154 -33.79 -8.24 4.06
N THR E 155 -33.81 -6.94 3.85
CA THR E 155 -33.11 -5.98 4.70
C THR E 155 -34.11 -4.95 5.16
N PHE E 156 -34.10 -4.60 6.44
CA PHE E 156 -35.06 -3.64 6.97
C PHE E 156 -34.60 -2.89 8.22
N LEU E 157 -35.07 -1.66 8.35
CA LEU E 157 -34.83 -0.86 9.56
C LEU E 157 -36.14 -0.67 10.31
N PRO E 158 -36.23 -1.21 11.54
CA PRO E 158 -37.41 -1.03 12.39
C PRO E 158 -37.79 0.44 12.59
N ASP E 159 -39.10 0.70 12.65
CA ASP E 159 -39.62 2.05 12.81
C ASP E 159 -39.42 2.52 14.25
N ASP E 160 -38.58 3.54 14.43
CA ASP E 160 -38.24 4.06 15.76
C ASP E 160 -39.37 4.85 16.44
N THR E 161 -40.45 5.08 15.71
CA THR E 161 -41.65 5.72 16.25
C THR E 161 -42.63 4.68 16.77
N ILE E 162 -42.30 3.41 16.57
CA ILE E 162 -43.14 2.30 16.96
C ILE E 162 -42.55 1.56 18.16
N PHE E 163 -41.24 1.35 18.13
CA PHE E 163 -40.56 0.52 19.14
C PHE E 163 -39.88 1.34 20.24
N SER E 164 -40.02 0.88 21.48
CA SER E 164 -39.38 1.49 22.65
C SER E 164 -37.87 1.53 22.49
N THR E 165 -37.33 0.46 21.93
CA THR E 165 -35.91 0.35 21.60
C THR E 165 -35.72 -0.15 20.17
N THR E 166 -34.68 0.35 19.50
CA THR E 166 -34.32 -0.09 18.15
C THR E 166 -32.97 -0.78 18.15
N ASN E 167 -32.44 -1.03 19.34
CA ASN E 167 -31.13 -1.65 19.52
C ASN E 167 -31.27 -3.16 19.66
N PHE E 168 -30.65 -3.88 18.72
CA PHE E 168 -30.69 -5.34 18.74
C PHE E 168 -29.67 -5.96 19.68
N SER E 169 -30.00 -7.15 20.18
CA SER E 169 -29.15 -7.87 21.12
C SER E 169 -28.52 -9.10 20.47
N TYR E 170 -27.21 -9.05 20.27
CA TYR E 170 -26.44 -10.12 19.65
C TYR E 170 -26.67 -11.47 20.33
N GLU E 171 -26.69 -11.45 21.66
CA GLU E 171 -26.85 -12.66 22.47
C GLU E 171 -28.22 -13.30 22.30
N ILE E 172 -29.29 -12.51 22.47
CA ILE E 172 -30.66 -12.99 22.31
C ILE E 172 -30.89 -13.57 20.92
N LEU E 173 -30.50 -12.83 19.88
CA LEU E 173 -30.61 -13.30 18.49
C LEU E 173 -29.83 -14.60 18.29
N ALA E 174 -28.58 -14.63 18.76
CA ALA E 174 -27.73 -15.82 18.69
C ALA E 174 -28.41 -17.02 19.37
N GLU E 175 -28.93 -16.79 20.56
CA GLU E 175 -29.62 -17.81 21.35
C GLU E 175 -30.81 -18.42 20.60
N ARG E 176 -31.61 -17.56 19.99
CA ARG E 176 -32.84 -17.99 19.31
C ARG E 176 -32.58 -18.61 17.94
N LEU E 177 -31.63 -18.04 17.18
CA LEU E 177 -31.25 -18.59 15.87
C LEU E 177 -30.67 -20.02 15.96
N ARG E 178 -30.04 -20.32 17.09
CA ARG E 178 -29.57 -21.68 17.38
C ARG E 178 -30.74 -22.65 17.45
N GLU E 179 -31.86 -22.18 18.02
CA GLU E 179 -33.05 -23.00 18.17
C GLU E 179 -33.72 -23.26 16.82
N SER E 180 -33.60 -22.30 15.91
CA SER E 180 -34.06 -22.46 14.54
C SER E 180 -33.16 -23.46 13.80
N ALA E 181 -31.88 -23.46 14.14
CA ALA E 181 -30.92 -24.40 13.58
C ALA E 181 -31.17 -25.84 14.02
N PHE E 182 -31.72 -26.01 15.23
CA PHE E 182 -32.11 -27.33 15.75
C PHE E 182 -33.19 -27.99 14.88
N LEU E 183 -34.02 -27.16 14.28
CA LEU E 183 -35.10 -27.61 13.39
C LEU E 183 -34.52 -28.20 12.10
N LEU E 184 -33.44 -27.60 11.62
CA LEU E 184 -32.92 -27.84 10.29
C LEU E 184 -31.80 -28.87 10.28
N LYS E 185 -31.66 -29.54 9.15
CA LYS E 185 -30.65 -30.59 8.99
C LYS E 185 -29.86 -30.39 7.70
N GLY E 186 -28.54 -30.29 7.84
CA GLY E 186 -27.66 -30.01 6.72
C GLY E 186 -27.68 -28.56 6.29
N VAL E 187 -28.36 -27.72 7.05
CA VAL E 187 -28.45 -26.29 6.74
C VAL E 187 -27.84 -25.43 7.84
N LYS E 188 -27.10 -24.40 7.42
CA LYS E 188 -26.29 -23.57 8.29
C LYS E 188 -26.95 -22.22 8.60
N ILE E 189 -26.88 -21.80 9.86
CA ILE E 189 -27.36 -20.47 10.26
C ILE E 189 -26.22 -19.65 10.88
N THR E 190 -26.05 -18.42 10.39
CA THR E 190 -24.99 -17.53 10.84
C THR E 190 -25.54 -16.20 11.35
N LEU E 191 -24.87 -15.62 12.33
CA LEU E 191 -25.21 -14.28 12.82
C LEU E 191 -23.94 -13.44 12.79
N THR E 192 -24.01 -12.28 12.17
CA THR E 192 -22.87 -11.36 12.13
C THR E 192 -23.26 -9.98 12.63
N ASP E 193 -22.52 -9.49 13.62
CA ASP E 193 -22.68 -8.13 14.12
C ASP E 193 -21.55 -7.26 13.59
N GLU E 194 -21.91 -6.14 12.99
CA GLU E 194 -20.94 -5.24 12.37
C GLU E 194 -21.13 -3.81 12.89
N ARG E 195 -21.05 -3.64 14.21
CA ARG E 195 -21.43 -2.37 14.83
C ARG E 195 -20.34 -1.50 15.50
N GLY E 196 -19.18 -2.04 15.88
CA GLY E 196 -18.74 -3.40 15.61
C GLY E 196 -17.28 -3.34 15.16
N GLU E 197 -16.41 -2.88 16.07
CA GLU E 197 -14.98 -2.71 15.82
C GLU E 197 -14.41 -3.90 15.05
N GLU E 198 -14.57 -5.09 15.64
CA GLU E 198 -14.31 -6.34 14.96
C GLU E 198 -15.64 -7.06 14.75
N PRO E 199 -15.92 -7.49 13.50
CA PRO E 199 -17.13 -8.25 13.21
C PRO E 199 -17.20 -9.54 14.02
N LYS E 200 -18.24 -9.65 14.85
CA LYS E 200 -18.52 -10.87 15.61
C LYS E 200 -19.32 -11.82 14.72
N GLU E 201 -19.14 -13.13 14.93
CA GLU E 201 -19.90 -14.12 14.18
C GLU E 201 -20.15 -15.41 14.96
N GLU E 202 -21.36 -15.95 14.80
CA GLU E 202 -21.72 -17.25 15.34
C GLU E 202 -22.22 -18.13 14.20
N VAL E 203 -21.89 -19.42 14.24
CA VAL E 203 -22.39 -20.37 13.23
C VAL E 203 -23.02 -21.59 13.89
N PHE E 204 -24.19 -21.98 13.39
CA PHE E 204 -24.88 -23.18 13.88
C PHE E 204 -25.31 -24.02 12.70
N HIS E 205 -24.85 -25.27 12.66
CA HIS E 205 -25.23 -26.23 11.63
C HIS E 205 -25.19 -27.62 12.18
N TYR E 206 -26.14 -28.44 11.77
CA TYR E 206 -26.25 -29.81 12.27
C TYR E 206 -26.49 -30.78 11.13
N GLU E 207 -25.64 -31.80 11.06
CA GLU E 207 -25.67 -32.76 9.96
C GLU E 207 -26.48 -34.01 10.31
N GLU E 208 -26.59 -34.93 9.35
CA GLU E 208 -27.31 -36.20 9.50
C GLU E 208 -28.82 -36.00 9.72
N GLY F 2 8.79 7.67 -48.98
CA GLY F 2 8.89 6.32 -48.38
C GLY F 2 7.58 5.90 -47.73
N LEU F 3 7.69 5.26 -46.56
CA LEU F 3 6.51 4.81 -45.81
C LEU F 3 5.78 5.97 -45.14
N GLU F 4 6.50 7.06 -44.89
CA GLU F 4 5.95 8.26 -44.26
C GLU F 4 4.84 8.88 -45.10
N ALA F 5 5.02 8.89 -46.42
CA ALA F 5 4.06 9.46 -47.36
C ALA F 5 2.72 8.72 -47.37
N VAL F 6 2.78 7.40 -47.14
CA VAL F 6 1.58 6.56 -47.07
C VAL F 6 0.77 6.86 -45.81
N ARG F 7 1.47 7.06 -44.69
CA ARG F 7 0.83 7.40 -43.42
C ARG F 7 0.27 8.81 -43.45
N LYS F 8 0.99 9.72 -44.12
CA LYS F 8 0.58 11.12 -44.26
C LYS F 8 -0.62 11.28 -45.19
N ARG F 9 -0.63 10.54 -46.30
CA ARG F 9 -1.73 10.62 -47.26
C ARG F 9 -2.39 9.25 -47.56
N PRO F 10 -3.06 8.65 -46.56
CA PRO F 10 -3.60 7.28 -46.68
C PRO F 10 -4.63 7.11 -47.79
N GLY F 11 -5.46 8.14 -47.99
CA GLY F 11 -6.47 8.13 -49.05
C GLY F 11 -5.88 7.88 -50.42
N MET F 12 -4.66 8.37 -50.65
CA MET F 12 -3.95 8.19 -51.91
C MET F 12 -3.30 6.80 -52.09
N TYR F 13 -3.58 5.88 -51.16
CA TYR F 13 -3.01 4.52 -51.22
C TYR F 13 -4.01 3.41 -50.94
N ILE F 14 -4.94 3.65 -50.01
CA ILE F 14 -6.00 2.67 -49.71
C ILE F 14 -7.43 3.17 -49.98
N GLY F 15 -7.56 4.42 -50.41
CA GLY F 15 -8.87 4.97 -50.76
C GLY F 15 -9.52 5.77 -49.65
N SER F 16 -9.55 5.20 -48.44
CA SER F 16 -10.16 5.85 -47.27
C SER F 16 -9.68 5.17 -46.00
N THR F 17 -9.94 5.78 -44.84
CA THR F 17 -9.51 5.21 -43.57
C THR F 17 -10.66 4.64 -42.72
N ASP F 18 -11.78 4.36 -43.36
CA ASP F 18 -12.93 3.75 -42.68
C ASP F 18 -12.97 2.22 -42.87
N SER F 19 -14.16 1.64 -42.69
CA SER F 19 -14.35 0.20 -42.84
C SER F 19 -13.96 -0.33 -44.22
N ARG F 20 -14.14 0.50 -45.25
CA ARG F 20 -13.71 0.19 -46.61
C ARG F 20 -12.20 -0.04 -46.69
N GLY F 21 -11.43 0.94 -46.20
CA GLY F 21 -9.98 0.87 -46.21
C GLY F 21 -9.40 -0.17 -45.27
N LEU F 22 -10.08 -0.40 -44.15
CA LEU F 22 -9.67 -1.43 -43.20
C LEU F 22 -9.69 -2.80 -43.86
N HIS F 23 -10.76 -3.07 -44.60
CA HIS F 23 -10.93 -4.35 -45.30
C HIS F 23 -10.03 -4.47 -46.48
N HIS F 24 -9.67 -3.33 -47.07
CA HIS F 24 -8.80 -3.30 -48.25
C HIS F 24 -7.41 -3.78 -47.95
N LEU F 25 -6.99 -3.65 -46.70
CA LEU F 25 -5.70 -4.17 -46.26
C LEU F 25 -5.62 -5.69 -46.45
N VAL F 26 -6.68 -6.39 -46.08
CA VAL F 26 -6.77 -7.84 -46.25
C VAL F 26 -6.63 -8.19 -47.73
N TYR F 27 -7.45 -7.54 -48.57
CA TYR F 27 -7.48 -7.81 -50.00
C TYR F 27 -6.12 -7.57 -50.67
N GLU F 28 -5.35 -6.63 -50.14
CA GLU F 28 -4.02 -6.33 -50.68
C GLU F 28 -3.01 -7.45 -50.41
N ILE F 29 -3.16 -8.12 -49.28
CA ILE F 29 -2.29 -9.25 -48.94
C ILE F 29 -2.81 -10.51 -49.63
N VAL F 30 -4.14 -10.69 -49.67
CA VAL F 30 -4.75 -11.81 -50.38
C VAL F 30 -4.45 -11.74 -51.89
N ASP F 31 -4.34 -10.53 -52.42
CA ASP F 31 -4.03 -10.32 -53.84
C ASP F 31 -2.66 -10.84 -54.27
N ASN F 32 -1.69 -10.79 -53.34
CA ASN F 32 -0.38 -11.35 -53.62
C ASN F 32 -0.39 -12.88 -53.58
N ALA F 33 -1.23 -13.42 -52.70
CA ALA F 33 -1.43 -14.86 -52.55
C ALA F 33 -2.09 -15.49 -53.78
N VAL F 34 -2.95 -14.72 -54.47
CA VAL F 34 -3.57 -15.17 -55.72
C VAL F 34 -2.67 -14.86 -56.93
N ASP F 35 -1.88 -13.80 -56.82
CA ASP F 35 -0.83 -13.48 -57.80
C ASP F 35 0.09 -14.68 -57.91
N GLU F 36 0.52 -15.20 -56.75
CA GLU F 36 1.36 -16.39 -56.71
C GLU F 36 0.62 -17.62 -57.24
N ALA F 37 -0.63 -17.81 -56.84
CA ALA F 37 -1.43 -18.96 -57.26
C ALA F 37 -1.53 -19.09 -58.79
N LEU F 38 -1.86 -17.98 -59.45
CA LEU F 38 -2.04 -17.94 -60.90
C LEU F 38 -0.73 -18.06 -61.66
N SER F 39 0.35 -17.58 -61.04
CA SER F 39 1.70 -17.76 -61.59
C SER F 39 2.25 -19.11 -61.13
N GLY F 40 1.50 -19.75 -60.24
CA GLY F 40 2.07 -20.72 -59.32
C GLY F 40 1.82 -22.19 -59.53
N TYR F 41 2.11 -23.01 -58.50
CA TYR F 41 2.60 -22.60 -57.15
C TYR F 41 1.50 -22.05 -56.21
N GLY F 42 0.97 -22.92 -55.35
CA GLY F 42 -0.04 -22.55 -54.37
C GLY F 42 -1.41 -23.11 -54.71
N ASN F 43 -2.03 -23.79 -53.74
CA ASN F 43 -3.38 -24.31 -53.91
C ASN F 43 -4.25 -24.22 -52.64
N GLU F 44 -3.77 -23.46 -51.66
CA GLU F 44 -4.56 -23.11 -50.49
C GLU F 44 -4.23 -21.68 -50.05
N ILE F 45 -5.26 -20.91 -49.70
CA ILE F 45 -5.10 -19.59 -49.12
C ILE F 45 -5.98 -19.47 -47.87
N ASN F 46 -5.34 -19.31 -46.72
CA ASN F 46 -6.05 -19.21 -45.43
C ASN F 46 -6.08 -17.78 -44.90
N VAL F 47 -7.29 -17.31 -44.58
CA VAL F 47 -7.47 -15.99 -43.97
C VAL F 47 -8.07 -16.17 -42.58
N THR F 48 -7.46 -15.52 -41.60
CA THR F 48 -7.89 -15.69 -40.21
C THR F 48 -8.01 -14.35 -39.50
N ILE F 49 -9.18 -14.10 -38.92
CA ILE F 49 -9.38 -13.00 -37.98
C ILE F 49 -9.06 -13.56 -36.61
N GLN F 50 -7.94 -13.15 -36.04
CA GLN F 50 -7.52 -13.60 -34.72
C GLN F 50 -8.28 -12.86 -33.63
N LYS F 51 -8.06 -13.25 -32.37
CA LYS F 51 -8.83 -12.70 -31.23
C LYS F 51 -8.55 -11.21 -30.96
N ASP F 52 -7.32 -10.77 -31.27
CA ASP F 52 -6.89 -9.39 -31.04
C ASP F 52 -7.17 -8.45 -32.22
N ASN F 53 -8.10 -8.86 -33.09
CA ASN F 53 -8.44 -8.13 -34.33
C ASN F 53 -7.29 -8.01 -35.36
N SER F 54 -6.34 -8.93 -35.29
CA SER F 54 -5.27 -8.99 -36.29
C SER F 54 -5.65 -9.99 -37.38
N ILE F 55 -5.09 -9.80 -38.57
CA ILE F 55 -5.37 -10.68 -39.70
C ILE F 55 -4.14 -11.53 -40.04
N CYS F 56 -4.36 -12.81 -40.29
CA CYS F 56 -3.33 -13.68 -40.84
C CYS F 56 -3.75 -14.16 -42.23
N VAL F 57 -2.89 -13.91 -43.21
CA VAL F 57 -3.10 -14.38 -44.58
C VAL F 57 -1.95 -15.31 -44.94
N ALA F 58 -2.27 -16.60 -45.09
CA ALA F 58 -1.26 -17.63 -45.34
C ALA F 58 -1.49 -18.36 -46.67
N ASP F 59 -0.41 -18.51 -47.45
CA ASP F 59 -0.47 -19.26 -48.71
C ASP F 59 0.52 -20.43 -48.75
N SER F 60 0.45 -21.22 -49.84
CA SER F 60 1.30 -22.40 -50.02
C SER F 60 2.10 -22.30 -51.32
N GLY F 61 2.61 -21.10 -51.59
CA GLY F 61 3.36 -20.85 -52.81
C GLY F 61 4.83 -21.18 -52.66
N ARG F 62 5.67 -20.55 -53.49
CA ARG F 62 7.11 -20.75 -53.45
C ARG F 62 7.76 -20.21 -52.18
N GLY F 63 7.11 -19.22 -51.56
CA GLY F 63 7.68 -18.51 -50.43
C GLY F 63 8.58 -17.40 -50.94
N MET F 64 8.47 -16.22 -50.33
CA MET F 64 9.25 -15.05 -50.77
C MET F 64 10.75 -15.28 -50.78
N PRO F 65 11.45 -14.80 -51.83
CA PRO F 65 12.90 -14.91 -51.92
C PRO F 65 13.59 -14.29 -50.71
N THR F 66 14.58 -15.00 -50.19
CA THR F 66 15.27 -14.61 -48.96
C THR F 66 16.67 -14.06 -49.23
N GLY F 67 16.95 -13.74 -50.49
CA GLY F 67 18.27 -13.25 -50.90
C GLY F 67 18.55 -11.81 -50.53
N MET F 68 19.24 -11.10 -51.43
CA MET F 68 19.65 -9.72 -51.19
C MET F 68 19.39 -8.86 -52.44
N HIS F 69 18.86 -7.66 -52.22
CA HIS F 69 18.52 -6.74 -53.31
C HIS F 69 19.76 -6.05 -53.85
N ALA F 70 19.59 -5.28 -54.93
CA ALA F 70 20.65 -4.44 -55.48
C ALA F 70 21.29 -3.59 -54.39
N SER F 71 20.46 -2.98 -53.55
CA SER F 71 20.91 -2.39 -52.30
C SER F 71 21.05 -3.50 -51.26
N GLY F 72 22.07 -3.40 -50.42
CA GLY F 72 22.41 -4.47 -49.47
C GLY F 72 21.42 -4.71 -48.34
N ILE F 73 20.15 -4.86 -48.71
CA ILE F 73 19.08 -5.23 -47.77
C ILE F 73 18.22 -6.36 -48.37
N PRO F 74 17.73 -7.28 -47.51
CA PRO F 74 16.97 -8.45 -47.97
C PRO F 74 15.76 -8.10 -48.86
N THR F 75 15.44 -9.00 -49.80
CA THR F 75 14.33 -8.80 -50.74
C THR F 75 13.00 -8.60 -50.01
N VAL F 76 12.80 -9.37 -48.95
CA VAL F 76 11.61 -9.30 -48.09
C VAL F 76 11.40 -7.89 -47.54
N GLU F 77 12.49 -7.23 -47.18
CA GLU F 77 12.44 -5.89 -46.61
C GLU F 77 11.99 -4.88 -47.65
N VAL F 78 12.58 -4.97 -48.85
CA VAL F 78 12.27 -4.06 -49.96
C VAL F 78 10.79 -4.09 -50.35
N ILE F 79 10.25 -5.30 -50.42
CA ILE F 79 8.83 -5.52 -50.73
C ILE F 79 7.93 -4.85 -49.70
N PHE F 80 8.31 -4.92 -48.43
CA PHE F 80 7.48 -4.41 -47.34
C PHE F 80 7.78 -2.97 -46.89
N THR F 81 8.86 -2.38 -47.39
CA THR F 81 9.25 -1.02 -46.98
C THR F 81 9.35 0.00 -48.12
N VAL F 82 9.60 -0.47 -49.33
CA VAL F 82 9.75 0.43 -50.48
C VAL F 82 8.58 0.26 -51.44
N LEU F 83 8.24 1.34 -52.16
CA LEU F 83 7.09 1.32 -53.08
C LEU F 83 7.43 1.19 -54.58
N HIS F 84 8.31 2.01 -55.16
CA HIS F 84 9.16 3.00 -54.50
C HIS F 84 8.40 4.19 -53.97
N HIS F 101 7.26 -5.94 -57.56
CA HIS F 101 7.18 -7.39 -57.48
C HIS F 101 6.11 -7.86 -56.53
N GLY F 102 5.86 -7.07 -55.49
CA GLY F 102 4.84 -7.39 -54.48
C GLY F 102 3.99 -6.20 -54.11
N VAL F 103 3.30 -5.66 -55.12
CA VAL F 103 2.46 -4.46 -54.98
C VAL F 103 1.47 -4.57 -53.82
N GLY F 104 1.33 -3.47 -53.06
CA GLY F 104 0.35 -3.38 -51.98
C GLY F 104 0.84 -3.85 -50.63
N ALA F 105 1.95 -4.57 -50.61
CA ALA F 105 2.53 -5.10 -49.38
C ALA F 105 3.09 -3.99 -48.49
N SER F 106 3.83 -3.06 -49.08
CA SER F 106 4.45 -1.96 -48.36
C SER F 106 3.42 -0.96 -47.82
N VAL F 107 2.27 -0.88 -48.50
CA VAL F 107 1.16 -0.02 -48.09
C VAL F 107 0.54 -0.52 -46.78
N VAL F 108 0.30 -1.83 -46.72
CA VAL F 108 -0.29 -2.49 -45.55
C VAL F 108 0.63 -2.39 -44.33
N ASN F 109 1.93 -2.58 -44.57
CA ASN F 109 2.93 -2.51 -43.52
C ASN F 109 2.96 -1.12 -42.87
N ALA F 110 2.92 -0.09 -43.70
CA ALA F 110 2.95 1.30 -43.24
C ALA F 110 1.70 1.69 -42.44
N LEU F 111 0.60 1.01 -42.69
CA LEU F 111 -0.67 1.32 -42.03
C LEU F 111 -1.02 0.30 -40.95
N SER F 112 -0.07 -0.58 -40.65
CA SER F 112 -0.21 -1.52 -39.55
C SER F 112 0.69 -1.12 -38.40
N LYS F 113 0.21 -1.36 -37.18
CA LYS F 113 1.02 -1.20 -35.96
C LYS F 113 2.19 -2.18 -35.96
N TRP F 114 1.89 -3.44 -36.22
CA TRP F 114 2.93 -4.45 -36.41
C TRP F 114 2.59 -5.40 -37.53
N LEU F 115 3.63 -6.00 -38.09
CA LEU F 115 3.49 -6.97 -39.17
C LEU F 115 4.67 -7.93 -39.15
N GLU F 116 4.38 -9.21 -39.03
CA GLU F 116 5.40 -10.24 -39.23
C GLU F 116 5.05 -11.21 -40.35
N VAL F 117 6.07 -11.57 -41.11
CA VAL F 117 5.92 -12.50 -42.22
C VAL F 117 6.79 -13.76 -42.02
N HIS F 118 6.15 -14.93 -42.15
CA HIS F 118 6.83 -16.21 -42.07
C HIS F 118 7.01 -16.81 -43.45
N ILE F 119 8.23 -17.25 -43.75
CA ILE F 119 8.57 -17.83 -45.06
C ILE F 119 9.10 -19.26 -44.89
N VAL F 120 8.62 -20.16 -45.74
CA VAL F 120 9.15 -21.52 -45.82
C VAL F 120 9.66 -21.77 -47.25
N ARG F 121 10.96 -22.00 -47.37
CA ARG F 121 11.59 -22.31 -48.64
C ARG F 121 12.50 -23.53 -48.52
N ASP F 122 12.09 -24.62 -49.17
CA ASP F 122 12.84 -25.90 -49.20
C ASP F 122 13.20 -26.45 -47.81
N GLY F 123 12.22 -26.47 -46.91
CA GLY F 123 12.41 -27.07 -45.58
C GLY F 123 12.83 -26.12 -44.47
N VAL F 124 13.59 -25.09 -44.81
CA VAL F 124 14.09 -24.10 -43.84
C VAL F 124 13.17 -22.88 -43.71
N GLU F 125 12.93 -22.43 -42.48
CA GLU F 125 11.95 -21.38 -42.18
C GLU F 125 12.56 -20.02 -41.80
N TYR F 126 12.13 -18.98 -42.50
CA TYR F 126 12.61 -17.60 -42.28
C TYR F 126 11.51 -16.71 -41.67
N MET F 127 11.89 -15.52 -41.21
CA MET F 127 10.97 -14.64 -40.48
C MET F 127 11.46 -13.18 -40.43
N GLU F 128 10.52 -12.24 -40.34
CA GLU F 128 10.83 -10.82 -40.06
C GLU F 128 9.63 -10.06 -39.50
N ARG F 129 9.84 -9.36 -38.40
CA ARG F 129 8.80 -8.52 -37.77
C ARG F 129 9.02 -7.03 -38.08
N PHE F 130 7.90 -6.32 -38.26
CA PHE F 130 7.90 -4.87 -38.48
C PHE F 130 6.99 -4.23 -37.45
N GLU F 131 7.31 -3.00 -37.05
CA GLU F 131 6.51 -2.29 -36.06
C GLU F 131 6.36 -0.81 -36.39
N ASP F 132 5.33 -0.20 -35.79
CA ASP F 132 5.13 1.26 -35.79
C ASP F 132 5.23 1.92 -37.17
N GLY F 133 4.44 1.43 -38.11
CA GLY F 133 4.38 2.00 -39.46
C GLY F 133 5.38 1.42 -40.43
N GLY F 134 5.83 0.19 -40.16
CA GLY F 134 6.73 -0.53 -41.08
C GLY F 134 8.22 -0.42 -40.80
N LYS F 135 8.57 -0.09 -39.55
CA LYS F 135 9.97 -0.03 -39.16
C LYS F 135 10.49 -1.43 -38.84
N PRO F 136 11.55 -1.86 -39.54
CA PRO F 136 12.05 -3.23 -39.40
C PRO F 136 12.76 -3.48 -38.07
N VAL F 137 12.28 -4.46 -37.32
CA VAL F 137 12.98 -4.93 -36.13
C VAL F 137 14.11 -5.86 -36.57
N GLY F 138 15.32 -5.31 -36.62
CA GLY F 138 16.47 -6.02 -37.18
C GLY F 138 16.31 -6.22 -38.68
N THR F 139 16.50 -7.46 -39.12
CA THR F 139 16.24 -7.85 -40.51
C THR F 139 15.62 -9.25 -40.59
N LEU F 140 15.73 -9.87 -41.76
CA LEU F 140 15.22 -11.21 -42.02
C LEU F 140 16.05 -12.27 -41.28
N LYS F 141 15.40 -12.97 -40.35
CA LYS F 141 16.05 -13.97 -39.52
C LYS F 141 15.64 -15.41 -39.85
N LYS F 142 16.64 -16.27 -40.02
CA LYS F 142 16.45 -17.70 -40.23
C LYS F 142 16.14 -18.37 -38.88
N ILE F 143 14.99 -19.04 -38.80
CA ILE F 143 14.57 -19.74 -37.57
C ILE F 143 15.24 -21.10 -37.44
N GLY F 144 14.99 -21.97 -38.40
CA GLY F 144 15.50 -23.35 -38.38
C GLY F 144 14.87 -24.17 -39.49
N LYS F 145 14.67 -25.46 -39.21
CA LYS F 145 14.09 -26.36 -40.20
C LYS F 145 12.72 -26.85 -39.74
N THR F 146 11.80 -27.02 -40.70
CA THR F 146 10.49 -27.62 -40.44
C THR F 146 10.10 -28.63 -41.50
N LYS F 147 9.10 -29.45 -41.18
CA LYS F 147 8.59 -30.48 -42.08
C LYS F 147 7.55 -29.90 -43.04
N LYS F 148 6.88 -28.83 -42.61
CA LYS F 148 5.77 -28.23 -43.37
C LYS F 148 6.19 -27.63 -44.72
N ARG F 149 5.22 -27.56 -45.63
CA ARG F 149 5.49 -27.21 -47.04
C ARG F 149 5.72 -25.73 -47.30
N ASN F 150 6.26 -25.44 -48.48
CA ASN F 150 6.61 -24.08 -48.89
C ASN F 150 5.42 -23.12 -48.92
N GLY F 151 5.68 -21.85 -48.65
CA GLY F 151 4.64 -20.83 -48.63
C GLY F 151 5.05 -19.56 -47.92
N THR F 152 4.08 -18.65 -47.79
CA THR F 152 4.28 -17.37 -47.11
C THR F 152 3.04 -17.10 -46.27
N SER F 153 3.24 -16.49 -45.10
CA SER F 153 2.12 -16.08 -44.24
C SER F 153 2.39 -14.70 -43.68
N VAL F 154 1.46 -13.77 -43.90
CA VAL F 154 1.57 -12.42 -43.38
C VAL F 154 0.51 -12.18 -42.30
N THR F 155 0.96 -11.71 -41.15
CA THR F 155 0.09 -11.35 -40.03
C THR F 155 0.28 -9.87 -39.74
N PHE F 156 -0.83 -9.14 -39.62
CA PHE F 156 -0.78 -7.71 -39.36
C PHE F 156 -1.94 -7.23 -38.50
N LEU F 157 -1.67 -6.22 -37.67
CA LEU F 157 -2.70 -5.51 -36.94
C LEU F 157 -2.76 -4.06 -37.42
N PRO F 158 -3.90 -3.65 -38.00
CA PRO F 158 -4.05 -2.28 -38.51
C PRO F 158 -3.88 -1.22 -37.42
N ASP F 159 -3.20 -0.14 -37.77
CA ASP F 159 -2.95 0.98 -36.86
C ASP F 159 -4.24 1.74 -36.56
N ASP F 160 -4.65 1.74 -35.29
CA ASP F 160 -5.91 2.39 -34.89
C ASP F 160 -5.82 3.91 -34.80
N THR F 161 -4.61 4.46 -34.88
CA THR F 161 -4.42 5.90 -34.95
C THR F 161 -4.66 6.40 -36.38
N ILE F 162 -4.63 5.45 -37.33
CA ILE F 162 -4.90 5.74 -38.75
C ILE F 162 -6.35 5.43 -39.10
N PHE F 163 -6.84 4.29 -38.64
CA PHE F 163 -8.19 3.83 -38.98
C PHE F 163 -9.23 4.23 -37.95
N SER F 164 -10.39 4.68 -38.43
CA SER F 164 -11.49 5.09 -37.55
C SER F 164 -12.27 3.90 -37.00
N THR F 165 -11.93 2.70 -37.47
CA THR F 165 -12.51 1.44 -37.00
C THR F 165 -11.54 0.28 -37.20
N THR F 166 -11.60 -0.72 -36.33
CA THR F 166 -10.75 -1.89 -36.42
C THR F 166 -11.56 -3.20 -36.35
N ASN F 167 -12.88 -3.08 -36.29
CA ASN F 167 -13.77 -4.23 -36.25
C ASN F 167 -14.01 -4.78 -37.65
N PHE F 168 -13.42 -5.95 -37.92
CA PHE F 168 -13.56 -6.61 -39.23
C PHE F 168 -14.92 -7.29 -39.37
N SER F 169 -15.51 -7.14 -40.54
CA SER F 169 -16.78 -7.78 -40.86
C SER F 169 -16.55 -9.15 -41.48
N TYR F 170 -17.05 -10.18 -40.80
CA TYR F 170 -16.96 -11.55 -41.25
C TYR F 170 -17.63 -11.70 -42.62
N GLU F 171 -18.87 -11.21 -42.72
CA GLU F 171 -19.68 -11.32 -43.94
C GLU F 171 -19.06 -10.60 -45.14
N ILE F 172 -18.61 -9.37 -44.94
CA ILE F 172 -17.97 -8.58 -46.00
C ILE F 172 -16.72 -9.29 -46.52
N LEU F 173 -15.90 -9.80 -45.59
CA LEU F 173 -14.69 -10.53 -45.94
C LEU F 173 -15.03 -11.85 -46.61
N ALA F 174 -16.06 -12.52 -46.12
CA ALA F 174 -16.52 -13.78 -46.70
C ALA F 174 -16.99 -13.57 -48.14
N GLU F 175 -17.78 -12.52 -48.37
CA GLU F 175 -18.36 -12.24 -49.68
C GLU F 175 -17.29 -11.99 -50.75
N ARG F 176 -16.30 -11.14 -50.41
CA ARG F 176 -15.27 -10.78 -51.40
C ARG F 176 -14.15 -11.83 -51.52
N LEU F 177 -13.96 -12.65 -50.49
CA LEU F 177 -13.01 -13.75 -50.57
C LEU F 177 -13.53 -14.90 -51.44
N ARG F 178 -14.85 -15.01 -51.53
CA ARG F 178 -15.48 -15.92 -52.48
C ARG F 178 -15.25 -15.43 -53.91
N GLU F 179 -15.21 -14.12 -54.08
CA GLU F 179 -14.97 -13.51 -55.40
C GLU F 179 -13.55 -13.75 -55.91
N SER F 180 -12.59 -13.80 -54.99
CA SER F 180 -11.21 -14.14 -55.32
C SER F 180 -11.09 -15.63 -55.65
N ALA F 181 -11.92 -16.43 -55.00
CA ALA F 181 -11.99 -17.87 -55.26
C ALA F 181 -12.56 -18.18 -56.64
N PHE F 182 -13.33 -17.25 -57.20
CA PHE F 182 -13.91 -17.40 -58.53
C PHE F 182 -12.85 -17.32 -59.62
N LEU F 183 -11.77 -16.60 -59.33
CA LEU F 183 -10.66 -16.40 -60.25
C LEU F 183 -9.80 -17.66 -60.43
N LEU F 184 -9.95 -18.59 -59.49
CA LEU F 184 -8.97 -19.65 -59.32
C LEU F 184 -9.54 -21.05 -59.48
N LYS F 185 -8.80 -21.88 -60.22
CA LYS F 185 -9.13 -23.29 -60.40
C LYS F 185 -8.25 -24.18 -59.53
N GLY F 186 -8.89 -24.96 -58.66
CA GLY F 186 -8.18 -25.92 -57.82
C GLY F 186 -7.39 -25.31 -56.66
N VAL F 187 -7.91 -24.23 -56.10
CA VAL F 187 -7.31 -23.63 -54.90
C VAL F 187 -8.37 -23.29 -53.83
N LYS F 188 -8.13 -23.81 -52.64
CA LYS F 188 -9.05 -23.68 -51.51
C LYS F 188 -8.82 -22.35 -50.80
N ILE F 189 -9.82 -21.47 -50.83
CA ILE F 189 -9.78 -20.24 -50.04
C ILE F 189 -10.68 -20.40 -48.81
N THR F 190 -10.08 -20.24 -47.63
CA THR F 190 -10.80 -20.35 -46.37
C THR F 190 -10.75 -19.04 -45.60
N LEU F 191 -11.81 -18.77 -44.84
CA LEU F 191 -11.85 -17.63 -43.94
C LEU F 191 -12.34 -18.09 -42.57
N THR F 192 -11.52 -17.83 -41.54
CA THR F 192 -11.81 -18.29 -40.18
C THR F 192 -11.86 -17.12 -39.21
N ASP F 193 -12.97 -17.01 -38.48
CA ASP F 193 -13.10 -16.04 -37.39
C ASP F 193 -12.84 -16.75 -36.08
N GLU F 194 -12.16 -16.07 -35.17
CA GLU F 194 -11.69 -16.67 -33.93
C GLU F 194 -11.82 -15.66 -32.78
N ARG F 195 -12.94 -14.93 -32.75
CA ARG F 195 -13.05 -13.70 -31.95
C ARG F 195 -13.74 -13.71 -30.58
N GLY F 196 -14.76 -14.54 -30.33
CA GLY F 196 -15.19 -15.64 -31.19
C GLY F 196 -15.08 -16.91 -30.37
N GLU F 197 -16.08 -17.12 -29.50
CA GLU F 197 -16.09 -18.27 -28.57
C GLU F 197 -15.83 -19.61 -29.24
N GLU F 198 -16.45 -19.80 -30.41
CA GLU F 198 -16.23 -20.98 -31.23
C GLU F 198 -15.76 -20.55 -32.63
N PRO F 199 -14.77 -21.27 -33.21
CA PRO F 199 -14.27 -20.95 -34.54
C PRO F 199 -15.33 -21.00 -35.64
N LYS F 200 -15.57 -19.87 -36.29
CA LYS F 200 -16.45 -19.79 -37.45
C LYS F 200 -15.60 -19.90 -38.71
N GLU F 201 -16.04 -20.72 -39.67
CA GLU F 201 -15.26 -20.96 -40.88
C GLU F 201 -16.12 -20.98 -42.15
N GLU F 202 -15.59 -20.36 -43.20
CA GLU F 202 -16.18 -20.44 -44.55
C GLU F 202 -15.15 -20.94 -45.56
N VAL F 203 -15.57 -21.88 -46.40
CA VAL F 203 -14.68 -22.47 -47.42
C VAL F 203 -15.21 -22.27 -48.85
N PHE F 204 -14.31 -21.94 -49.76
CA PHE F 204 -14.66 -21.77 -51.19
C PHE F 204 -13.57 -22.38 -52.07
N HIS F 205 -13.96 -23.30 -52.95
CA HIS F 205 -13.05 -23.92 -53.91
C HIS F 205 -13.75 -24.25 -55.19
N TYR F 206 -13.06 -24.05 -56.32
CA TYR F 206 -13.65 -24.33 -57.63
C TYR F 206 -12.71 -25.13 -58.54
N GLU F 207 -13.13 -26.35 -58.86
CA GLU F 207 -12.25 -27.36 -59.43
C GLU F 207 -12.34 -27.47 -60.96
N GLU F 208 -13.57 -27.57 -61.47
CA GLU F 208 -13.82 -27.85 -62.88
C GLU F 208 -13.37 -26.71 -63.77
N GLY G 2 7.87 20.69 13.32
CA GLY G 2 8.10 19.69 14.41
C GLY G 2 8.37 20.35 15.75
N LEU G 3 9.47 19.94 16.39
CA LEU G 3 9.88 20.50 17.68
C LEU G 3 10.43 21.92 17.53
N GLU G 4 10.75 22.28 16.29
CA GLU G 4 11.37 23.58 15.97
C GLU G 4 10.38 24.74 16.14
N ALA G 5 9.12 24.49 15.81
CA ALA G 5 8.07 25.51 15.91
C ALA G 5 7.57 25.70 17.33
N VAL G 6 7.72 24.65 18.15
CA VAL G 6 7.31 24.68 19.56
C VAL G 6 8.21 25.61 20.38
N ARG G 7 9.50 25.59 20.07
CA ARG G 7 10.48 26.46 20.74
C ARG G 7 10.30 27.94 20.37
N LYS G 8 9.72 28.19 19.20
CA LYS G 8 9.44 29.55 18.75
C LYS G 8 8.34 30.20 19.60
N ARG G 9 7.17 29.58 19.63
CA ARG G 9 6.05 30.06 20.42
C ARG G 9 5.63 28.99 21.45
N PRO G 10 6.28 28.99 22.62
CA PRO G 10 5.97 28.01 23.67
C PRO G 10 4.60 28.24 24.31
N GLY G 11 4.19 29.50 24.42
CA GLY G 11 2.91 29.87 25.03
C GLY G 11 1.70 29.40 24.25
N MET G 12 1.94 28.94 23.03
CA MET G 12 0.88 28.41 22.17
C MET G 12 0.83 26.88 22.26
N TYR G 13 1.59 26.31 23.19
CA TYR G 13 1.64 24.87 23.38
C TYR G 13 1.49 24.43 24.84
N ILE G 14 2.15 25.13 25.76
CA ILE G 14 2.07 24.79 27.19
C ILE G 14 1.33 25.82 28.04
N GLY G 15 1.08 26.99 27.47
CA GLY G 15 0.35 28.05 28.16
C GLY G 15 1.18 29.30 28.39
N SER G 16 2.22 29.14 29.21
CA SER G 16 3.12 30.25 29.55
C SER G 16 4.53 29.75 29.81
N THR G 17 5.49 30.66 29.76
CA THR G 17 6.90 30.30 29.92
C THR G 17 7.43 30.52 31.35
N ASP G 18 6.51 30.69 32.31
CA ASP G 18 6.91 30.89 33.72
C ASP G 18 6.67 29.66 34.58
N SER G 19 6.52 29.87 35.89
CA SER G 19 6.35 28.78 36.86
C SER G 19 5.09 27.94 36.64
N ARG G 20 3.99 28.60 36.24
CA ARG G 20 2.73 27.93 35.95
C ARG G 20 2.88 26.94 34.79
N GLY G 21 3.65 27.34 33.77
CA GLY G 21 3.95 26.50 32.63
C GLY G 21 5.09 25.52 32.88
N LEU G 22 5.92 25.80 33.88
CA LEU G 22 7.05 24.94 34.23
C LEU G 22 6.57 23.60 34.78
N HIS G 23 5.56 23.65 35.65
CA HIS G 23 4.99 22.45 36.25
C HIS G 23 4.07 21.75 35.28
N HIS G 24 3.66 22.48 34.25
CA HIS G 24 2.84 21.92 33.16
C HIS G 24 3.60 20.87 32.40
N LEU G 25 4.93 21.03 32.31
CA LEU G 25 5.81 20.03 31.71
C LEU G 25 5.68 18.69 32.43
N VAL G 26 5.67 18.75 33.75
CA VAL G 26 5.53 17.55 34.57
C VAL G 26 4.17 16.90 34.31
N TYR G 27 3.12 17.71 34.20
CA TYR G 27 1.77 17.19 34.02
C TYR G 27 1.57 16.52 32.67
N GLU G 28 2.19 17.06 31.62
CA GLU G 28 2.12 16.49 30.28
C GLU G 28 2.70 15.08 30.19
N ILE G 29 3.68 14.80 31.05
CA ILE G 29 4.29 13.47 31.11
C ILE G 29 3.49 12.52 32.01
N VAL G 30 3.04 13.03 33.15
CA VAL G 30 2.26 12.24 34.11
C VAL G 30 0.91 11.79 33.53
N ASP G 31 0.26 12.66 32.78
CA ASP G 31 -1.02 12.34 32.15
C ASP G 31 -0.93 11.17 31.17
N ASN G 32 0.18 11.10 30.43
CA ASN G 32 0.47 9.96 29.57
C ASN G 32 0.59 8.65 30.34
N ALA G 33 1.14 8.73 31.55
CA ALA G 33 1.27 7.58 32.43
C ALA G 33 -0.07 7.14 33.01
N VAL G 34 -0.96 8.10 33.26
CA VAL G 34 -2.32 7.78 33.75
C VAL G 34 -3.26 7.40 32.60
N ASP G 35 -2.90 7.80 31.39
CA ASP G 35 -3.58 7.36 30.17
C ASP G 35 -3.35 5.86 30.01
N GLU G 36 -2.13 5.44 30.28
CA GLU G 36 -1.74 4.03 30.24
C GLU G 36 -2.38 3.23 31.38
N ALA G 37 -2.68 3.91 32.50
CA ALA G 37 -3.26 3.26 33.67
C ALA G 37 -4.74 2.94 33.54
N LEU G 38 -5.50 3.84 32.89
CA LEU G 38 -6.94 3.66 32.70
C LEU G 38 -7.28 2.65 31.61
N SER G 39 -6.37 2.47 30.67
CA SER G 39 -6.43 1.37 29.71
C SER G 39 -5.52 0.24 30.19
N GLY G 40 -4.86 0.50 31.33
CA GLY G 40 -3.78 -0.36 31.83
C GLY G 40 -4.18 -1.60 32.60
N TYR G 41 -3.21 -2.41 33.02
CA TYR G 41 -1.74 -2.20 32.86
C TYR G 41 -1.16 -1.01 33.63
N GLY G 42 -0.96 -1.18 34.93
CA GLY G 42 -0.35 -0.14 35.76
C GLY G 42 -0.98 0.03 37.13
N ASN G 43 -0.16 -0.06 38.16
CA ASN G 43 -0.61 0.04 39.55
C ASN G 43 0.14 1.08 40.39
N GLU G 44 1.18 1.68 39.80
CA GLU G 44 1.91 2.77 40.46
C GLU G 44 2.58 3.73 39.46
N ILE G 45 2.62 5.00 39.85
CA ILE G 45 3.28 6.06 39.07
C ILE G 45 4.12 6.89 40.01
N ASN G 46 5.43 6.91 39.77
CA ASN G 46 6.36 7.61 40.66
C ASN G 46 6.91 8.86 40.01
N VAL G 47 6.83 9.98 40.72
CA VAL G 47 7.41 11.24 40.26
C VAL G 47 8.50 11.64 41.26
N THR G 48 9.63 12.10 40.74
CA THR G 48 10.77 12.48 41.56
C THR G 48 11.42 13.77 41.07
N ILE G 49 11.59 14.73 41.98
CA ILE G 49 12.38 15.92 41.70
C ILE G 49 13.81 15.63 42.16
N GLN G 50 14.70 15.34 41.21
CA GLN G 50 16.04 14.89 41.52
C GLN G 50 17.02 16.02 41.82
N LYS G 51 18.15 15.66 42.42
CA LYS G 51 19.15 16.60 42.93
C LYS G 51 19.41 17.80 42.02
N ASP G 52 19.57 17.53 40.72
CA ASP G 52 19.95 18.54 39.74
C ASP G 52 18.76 19.08 38.94
N ASN G 53 17.67 19.39 39.64
CA ASN G 53 16.47 20.00 39.03
C ASN G 53 15.79 19.16 37.94
N SER G 54 16.10 17.87 37.90
CA SER G 54 15.51 16.97 36.90
C SER G 54 14.28 16.25 37.45
N ILE G 55 13.38 15.88 36.54
CA ILE G 55 12.13 15.21 36.90
C ILE G 55 12.12 13.79 36.34
N CYS G 56 11.86 12.81 37.20
CA CYS G 56 11.68 11.42 36.74
C CYS G 56 10.26 10.93 36.99
N VAL G 57 9.54 10.68 35.90
CA VAL G 57 8.18 10.12 35.95
C VAL G 57 8.23 8.66 35.50
N ALA G 58 8.10 7.74 36.45
CA ALA G 58 8.19 6.31 36.18
C ALA G 58 6.88 5.60 36.49
N ASP G 59 6.36 4.86 35.51
CA ASP G 59 5.12 4.09 35.69
C ASP G 59 5.38 2.58 35.69
N SER G 60 4.29 1.81 35.56
CA SER G 60 4.37 0.34 35.53
C SER G 60 3.40 -0.24 34.51
N GLY G 61 3.27 0.43 33.37
CA GLY G 61 2.38 -0.01 32.30
C GLY G 61 3.00 -1.07 31.41
N ARG G 62 2.60 -1.09 30.14
CA ARG G 62 3.13 -2.04 29.17
C ARG G 62 4.56 -1.69 28.73
N GLY G 63 4.89 -0.40 28.78
CA GLY G 63 6.14 0.10 28.26
C GLY G 63 5.98 0.50 26.80
N MET G 64 6.67 1.57 26.40
CA MET G 64 6.60 2.08 25.03
C MET G 64 7.01 1.04 23.98
N PRO G 65 6.28 1.01 22.85
CA PRO G 65 6.53 0.03 21.77
C PRO G 65 7.89 0.22 21.08
N THR G 66 8.43 -0.88 20.56
CA THR G 66 9.70 -0.89 19.84
C THR G 66 9.51 -1.38 18.41
N GLY G 67 9.78 -0.50 17.44
CA GLY G 67 9.60 -0.81 16.01
C GLY G 67 9.46 0.44 15.17
N MET G 68 9.73 0.31 13.87
CA MET G 68 9.72 1.47 12.96
C MET G 68 8.33 2.01 12.61
N HIS G 69 8.31 3.20 12.01
CA HIS G 69 7.09 3.90 11.65
C HIS G 69 7.08 4.20 10.17
N ALA G 70 5.99 4.82 9.70
CA ALA G 70 5.83 5.18 8.29
C ALA G 70 6.79 6.28 7.81
N SER G 71 7.77 6.62 8.65
CA SER G 71 8.79 7.61 8.32
C SER G 71 10.21 7.02 8.35
N GLY G 72 10.30 5.75 8.76
CA GLY G 72 11.58 5.04 8.85
C GLY G 72 12.27 5.23 10.20
N ILE G 73 11.50 5.69 11.18
CA ILE G 73 12.00 6.03 12.50
C ILE G 73 11.34 5.13 13.55
N PRO G 74 12.12 4.61 14.53
CA PRO G 74 11.57 3.85 15.67
C PRO G 74 10.47 4.60 16.44
N THR G 75 9.46 3.86 16.90
CA THR G 75 8.25 4.41 17.54
C THR G 75 8.57 5.38 18.69
N VAL G 76 9.46 4.96 19.58
CA VAL G 76 9.89 5.79 20.72
C VAL G 76 10.41 7.15 20.24
N GLU G 77 11.29 7.12 19.24
CA GLU G 77 11.85 8.35 18.65
C GLU G 77 10.77 9.18 17.98
N VAL G 78 9.74 8.53 17.43
CA VAL G 78 8.63 9.20 16.76
C VAL G 78 7.81 10.04 17.75
N ILE G 79 7.30 9.38 18.80
CA ILE G 79 6.45 10.03 19.81
C ILE G 79 7.08 11.30 20.38
N PHE G 80 8.37 11.26 20.66
CA PHE G 80 9.08 12.38 21.27
C PHE G 80 9.51 13.49 20.31
N THR G 81 9.37 13.28 18.99
CA THR G 81 9.89 14.24 18.00
C THR G 81 8.86 14.80 16.99
N VAL G 82 7.84 14.01 16.64
CA VAL G 82 6.89 14.39 15.58
C VAL G 82 5.96 15.55 15.96
N LEU G 83 5.12 15.97 15.01
CA LEU G 83 4.26 17.14 15.16
C LEU G 83 3.38 17.16 16.44
N HIS G 84 2.33 16.33 16.60
CA HIS G 84 1.70 15.37 15.66
C HIS G 84 2.59 14.33 15.03
N HIS G 101 -0.49 6.97 21.18
CA HIS G 101 0.09 8.25 20.78
C HIS G 101 0.18 9.20 21.96
N GLY G 102 1.38 9.32 22.50
CA GLY G 102 1.63 10.17 23.68
C GLY G 102 1.61 11.65 23.38
N VAL G 103 0.45 12.26 23.56
CA VAL G 103 0.25 13.69 23.31
C VAL G 103 0.94 14.52 24.39
N GLY G 104 1.71 15.52 23.97
CA GLY G 104 2.41 16.42 24.88
C GLY G 104 3.83 15.97 25.21
N ALA G 105 4.13 14.71 24.92
CA ALA G 105 5.44 14.13 25.19
C ALA G 105 6.56 14.74 24.35
N SER G 106 6.22 15.17 23.13
CA SER G 106 7.18 15.81 22.24
C SER G 106 7.38 17.28 22.60
N VAL G 107 6.36 17.87 23.23
CA VAL G 107 6.39 19.27 23.66
C VAL G 107 7.37 19.45 24.82
N VAL G 108 7.32 18.53 25.77
CA VAL G 108 8.22 18.53 26.93
C VAL G 108 9.66 18.25 26.49
N ASN G 109 9.80 17.35 25.51
CA ASN G 109 11.09 17.02 24.91
C ASN G 109 11.73 18.22 24.21
N ALA G 110 10.88 19.03 23.58
CA ALA G 110 11.31 20.22 22.86
C ALA G 110 11.83 21.31 23.81
N LEU G 111 11.24 21.39 25.00
CA LEU G 111 11.54 22.47 25.94
C LEU G 111 12.49 22.06 27.07
N SER G 112 13.15 20.92 26.87
CA SER G 112 14.12 20.41 27.84
C SER G 112 15.54 20.39 27.27
N LYS G 113 16.52 20.59 28.14
CA LYS G 113 17.93 20.48 27.77
C LYS G 113 18.31 19.04 27.43
N TRP G 114 17.88 18.11 28.27
CA TRP G 114 18.05 16.68 27.99
C TRP G 114 16.89 15.87 28.50
N LEU G 115 16.47 14.90 27.68
CA LEU G 115 15.38 13.99 28.03
C LEU G 115 15.74 12.57 27.61
N GLU G 116 15.68 11.63 28.54
CA GLU G 116 15.87 10.23 28.21
C GLU G 116 14.83 9.31 28.86
N VAL G 117 14.44 8.28 28.10
CA VAL G 117 13.38 7.35 28.52
C VAL G 117 13.91 5.92 28.57
N HIS G 118 13.64 5.24 29.69
CA HIS G 118 14.08 3.86 29.89
C HIS G 118 12.88 2.93 29.92
N ILE G 119 12.86 1.97 29.00
CA ILE G 119 11.70 1.09 28.79
C ILE G 119 12.02 -0.37 29.11
N VAL G 120 11.10 -1.04 29.80
CA VAL G 120 11.20 -2.47 30.08
C VAL G 120 9.97 -3.21 29.55
N ARG G 121 10.20 -4.20 28.68
CA ARG G 121 9.14 -5.05 28.14
C ARG G 121 9.50 -6.53 28.32
N ASP G 122 8.78 -7.19 29.24
CA ASP G 122 9.03 -8.59 29.63
C ASP G 122 10.28 -8.77 30.48
N GLY G 123 11.44 -8.43 29.92
CA GLY G 123 12.72 -8.53 30.61
C GLY G 123 13.78 -7.66 29.98
N VAL G 124 13.66 -7.45 28.67
CA VAL G 124 14.62 -6.64 27.90
C VAL G 124 14.42 -5.13 28.15
N GLU G 125 15.52 -4.39 28.15
CA GLU G 125 15.50 -2.95 28.43
C GLU G 125 15.96 -2.12 27.24
N TYR G 126 15.35 -0.94 27.08
CA TYR G 126 15.68 0.00 26.01
C TYR G 126 15.88 1.41 26.58
N MET G 127 16.60 2.25 25.83
CA MET G 127 16.77 3.66 26.20
C MET G 127 17.13 4.55 24.99
N GLU G 128 16.76 5.83 25.06
CA GLU G 128 17.07 6.80 24.01
C GLU G 128 17.05 8.23 24.56
N ARG G 129 18.13 8.97 24.30
CA ARG G 129 18.30 10.32 24.82
C ARG G 129 18.14 11.40 23.73
N PHE G 130 17.54 12.53 24.12
CA PHE G 130 17.34 13.67 23.22
C PHE G 130 17.85 14.94 23.91
N GLU G 131 18.75 15.67 23.24
CA GLU G 131 19.39 16.83 23.84
C GLU G 131 19.22 18.13 23.04
N ASP G 132 19.24 19.25 23.74
CA ASP G 132 19.16 20.60 23.16
C ASP G 132 18.02 20.79 22.15
N GLY G 133 16.82 21.06 22.67
CA GLY G 133 15.65 21.27 21.81
C GLY G 133 14.97 20.00 21.34
N GLY G 134 15.45 18.85 21.84
CA GLY G 134 14.85 17.56 21.53
C GLY G 134 15.41 16.87 20.30
N LYS G 135 16.74 16.84 20.19
CA LYS G 135 17.42 16.18 19.07
C LYS G 135 18.10 14.89 19.51
N PRO G 136 17.79 13.76 18.84
CA PRO G 136 18.26 12.43 19.24
C PRO G 136 19.78 12.32 19.30
N VAL G 137 20.30 11.91 20.46
CA VAL G 137 21.72 11.58 20.60
C VAL G 137 21.87 10.08 20.31
N GLY G 138 22.31 9.77 19.10
CA GLY G 138 22.26 8.41 18.59
C GLY G 138 20.84 8.05 18.21
N THR G 139 20.43 6.84 18.54
CA THR G 139 19.07 6.37 18.25
C THR G 139 18.54 5.53 19.43
N LEU G 140 17.39 4.88 19.24
CA LEU G 140 16.83 3.95 20.22
C LEU G 140 17.75 2.74 20.39
N LYS G 141 18.33 2.61 21.57
CA LYS G 141 19.33 1.58 21.84
C LYS G 141 18.83 0.53 22.83
N LYS G 142 19.06 -0.74 22.48
CA LYS G 142 18.74 -1.86 23.35
C LYS G 142 19.96 -2.20 24.21
N ILE G 143 19.84 -1.97 25.51
CA ILE G 143 20.97 -2.15 26.43
C ILE G 143 21.17 -3.62 26.79
N GLY G 144 20.18 -4.21 27.47
CA GLY G 144 20.27 -5.59 27.94
C GLY G 144 18.99 -6.04 28.61
N LYS G 145 19.12 -6.65 29.79
CA LYS G 145 17.95 -7.20 30.51
C LYS G 145 18.09 -7.18 32.03
N THR G 146 17.01 -6.77 32.70
CA THR G 146 16.92 -6.80 34.16
C THR G 146 15.68 -7.56 34.61
N LYS G 147 15.65 -7.95 35.89
CA LYS G 147 14.56 -8.76 36.44
C LYS G 147 13.31 -7.96 36.82
N LYS G 148 13.35 -6.64 36.59
CA LYS G 148 12.23 -5.76 36.93
C LYS G 148 11.06 -5.89 35.94
N ARG G 149 9.86 -5.59 36.43
CA ARG G 149 8.64 -5.67 35.63
C ARG G 149 8.55 -4.56 34.59
N ASN G 150 7.57 -4.68 33.69
CA ASN G 150 7.35 -3.70 32.63
C ASN G 150 7.06 -2.30 33.15
N GLY G 151 7.55 -1.29 32.44
CA GLY G 151 7.32 0.11 32.81
C GLY G 151 8.16 1.11 32.05
N THR G 152 7.54 2.25 31.74
CA THR G 152 8.22 3.37 31.09
C THR G 152 8.72 4.37 32.14
N SER G 153 9.89 4.96 31.88
CA SER G 153 10.50 5.91 32.80
C SER G 153 11.12 7.09 32.05
N VAL G 154 10.46 8.24 32.08
CA VAL G 154 10.94 9.45 31.40
C VAL G 154 11.63 10.38 32.40
N THR G 155 12.78 10.92 32.00
CA THR G 155 13.52 11.87 32.81
C THR G 155 13.86 13.09 31.95
N PHE G 156 13.74 14.28 32.54
CA PHE G 156 14.05 15.53 31.82
C PHE G 156 14.47 16.68 32.73
N LEU G 157 15.39 17.50 32.21
CA LEU G 157 15.72 18.80 32.82
C LEU G 157 15.24 19.90 31.89
N PRO G 158 14.27 20.71 32.34
CA PRO G 158 13.77 21.82 31.53
C PRO G 158 14.89 22.78 31.11
N ASP G 159 14.80 23.26 29.87
CA ASP G 159 15.76 24.23 29.34
C ASP G 159 15.55 25.58 30.02
N ASP G 160 16.59 26.07 30.69
CA ASP G 160 16.51 27.33 31.47
C ASP G 160 16.41 28.60 30.60
N THR G 161 16.72 28.47 29.32
CA THR G 161 16.61 29.58 28.36
C THR G 161 15.14 29.86 28.03
N ILE G 162 14.33 28.82 28.03
CA ILE G 162 12.90 28.92 27.70
C ILE G 162 12.11 29.56 28.84
N PHE G 163 12.46 29.21 30.07
CA PHE G 163 11.64 29.55 31.24
C PHE G 163 12.21 30.67 32.11
N SER G 164 11.32 31.31 32.88
CA SER G 164 11.70 32.28 33.90
C SER G 164 12.52 31.58 34.99
N THR G 165 12.05 30.40 35.39
CA THR G 165 12.68 29.63 36.46
C THR G 165 12.63 28.12 36.17
N THR G 166 13.64 27.40 36.65
CA THR G 166 13.65 25.94 36.60
C THR G 166 13.47 25.38 38.00
N ASN G 167 13.34 26.29 38.96
CA ASN G 167 13.09 25.94 40.35
C ASN G 167 11.66 25.44 40.54
N PHE G 168 11.54 24.15 40.84
CA PHE G 168 10.24 23.52 41.02
C PHE G 168 9.69 23.73 42.44
N SER G 169 8.38 23.73 42.55
CA SER G 169 7.71 23.81 43.84
C SER G 169 7.15 22.45 44.25
N TYR G 170 7.73 21.89 45.31
CA TYR G 170 7.31 20.62 45.87
C TYR G 170 5.84 20.67 46.28
N GLU G 171 5.44 21.79 46.87
CA GLU G 171 4.08 21.99 47.38
C GLU G 171 3.04 22.04 46.24
N ILE G 172 3.35 22.78 45.19
CA ILE G 172 2.46 22.90 44.03
C ILE G 172 2.23 21.54 43.36
N LEU G 173 3.31 20.78 43.18
CA LEU G 173 3.23 19.47 42.53
C LEU G 173 2.43 18.45 43.36
N ALA G 174 2.61 18.49 44.68
CA ALA G 174 1.94 17.57 45.60
C ALA G 174 0.41 17.74 45.57
N GLU G 175 -0.04 18.99 45.43
CA GLU G 175 -1.46 19.29 45.33
C GLU G 175 -2.08 18.73 44.05
N ARG G 176 -1.38 18.94 42.93
CA ARG G 176 -1.87 18.53 41.62
C ARG G 176 -1.79 17.02 41.38
N LEU G 177 -0.75 16.38 41.91
CA LEU G 177 -0.59 14.92 41.77
C LEU G 177 -1.61 14.13 42.60
N ARG G 178 -2.00 14.69 43.74
CA ARG G 178 -3.10 14.13 44.52
C ARG G 178 -4.39 14.22 43.71
N GLU G 179 -4.55 15.32 42.99
CA GLU G 179 -5.71 15.51 42.10
C GLU G 179 -5.75 14.45 41.01
N SER G 180 -4.59 14.00 40.57
CA SER G 180 -4.49 12.92 39.60
C SER G 180 -4.85 11.57 40.22
N ALA G 181 -4.36 11.32 41.43
CA ALA G 181 -4.64 10.08 42.15
C ALA G 181 -6.11 9.93 42.56
N PHE G 182 -6.85 11.05 42.55
CA PHE G 182 -8.30 11.03 42.80
C PHE G 182 -9.03 10.27 41.69
N LEU G 183 -8.60 10.52 40.44
CA LEU G 183 -9.20 9.92 39.25
C LEU G 183 -9.01 8.40 39.17
N LEU G 184 -8.09 7.89 40.01
CA LEU G 184 -7.61 6.53 39.87
C LEU G 184 -7.81 5.67 41.13
N LYS G 185 -8.49 4.55 40.94
CA LYS G 185 -8.58 3.52 41.98
C LYS G 185 -7.62 2.36 41.66
N GLY G 186 -6.93 1.89 42.68
CA GLY G 186 -5.99 0.77 42.54
C GLY G 186 -4.58 1.18 42.14
N VAL G 187 -4.39 2.44 41.80
CA VAL G 187 -3.08 2.95 41.37
C VAL G 187 -2.53 4.02 42.32
N LYS G 188 -1.25 3.85 42.67
CA LYS G 188 -0.57 4.65 43.70
C LYS G 188 0.40 5.67 43.10
N ILE G 189 0.31 6.92 43.55
CA ILE G 189 1.18 7.99 43.05
C ILE G 189 2.09 8.53 44.16
N THR G 190 3.36 8.76 43.83
CA THR G 190 4.36 9.25 44.79
C THR G 190 5.11 10.47 44.25
N LEU G 191 5.51 11.36 45.16
CA LEU G 191 6.32 12.53 44.83
C LEU G 191 7.49 12.60 45.80
N THR G 192 8.72 12.57 45.27
CA THR G 192 9.92 12.59 46.10
C THR G 192 10.80 13.81 45.75
N ASP G 193 11.36 14.44 46.79
CA ASP G 193 12.22 15.60 46.62
C ASP G 193 13.58 15.35 47.25
N GLU G 194 14.63 15.45 46.44
CA GLU G 194 15.99 15.23 46.89
C GLU G 194 16.86 16.44 46.56
N ARG G 195 16.51 17.58 47.15
CA ARG G 195 17.20 18.84 46.84
C ARG G 195 18.10 19.46 47.94
N GLY G 196 18.00 19.02 49.20
CA GLY G 196 17.15 17.93 49.65
C GLY G 196 17.91 17.10 50.67
N GLU G 197 18.01 17.65 51.88
CA GLU G 197 18.70 17.01 53.00
C GLU G 197 18.48 15.50 53.03
N GLU G 198 17.22 15.11 53.19
CA GLU G 198 16.81 13.71 53.16
C GLU G 198 15.61 13.55 52.22
N PRO G 199 15.36 12.32 51.73
CA PRO G 199 14.20 12.07 50.88
C PRO G 199 12.85 12.35 51.57
N LYS G 200 12.21 13.45 51.18
CA LYS G 200 10.85 13.76 51.61
C LYS G 200 9.86 13.37 50.52
N GLU G 201 8.84 12.59 50.88
CA GLU G 201 7.87 12.11 49.89
C GLU G 201 6.40 12.13 50.33
N GLU G 202 5.51 12.18 49.35
CA GLU G 202 4.07 12.06 49.56
C GLU G 202 3.54 10.84 48.83
N VAL G 203 2.56 10.18 49.44
CA VAL G 203 1.88 9.04 48.81
C VAL G 203 0.39 9.28 48.71
N PHE G 204 -0.19 8.92 47.58
CA PHE G 204 -1.63 9.01 47.38
C PHE G 204 -2.19 7.72 46.81
N HIS G 205 -2.96 7.00 47.61
CA HIS G 205 -3.56 5.74 47.20
C HIS G 205 -5.04 5.72 47.51
N TYR G 206 -5.83 5.39 46.50
CA TYR G 206 -7.27 5.23 46.64
C TYR G 206 -7.73 4.08 45.74
N GLU G 207 -8.48 3.10 46.27
CA GLU G 207 -8.70 2.88 47.70
C GLU G 207 -9.13 1.43 47.91
N GLY H 2 -37.20 18.88 -0.37
CA GLY H 2 -36.41 19.69 -1.35
C GLY H 2 -36.55 19.17 -2.76
N LEU H 3 -35.81 18.11 -3.07
CA LEU H 3 -35.82 17.49 -4.40
C LEU H 3 -37.14 16.79 -4.72
N GLU H 4 -37.89 16.43 -3.69
CA GLU H 4 -39.16 15.71 -3.85
C GLU H 4 -40.25 16.62 -4.41
N ALA H 5 -40.16 17.92 -4.13
CA ALA H 5 -41.12 18.90 -4.64
C ALA H 5 -41.11 18.98 -6.17
N VAL H 6 -39.93 18.77 -6.76
CA VAL H 6 -39.77 18.73 -8.22
C VAL H 6 -40.36 17.43 -8.77
N ARG H 7 -40.13 16.32 -8.06
CA ARG H 7 -40.67 15.01 -8.44
C ARG H 7 -42.20 14.97 -8.33
N LYS H 8 -42.74 15.68 -7.35
CA LYS H 8 -44.18 15.78 -7.13
C LYS H 8 -44.83 16.72 -8.14
N ARG H 9 -44.22 17.89 -8.34
CA ARG H 9 -44.72 18.91 -9.26
C ARG H 9 -43.69 19.19 -10.36
N PRO H 10 -43.64 18.33 -11.40
CA PRO H 10 -42.59 18.46 -12.42
C PRO H 10 -42.80 19.62 -13.40
N GLY H 11 -44.06 19.87 -13.79
CA GLY H 11 -44.40 20.95 -14.72
C GLY H 11 -44.12 22.34 -14.17
N MET H 12 -44.00 22.43 -12.84
CA MET H 12 -43.65 23.68 -12.16
C MET H 12 -42.16 24.00 -12.23
N TYR H 13 -41.39 23.14 -12.89
CA TYR H 13 -39.94 23.30 -12.96
C TYR H 13 -39.35 23.21 -14.36
N ILE H 14 -39.74 22.20 -15.13
CA ILE H 14 -39.22 22.02 -16.51
C ILE H 14 -40.23 22.37 -17.61
N GLY H 15 -41.48 22.57 -17.24
CA GLY H 15 -42.52 22.95 -18.20
C GLY H 15 -43.49 21.85 -18.52
N SER H 16 -42.98 20.65 -18.77
CA SER H 16 -43.79 19.47 -19.10
C SER H 16 -42.98 18.19 -18.94
N THR H 17 -43.66 17.05 -18.93
CA THR H 17 -43.00 15.75 -18.77
C THR H 17 -42.89 14.97 -20.08
N ASP H 18 -43.35 15.58 -21.18
CA ASP H 18 -43.27 14.97 -22.50
C ASP H 18 -41.89 15.18 -23.15
N SER H 19 -41.82 15.01 -24.47
CA SER H 19 -40.57 15.15 -25.23
C SER H 19 -39.92 16.53 -25.06
N ARG H 20 -40.74 17.58 -25.08
CA ARG H 20 -40.27 18.96 -24.93
C ARG H 20 -39.55 19.18 -23.60
N GLY H 21 -40.06 18.55 -22.54
CA GLY H 21 -39.44 18.63 -21.21
C GLY H 21 -38.20 17.79 -21.05
N LEU H 22 -38.13 16.68 -21.78
CA LEU H 22 -36.99 15.77 -21.74
C LEU H 22 -35.73 16.46 -22.29
N HIS H 23 -35.91 17.18 -23.38
CA HIS H 23 -34.83 17.91 -24.03
C HIS H 23 -34.42 19.11 -23.22
N HIS H 24 -35.38 19.65 -22.47
CA HIS H 24 -35.15 20.79 -21.58
C HIS H 24 -34.12 20.51 -20.53
N LEU H 25 -34.00 19.26 -20.11
CA LEU H 25 -33.00 18.83 -19.14
C LEU H 25 -31.58 19.08 -19.65
N VAL H 26 -31.38 18.88 -20.95
CA VAL H 26 -30.08 19.09 -21.57
C VAL H 26 -29.74 20.58 -21.61
N TYR H 27 -30.67 21.38 -22.12
CA TYR H 27 -30.48 22.83 -22.24
C TYR H 27 -30.21 23.46 -20.87
N GLU H 28 -30.84 22.90 -19.84
CA GLU H 28 -30.65 23.39 -18.48
C GLU H 28 -29.19 23.20 -18.03
N ILE H 29 -28.63 22.03 -18.31
CA ILE H 29 -27.22 21.75 -18.00
C ILE H 29 -26.27 22.53 -18.90
N VAL H 30 -26.57 22.55 -20.19
CA VAL H 30 -25.76 23.27 -21.18
C VAL H 30 -25.69 24.77 -20.85
N ASP H 31 -26.77 25.31 -20.31
CA ASP H 31 -26.82 26.72 -19.97
C ASP H 31 -25.86 27.11 -18.85
N ASN H 32 -25.65 26.20 -17.90
CA ASN H 32 -24.63 26.39 -16.86
C ASN H 32 -23.22 26.49 -17.46
N ALA H 33 -23.02 25.83 -18.60
CA ALA H 33 -21.75 25.86 -19.31
C ALA H 33 -21.53 27.16 -20.08
N VAL H 34 -22.57 27.63 -20.77
CA VAL H 34 -22.48 28.92 -21.50
C VAL H 34 -22.45 30.10 -20.53
N ASP H 35 -23.06 29.92 -19.36
CA ASP H 35 -22.99 30.87 -18.26
C ASP H 35 -21.54 30.99 -17.78
N GLU H 36 -20.89 29.84 -17.59
CA GLU H 36 -19.50 29.78 -17.16
C GLU H 36 -18.55 30.29 -18.25
N ALA H 37 -18.96 30.17 -19.52
CA ALA H 37 -18.13 30.57 -20.65
C ALA H 37 -18.17 32.07 -20.94
N LEU H 38 -19.35 32.68 -20.85
CA LEU H 38 -19.52 34.10 -21.09
C LEU H 38 -18.87 34.94 -20.00
N SER H 39 -18.98 34.49 -18.75
CA SER H 39 -18.27 35.12 -17.64
C SER H 39 -16.93 34.42 -17.43
N GLY H 40 -16.60 33.50 -18.33
CA GLY H 40 -15.45 32.62 -18.16
C GLY H 40 -14.25 32.86 -19.07
N TYR H 41 -13.29 31.94 -19.09
CA TYR H 41 -13.31 30.61 -18.43
C TYR H 41 -14.07 29.54 -19.24
N GLY H 42 -13.35 28.92 -20.18
CA GLY H 42 -13.92 27.84 -21.01
C GLY H 42 -14.12 28.25 -22.45
N ASN H 43 -13.62 27.42 -23.37
CA ASN H 43 -13.70 27.73 -24.80
C ASN H 43 -14.35 26.65 -25.69
N GLU H 44 -14.81 25.57 -25.07
CA GLU H 44 -15.61 24.55 -25.79
C GLU H 44 -16.60 23.81 -24.90
N ILE H 45 -17.74 23.43 -25.50
CA ILE H 45 -18.78 22.68 -24.81
C ILE H 45 -19.14 21.44 -25.62
N ASN H 46 -19.09 20.27 -24.98
CA ASN H 46 -19.38 19.00 -25.63
C ASN H 46 -20.64 18.34 -25.09
N VAL H 47 -21.62 18.15 -25.96
CA VAL H 47 -22.82 17.39 -25.62
C VAL H 47 -22.77 16.05 -26.35
N THR H 48 -23.06 14.97 -25.61
CA THR H 48 -23.00 13.62 -26.17
C THR H 48 -24.21 12.79 -25.74
N ILE H 49 -24.94 12.28 -26.73
CA ILE H 49 -25.99 11.30 -26.50
C ILE H 49 -25.33 9.93 -26.56
N GLN H 50 -25.46 9.15 -25.47
CA GLN H 50 -24.77 7.87 -25.36
C GLN H 50 -25.71 6.67 -25.56
N LYS H 51 -25.12 5.48 -25.71
CA LYS H 51 -25.83 4.26 -26.10
C LYS H 51 -27.10 3.96 -25.30
N ASP H 52 -27.10 4.29 -24.02
CA ASP H 52 -28.24 4.04 -23.14
C ASP H 52 -29.16 5.25 -22.97
N ASN H 53 -29.16 6.14 -23.96
CA ASN H 53 -29.92 7.40 -23.92
C ASN H 53 -29.61 8.28 -22.71
N SER H 54 -28.34 8.26 -22.30
CA SER H 54 -27.83 9.14 -21.27
C SER H 54 -27.15 10.36 -21.92
N ILE H 55 -27.16 11.49 -21.22
CA ILE H 55 -26.59 12.73 -21.75
C ILE H 55 -25.32 13.12 -21.00
N CYS H 56 -24.27 13.43 -21.76
CA CYS H 56 -23.04 13.97 -21.19
C CYS H 56 -22.77 15.38 -21.71
N VAL H 57 -22.59 16.33 -20.79
CA VAL H 57 -22.25 17.70 -21.11
C VAL H 57 -20.92 18.05 -20.44
N ALA H 58 -19.90 18.36 -21.25
CA ALA H 58 -18.57 18.68 -20.74
C ALA H 58 -18.05 20.02 -21.25
N ASP H 59 -17.45 20.80 -20.35
CA ASP H 59 -16.92 22.13 -20.68
C ASP H 59 -15.44 22.27 -20.33
N SER H 60 -14.81 23.34 -20.83
CA SER H 60 -13.40 23.64 -20.54
C SER H 60 -13.26 24.71 -19.45
N GLY H 61 -14.32 24.92 -18.68
CA GLY H 61 -14.37 26.00 -17.69
C GLY H 61 -13.50 25.83 -16.48
N ARG H 62 -13.76 26.64 -15.45
CA ARG H 62 -13.01 26.63 -14.21
C ARG H 62 -13.07 25.26 -13.52
N GLY H 63 -14.27 24.68 -13.50
CA GLY H 63 -14.56 23.54 -12.67
C GLY H 63 -15.24 24.02 -11.40
N MET H 64 -16.30 23.33 -10.99
CA MET H 64 -17.06 23.71 -9.81
C MET H 64 -16.25 23.53 -8.53
N PRO H 65 -16.30 24.52 -7.61
CA PRO H 65 -15.55 24.50 -6.35
C PRO H 65 -15.79 23.24 -5.52
N THR H 66 -14.71 22.62 -5.07
CA THR H 66 -14.77 21.39 -4.28
C THR H 66 -14.63 21.67 -2.77
N GLY H 67 -14.96 22.89 -2.37
CA GLY H 67 -14.89 23.31 -0.98
C GLY H 67 -16.01 22.73 -0.13
N MET H 68 -15.88 22.87 1.18
CA MET H 68 -16.87 22.36 2.12
C MET H 68 -17.82 23.49 2.54
N HIS H 69 -19.10 23.30 2.27
CA HIS H 69 -20.13 24.29 2.61
C HIS H 69 -20.42 24.26 4.08
N ALA H 70 -20.86 25.41 4.62
CA ALA H 70 -21.16 25.55 6.04
C ALA H 70 -22.46 24.84 6.47
N SER H 71 -22.72 23.68 5.86
CA SER H 71 -23.85 22.83 6.20
C SER H 71 -23.37 21.42 6.54
N GLY H 72 -22.08 21.18 6.30
CA GLY H 72 -21.48 19.85 6.49
C GLY H 72 -21.19 19.20 5.16
N ILE H 73 -22.20 19.17 4.29
CA ILE H 73 -22.10 18.61 2.95
C ILE H 73 -21.28 19.53 2.01
N PRO H 74 -20.52 18.94 1.07
CA PRO H 74 -19.68 19.71 0.15
C PRO H 74 -20.47 20.65 -0.76
N THR H 75 -19.81 21.67 -1.29
CA THR H 75 -20.41 22.68 -2.17
C THR H 75 -21.04 22.05 -3.42
N VAL H 76 -20.35 21.07 -4.00
CA VAL H 76 -20.83 20.38 -5.21
C VAL H 76 -22.19 19.71 -4.97
N GLU H 77 -22.36 19.13 -3.78
CA GLU H 77 -23.60 18.46 -3.41
C GLU H 77 -24.76 19.44 -3.19
N VAL H 78 -24.42 20.67 -2.76
CA VAL H 78 -25.42 21.71 -2.48
C VAL H 78 -26.15 22.16 -3.74
N ILE H 79 -25.41 22.41 -4.82
CA ILE H 79 -25.98 22.90 -6.08
C ILE H 79 -26.95 21.88 -6.73
N PHE H 80 -26.69 20.59 -6.51
CA PHE H 80 -27.50 19.53 -7.10
C PHE H 80 -28.67 19.06 -6.22
N THR H 81 -28.72 19.53 -4.98
CA THR H 81 -29.76 19.08 -4.04
C THR H 81 -30.67 20.20 -3.52
N VAL H 82 -30.15 21.42 -3.45
CA VAL H 82 -30.92 22.57 -2.95
C VAL H 82 -31.54 23.35 -4.10
N LEU H 83 -32.75 23.86 -3.89
CA LEU H 83 -33.58 24.46 -4.95
C LEU H 83 -32.91 25.55 -5.84
N HIS H 84 -32.45 26.67 -5.29
CA HIS H 84 -32.53 27.02 -3.87
C HIS H 84 -33.62 28.02 -3.62
N HIS H 101 -27.10 28.17 -6.50
CA HIS H 101 -26.03 28.82 -7.24
C HIS H 101 -26.25 28.66 -8.72
N GLY H 102 -25.92 27.47 -9.25
CA GLY H 102 -26.13 27.15 -10.65
C GLY H 102 -27.57 26.78 -10.90
N VAL H 103 -28.28 27.66 -11.61
CA VAL H 103 -29.72 27.51 -11.85
C VAL H 103 -30.05 26.32 -12.75
N GLY H 104 -30.85 25.40 -12.21
CA GLY H 104 -31.37 24.26 -12.97
C GLY H 104 -30.71 22.93 -12.68
N ALA H 105 -29.48 22.96 -12.16
CA ALA H 105 -28.70 21.75 -11.90
C ALA H 105 -29.40 20.78 -10.93
N SER H 106 -30.08 21.33 -9.92
CA SER H 106 -30.80 20.53 -8.93
C SER H 106 -32.07 19.89 -9.52
N VAL H 107 -32.69 20.58 -10.47
CA VAL H 107 -33.89 20.09 -11.15
C VAL H 107 -33.57 18.86 -12.00
N VAL H 108 -32.53 18.97 -12.82
CA VAL H 108 -32.08 17.90 -13.70
C VAL H 108 -31.78 16.63 -12.89
N ASN H 109 -31.10 16.80 -11.76
CA ASN H 109 -30.71 15.69 -10.88
C ASN H 109 -31.90 15.00 -10.22
N ALA H 110 -32.92 15.79 -9.90
CA ALA H 110 -34.13 15.27 -9.27
C ALA H 110 -34.95 14.43 -10.26
N LEU H 111 -34.83 14.76 -11.53
CA LEU H 111 -35.59 14.09 -12.59
C LEU H 111 -34.74 13.08 -13.37
N SER H 112 -33.64 12.65 -12.78
CA SER H 112 -32.78 11.63 -13.35
C SER H 112 -32.79 10.36 -12.49
N LYS H 113 -32.63 9.20 -13.15
CA LYS H 113 -32.45 7.93 -12.43
C LYS H 113 -31.06 7.88 -11.80
N TRP H 114 -30.10 8.51 -12.46
CA TRP H 114 -28.78 8.76 -11.89
C TRP H 114 -28.08 9.91 -12.57
N LEU H 115 -27.15 10.52 -11.86
CA LEU H 115 -26.38 11.66 -12.35
C LEU H 115 -25.04 11.72 -11.63
N GLU H 116 -23.97 11.96 -12.38
CA GLU H 116 -22.65 12.13 -11.77
C GLU H 116 -21.84 13.26 -12.41
N VAL H 117 -21.02 13.91 -11.60
CA VAL H 117 -20.25 15.07 -12.04
C VAL H 117 -18.74 14.84 -11.92
N HIS H 118 -18.00 15.33 -12.91
CA HIS H 118 -16.54 15.26 -12.92
C HIS H 118 -15.95 16.64 -13.04
N ILE H 119 -14.99 16.95 -12.16
CA ILE H 119 -14.39 18.28 -12.10
C ILE H 119 -12.87 18.18 -12.21
N VAL H 120 -12.30 19.04 -13.06
CA VAL H 120 -10.83 19.16 -13.17
C VAL H 120 -10.38 20.55 -12.70
N ARG H 121 -9.73 20.57 -11.54
CA ARG H 121 -9.17 21.80 -10.96
C ARG H 121 -7.73 21.56 -10.50
N ASP H 122 -6.84 22.49 -10.82
CA ASP H 122 -5.41 22.44 -10.46
C ASP H 122 -4.64 21.25 -11.09
N GLY H 123 -5.39 20.29 -11.63
CA GLY H 123 -4.81 19.06 -12.16
C GLY H 123 -5.49 17.84 -11.57
N VAL H 124 -5.85 17.94 -10.29
CA VAL H 124 -6.52 16.85 -9.57
C VAL H 124 -8.01 16.71 -9.96
N GLU H 125 -8.45 15.45 -10.12
CA GLU H 125 -9.81 15.15 -10.56
C GLU H 125 -10.74 14.78 -9.40
N TYR H 126 -12.01 15.16 -9.53
CA TYR H 126 -13.01 14.90 -8.48
C TYR H 126 -14.30 14.32 -9.06
N MET H 127 -15.06 13.63 -8.23
CA MET H 127 -16.34 13.03 -8.63
C MET H 127 -17.31 12.86 -7.46
N GLU H 128 -18.60 12.99 -7.78
CA GLU H 128 -19.69 12.57 -6.88
C GLU H 128 -20.85 12.01 -7.70
N ARG H 129 -21.40 10.88 -7.25
CA ARG H 129 -22.52 10.23 -7.94
C ARG H 129 -23.83 10.33 -7.15
N PHE H 130 -24.89 10.74 -7.85
CA PHE H 130 -26.23 10.81 -7.29
C PHE H 130 -27.11 9.76 -7.95
N GLU H 131 -28.14 9.29 -7.24
CA GLU H 131 -29.03 8.24 -7.75
C GLU H 131 -30.49 8.42 -7.33
N ASP H 132 -31.40 7.99 -8.21
CA ASP H 132 -32.84 7.91 -7.94
C ASP H 132 -33.47 9.15 -7.30
N GLY H 133 -33.53 10.24 -8.07
CA GLY H 133 -34.11 11.49 -7.61
C GLY H 133 -33.08 12.45 -7.03
N GLY H 134 -31.80 12.06 -7.11
CA GLY H 134 -30.70 12.91 -6.65
C GLY H 134 -30.18 12.59 -5.26
N LYS H 135 -30.28 11.32 -4.85
CA LYS H 135 -29.76 10.87 -3.57
C LYS H 135 -28.28 10.46 -3.74
N PRO H 136 -27.36 11.16 -3.04
CA PRO H 136 -25.92 10.96 -3.21
C PRO H 136 -25.46 9.57 -2.79
N VAL H 137 -24.49 9.03 -3.52
CA VAL H 137 -23.85 7.75 -3.20
C VAL H 137 -22.56 8.06 -2.44
N GLY H 138 -22.67 8.15 -1.12
CA GLY H 138 -21.56 8.59 -0.28
C GLY H 138 -21.41 10.09 -0.34
N THR H 139 -20.24 10.54 -0.80
CA THR H 139 -19.95 11.97 -0.94
C THR H 139 -18.84 12.24 -1.96
N LEU H 140 -18.49 13.51 -2.13
CA LEU H 140 -17.44 13.94 -3.06
C LEU H 140 -16.10 13.25 -2.79
N LYS H 141 -15.54 12.64 -3.82
CA LYS H 141 -14.31 11.85 -3.70
C LYS H 141 -13.19 12.31 -4.61
N LYS H 142 -11.98 12.41 -4.04
CA LYS H 142 -10.76 12.68 -4.79
C LYS H 142 -10.27 11.38 -5.43
N ILE H 143 -10.02 11.42 -6.73
CA ILE H 143 -9.62 10.22 -7.48
C ILE H 143 -8.11 10.15 -7.71
N GLY H 144 -7.53 11.26 -8.18
CA GLY H 144 -6.11 11.31 -8.54
C GLY H 144 -5.92 12.08 -9.83
N LYS H 145 -4.88 12.91 -9.87
CA LYS H 145 -4.68 13.86 -10.97
C LYS H 145 -4.44 13.20 -12.34
N THR H 146 -4.82 13.91 -13.39
CA THR H 146 -4.59 13.49 -14.78
C THR H 146 -4.02 14.65 -15.59
N LYS H 147 -3.63 14.38 -16.84
CA LYS H 147 -3.00 15.38 -17.70
C LYS H 147 -3.97 16.33 -18.42
N LYS H 148 -5.27 16.04 -18.32
CA LYS H 148 -6.31 16.82 -19.01
C LYS H 148 -6.55 18.20 -18.40
N ARG H 149 -6.92 19.16 -19.25
CA ARG H 149 -7.14 20.55 -18.86
C ARG H 149 -8.35 20.75 -17.94
N ASN H 150 -8.44 21.92 -17.33
CA ASN H 150 -9.53 22.27 -16.41
C ASN H 150 -10.90 22.29 -17.08
N GLY H 151 -11.91 21.83 -16.35
CA GLY H 151 -13.29 21.81 -16.85
C GLY H 151 -14.25 20.92 -16.08
N THR H 152 -15.54 21.20 -16.23
CA THR H 152 -16.60 20.43 -15.57
C THR H 152 -17.26 19.48 -16.57
N SER H 153 -17.83 18.40 -16.06
CA SER H 153 -18.56 17.42 -16.88
C SER H 153 -19.72 16.81 -16.10
N VAL H 154 -20.92 16.92 -16.66
CA VAL H 154 -22.12 16.35 -16.05
C VAL H 154 -22.70 15.26 -16.95
N THR H 155 -22.96 14.10 -16.36
CA THR H 155 -23.56 12.98 -17.08
C THR H 155 -24.78 12.46 -16.33
N PHE H 156 -25.89 12.31 -17.06
CA PHE H 156 -27.16 11.88 -16.44
C PHE H 156 -28.04 11.06 -17.37
N LEU H 157 -28.90 10.25 -16.75
CA LEU H 157 -29.96 9.54 -17.46
C LEU H 157 -31.31 9.95 -16.89
N PRO H 158 -32.18 10.56 -17.73
CA PRO H 158 -33.53 10.95 -17.34
C PRO H 158 -34.34 9.80 -16.74
N ASP H 159 -35.35 10.15 -15.95
CA ASP H 159 -36.17 9.16 -15.27
C ASP H 159 -37.34 8.70 -16.15
N ASP H 160 -37.28 7.43 -16.55
CA ASP H 160 -38.32 6.83 -17.40
C ASP H 160 -39.69 6.72 -16.71
N THR H 161 -39.69 6.85 -15.38
CA THR H 161 -40.95 6.85 -14.60
C THR H 161 -41.58 8.23 -14.58
N ILE H 162 -40.75 9.26 -14.77
CA ILE H 162 -41.20 10.65 -14.81
C ILE H 162 -41.61 11.06 -16.23
N PHE H 163 -40.85 10.60 -17.23
CA PHE H 163 -41.02 11.06 -18.61
C PHE H 163 -41.75 10.09 -19.53
N SER H 164 -42.60 10.65 -20.39
CA SER H 164 -43.36 9.90 -21.41
C SER H 164 -42.40 9.18 -22.37
N THR H 165 -41.40 9.92 -22.85
CA THR H 165 -40.39 9.40 -23.74
C THR H 165 -38.99 9.65 -23.19
N THR H 166 -38.11 8.68 -23.38
CA THR H 166 -36.71 8.82 -22.98
C THR H 166 -35.82 8.83 -24.21
N ASN H 167 -36.45 9.13 -25.36
CA ASN H 167 -35.81 9.06 -26.67
C ASN H 167 -35.47 10.46 -27.21
N PHE H 168 -34.20 10.83 -27.08
CA PHE H 168 -33.72 12.14 -27.50
C PHE H 168 -33.61 12.26 -29.01
N SER H 169 -34.15 13.35 -29.54
CA SER H 169 -34.02 13.68 -30.96
C SER H 169 -32.71 14.41 -31.20
N TYR H 170 -31.93 13.90 -32.16
CA TYR H 170 -30.67 14.49 -32.56
C TYR H 170 -30.87 15.84 -33.24
N GLU H 171 -31.89 15.93 -34.10
CA GLU H 171 -32.22 17.15 -34.83
C GLU H 171 -32.67 18.29 -33.91
N ILE H 172 -33.64 18.02 -33.04
CA ILE H 172 -34.16 19.01 -32.11
C ILE H 172 -33.03 19.58 -31.23
N LEU H 173 -32.14 18.70 -30.78
CA LEU H 173 -30.98 19.12 -29.99
C LEU H 173 -29.96 19.89 -30.82
N ALA H 174 -29.79 19.53 -32.08
CA ALA H 174 -28.85 20.23 -32.98
C ALA H 174 -29.27 21.68 -33.25
N GLU H 175 -30.55 21.89 -33.56
CA GLU H 175 -31.10 23.24 -33.78
C GLU H 175 -30.96 24.13 -32.55
N ARG H 176 -31.22 23.57 -31.37
CA ARG H 176 -31.17 24.34 -30.12
C ARG H 176 -29.74 24.62 -29.65
N LEU H 177 -28.83 23.67 -29.87
CA LEU H 177 -27.43 23.87 -29.49
C LEU H 177 -26.70 24.82 -30.44
N ARG H 178 -27.16 24.88 -31.69
CA ARG H 178 -26.67 25.90 -32.60
C ARG H 178 -27.14 27.27 -32.15
N GLU H 179 -28.37 27.33 -31.64
CA GLU H 179 -28.95 28.57 -31.11
C GLU H 179 -28.19 29.07 -29.88
N SER H 180 -27.73 28.13 -29.05
CA SER H 180 -26.88 28.47 -27.92
C SER H 180 -25.50 28.92 -28.38
N ALA H 181 -25.02 28.34 -29.47
CA ALA H 181 -23.74 28.72 -30.07
C ALA H 181 -23.80 30.10 -30.71
N PHE H 182 -25.00 30.52 -31.10
CA PHE H 182 -25.22 31.86 -31.64
C PHE H 182 -24.90 32.95 -30.62
N LEU H 183 -25.10 32.62 -29.34
CA LEU H 183 -24.90 33.56 -28.24
C LEU H 183 -23.42 33.84 -27.98
N LEU H 184 -22.57 32.97 -28.48
CA LEU H 184 -21.16 32.94 -28.08
C LEU H 184 -20.18 33.39 -29.15
N LYS H 185 -18.99 33.77 -28.70
CA LYS H 185 -17.92 34.20 -29.58
C LYS H 185 -16.61 33.49 -29.23
N GLY H 186 -16.04 32.82 -30.22
CA GLY H 186 -14.77 32.10 -30.07
C GLY H 186 -14.82 30.86 -29.18
N VAL H 187 -16.01 30.27 -29.06
CA VAL H 187 -16.22 29.05 -28.26
C VAL H 187 -17.04 28.02 -29.03
N LYS H 188 -16.56 26.78 -29.01
CA LYS H 188 -17.09 25.70 -29.84
C LYS H 188 -18.12 24.86 -29.11
N ILE H 189 -19.22 24.54 -29.80
CA ILE H 189 -20.25 23.65 -29.26
C ILE H 189 -20.45 22.44 -30.18
N THR H 190 -20.32 21.24 -29.61
CA THR H 190 -20.42 20.01 -30.37
C THR H 190 -21.54 19.11 -29.85
N LEU H 191 -22.28 18.51 -30.78
CA LEU H 191 -23.26 17.47 -30.47
C LEU H 191 -22.80 16.16 -31.11
N THR H 192 -22.80 15.09 -30.33
CA THR H 192 -22.40 13.76 -30.82
C THR H 192 -23.43 12.69 -30.44
N ASP H 193 -23.86 11.90 -31.41
CA ASP H 193 -24.80 10.83 -31.18
C ASP H 193 -24.13 9.47 -31.34
N GLU H 194 -24.13 8.68 -30.27
CA GLU H 194 -23.44 7.38 -30.26
C GLU H 194 -24.40 6.19 -30.31
N ARG H 195 -25.62 6.44 -30.79
CA ARG H 195 -26.60 5.38 -31.00
C ARG H 195 -27.19 5.42 -32.41
N GLY H 196 -26.71 4.56 -33.29
CA GLY H 196 -25.62 3.62 -33.01
C GLY H 196 -24.77 3.33 -34.23
N GLU H 197 -24.08 2.20 -34.22
CA GLU H 197 -23.19 1.76 -35.31
C GLU H 197 -22.05 2.74 -35.60
N GLU H 198 -22.38 3.85 -36.25
CA GLU H 198 -21.40 4.91 -36.52
C GLU H 198 -21.87 6.24 -35.91
N PRO H 199 -20.96 6.94 -35.21
CA PRO H 199 -21.31 8.20 -34.57
C PRO H 199 -21.46 9.36 -35.56
N LYS H 200 -22.43 10.23 -35.30
CA LYS H 200 -22.60 11.45 -36.12
C LYS H 200 -22.37 12.71 -35.28
N GLU H 201 -21.89 13.77 -35.93
CA GLU H 201 -21.46 14.97 -35.22
C GLU H 201 -21.78 16.27 -35.96
N GLU H 202 -22.30 17.25 -35.22
CA GLU H 202 -22.46 18.62 -35.72
C GLU H 202 -21.59 19.57 -34.89
N VAL H 203 -20.96 20.53 -35.54
CA VAL H 203 -20.07 21.50 -34.87
C VAL H 203 -20.42 22.93 -35.20
N PHE H 204 -20.52 23.77 -34.17
CA PHE H 204 -20.84 25.19 -34.35
C PHE H 204 -19.86 26.09 -33.59
N HIS H 205 -19.26 27.04 -34.31
CA HIS H 205 -18.38 28.05 -33.72
C HIS H 205 -18.45 29.32 -34.52
N TYR H 206 -18.30 30.46 -33.84
CA TYR H 206 -18.37 31.77 -34.51
C TYR H 206 -17.34 32.74 -33.95
N GLU H 207 -16.84 33.63 -34.81
CA GLU H 207 -15.72 34.51 -34.49
C GLU H 207 -16.14 35.94 -34.07
N GLU H 208 -15.16 36.83 -33.93
CA GLU H 208 -15.35 38.23 -33.52
C GLU H 208 -15.77 38.37 -32.06
N GLY I 2 -27.90 41.96 33.37
CA GLY I 2 -27.64 40.52 33.70
C GLY I 2 -26.36 40.00 33.09
N LEU I 3 -26.29 40.07 31.76
CA LEU I 3 -25.09 39.66 31.01
C LEU I 3 -24.10 40.83 30.91
N GLU I 4 -24.51 41.99 31.42
CA GLU I 4 -23.69 43.20 31.39
C GLU I 4 -22.60 43.16 32.45
N ALA I 5 -22.92 42.61 33.62
CA ALA I 5 -21.98 42.48 34.73
C ALA I 5 -20.76 41.65 34.31
N VAL I 6 -21.02 40.60 33.53
CA VAL I 6 -19.98 39.72 33.00
C VAL I 6 -19.08 40.48 32.01
N ARG I 7 -19.68 41.35 31.21
CA ARG I 7 -18.92 42.17 30.26
C ARG I 7 -18.14 43.27 30.97
N LYS I 8 -18.70 43.77 32.07
CA LYS I 8 -18.05 44.78 32.90
C LYS I 8 -16.76 44.26 33.54
N ARG I 9 -16.90 43.25 34.41
CA ARG I 9 -15.73 42.61 35.05
C ARG I 9 -15.69 41.11 34.75
N PRO I 10 -15.17 40.74 33.56
CA PRO I 10 -15.12 39.33 33.16
C PRO I 10 -14.23 38.48 34.06
N GLY I 11 -13.25 39.12 34.71
CA GLY I 11 -12.34 38.44 35.62
C GLY I 11 -13.01 37.87 36.85
N MET I 12 -14.25 38.28 37.08
CA MET I 12 -15.06 37.77 38.19
C MET I 12 -15.89 36.55 37.80
N TYR I 13 -15.77 36.13 36.54
CA TYR I 13 -16.61 35.04 36.02
C TYR I 13 -15.83 33.97 35.26
N ILE I 14 -14.69 34.34 34.68
CA ILE I 14 -13.84 33.37 33.98
C ILE I 14 -12.38 33.37 34.46
N GLY I 15 -12.01 34.34 35.28
CA GLY I 15 -10.67 34.42 35.85
C GLY I 15 -9.82 35.53 35.28
N SER I 16 -9.64 35.51 33.95
CA SER I 16 -8.83 36.50 33.23
C SER I 16 -9.23 36.56 31.76
N THR I 17 -8.77 37.58 31.05
CA THR I 17 -9.10 37.76 29.63
C THR I 17 -7.93 37.45 28.69
N ASP I 18 -6.97 36.68 29.20
CA ASP I 18 -5.83 36.24 28.41
C ASP I 18 -6.11 34.90 27.74
N SER I 19 -5.06 34.15 27.43
CA SER I 19 -5.19 32.82 26.84
C SER I 19 -5.95 31.86 27.76
N ARG I 20 -5.63 31.92 29.05
CA ARG I 20 -6.29 31.09 30.06
C ARG I 20 -7.81 31.25 30.04
N GLY I 21 -8.29 32.49 30.04
CA GLY I 21 -9.72 32.78 30.03
C GLY I 21 -10.42 32.36 28.75
N LEU I 22 -9.74 32.55 27.62
CA LEU I 22 -10.24 32.15 26.31
C LEU I 22 -10.51 30.64 26.24
N HIS I 23 -9.52 29.85 26.64
CA HIS I 23 -9.64 28.40 26.63
C HIS I 23 -10.57 27.89 27.68
N HIS I 24 -10.82 28.71 28.70
CA HIS I 24 -11.73 28.37 29.78
C HIS I 24 -13.17 28.40 29.33
N LEU I 25 -13.43 29.15 28.26
CA LEU I 25 -14.77 29.22 27.67
C LEU I 25 -15.15 27.89 27.05
N VAL I 26 -14.17 27.18 26.50
CA VAL I 26 -14.39 25.85 25.92
C VAL I 26 -14.71 24.85 27.04
N TYR I 27 -13.89 24.86 28.09
CA TYR I 27 -14.07 23.94 29.22
C TYR I 27 -15.39 24.16 29.94
N GLU I 28 -15.83 25.41 30.00
CA GLU I 28 -17.11 25.75 30.63
C GLU I 28 -18.29 25.07 29.93
N ILE I 29 -18.22 25.00 28.60
CA ILE I 29 -19.26 24.33 27.81
C ILE I 29 -19.09 22.80 27.85
N VAL I 30 -17.85 22.35 27.71
CA VAL I 30 -17.51 20.92 27.79
C VAL I 30 -17.93 20.32 29.13
N ASP I 31 -17.81 21.09 30.21
CA ASP I 31 -18.19 20.65 31.55
C ASP I 31 -19.70 20.40 31.70
N ASN I 32 -20.50 21.14 30.94
CA ASN I 32 -21.95 20.96 30.95
C ASN I 32 -22.36 19.67 30.22
N ALA I 33 -21.56 19.27 29.25
CA ALA I 33 -21.75 18.00 28.55
C ALA I 33 -21.35 16.82 29.42
N VAL I 34 -20.29 16.98 30.22
CA VAL I 34 -19.87 15.92 31.15
C VAL I 34 -20.75 15.87 32.40
N ASP I 35 -21.49 16.95 32.65
CA ASP I 35 -22.51 16.96 33.70
C ASP I 35 -23.66 16.03 33.32
N GLU I 36 -23.99 16.02 32.03
CA GLU I 36 -25.05 15.15 31.49
C GLU I 36 -24.58 13.72 31.30
N ALA I 37 -23.32 13.55 30.92
CA ALA I 37 -22.72 12.23 30.71
C ALA I 37 -22.68 11.40 31.99
N LEU I 38 -22.38 12.06 33.11
CA LEU I 38 -22.32 11.40 34.41
C LEU I 38 -23.72 11.28 35.05
N SER I 39 -24.70 11.96 34.45
CA SER I 39 -26.10 11.73 34.75
C SER I 39 -26.61 10.53 33.96
N GLY I 40 -25.81 10.09 32.99
CA GLY I 40 -26.08 8.87 32.23
C GLY I 40 -26.98 9.09 31.04
N TYR I 41 -26.53 9.91 30.09
CA TYR I 41 -27.30 10.17 28.89
C TYR I 41 -26.44 10.16 27.61
N GLY I 42 -25.32 10.88 27.65
CA GLY I 42 -24.40 10.92 26.51
C GLY I 42 -23.38 9.81 26.53
N ASN I 43 -22.75 9.57 25.38
CA ASN I 43 -21.65 8.61 25.28
C ASN I 43 -20.53 9.01 24.30
N GLU I 44 -20.58 10.27 23.84
CA GLU I 44 -19.47 10.89 23.11
C GLU I 44 -19.52 12.41 23.13
N ILE I 45 -18.34 13.04 23.07
CA ILE I 45 -18.23 14.50 23.02
C ILE I 45 -17.23 14.93 21.94
N ASN I 46 -17.69 15.74 21.01
CA ASN I 46 -16.86 16.23 19.91
C ASN I 46 -16.54 17.71 20.05
N VAL I 47 -15.26 18.03 20.10
CA VAL I 47 -14.80 19.43 20.13
C VAL I 47 -14.11 19.77 18.82
N THR I 48 -14.56 20.84 18.17
CA THR I 48 -14.03 21.21 16.87
C THR I 48 -13.65 22.70 16.78
N ILE I 49 -12.41 22.96 16.41
CA ILE I 49 -11.95 24.31 16.09
C ILE I 49 -12.23 24.56 14.61
N GLN I 50 -13.17 25.47 14.34
CA GLN I 50 -13.63 25.71 12.97
C GLN I 50 -12.80 26.75 12.22
N LYS I 51 -13.18 27.02 10.97
CA LYS I 51 -12.41 27.89 10.07
C LYS I 51 -12.37 29.34 10.54
N ASP I 52 -13.53 29.89 10.89
CA ASP I 52 -13.62 31.28 11.34
C ASP I 52 -13.17 31.46 12.80
N ASN I 53 -12.29 30.57 13.26
CA ASN I 53 -11.73 30.56 14.62
C ASN I 53 -12.76 30.43 15.75
N SER I 54 -13.86 29.75 15.47
CA SER I 54 -14.89 29.49 16.46
C SER I 54 -14.71 28.11 17.11
N ILE I 55 -15.52 27.82 18.11
CA ILE I 55 -15.47 26.53 18.80
C ILE I 55 -16.85 25.86 18.79
N CYS I 56 -16.87 24.59 18.40
CA CYS I 56 -18.08 23.78 18.48
C CYS I 56 -17.91 22.61 19.45
N VAL I 57 -18.83 22.53 20.40
CA VAL I 57 -18.88 21.42 21.36
C VAL I 57 -20.21 20.68 21.18
N ALA I 58 -20.13 19.39 20.91
CA ALA I 58 -21.32 18.57 20.66
C ALA I 58 -21.35 17.32 21.54
N ASP I 59 -22.50 17.04 22.13
CA ASP I 59 -22.68 15.86 22.98
C ASP I 59 -23.61 14.82 22.36
N SER I 60 -24.09 13.89 23.18
CA SER I 60 -25.04 12.88 22.74
C SER I 60 -26.11 12.61 23.82
N GLY I 61 -26.45 13.66 24.57
CA GLY I 61 -27.46 13.57 25.62
C GLY I 61 -28.86 13.77 25.08
N ARG I 62 -29.85 13.71 25.97
CA ARG I 62 -31.26 13.82 25.57
C ARG I 62 -31.52 15.08 24.76
N GLY I 63 -31.03 16.22 25.28
CA GLY I 63 -31.19 17.50 24.61
C GLY I 63 -31.75 18.55 25.54
N MET I 64 -31.21 19.76 25.43
CA MET I 64 -31.65 20.92 26.19
C MET I 64 -33.15 21.16 25.96
N PRO I 65 -33.93 21.32 27.04
CA PRO I 65 -35.39 21.45 26.95
C PRO I 65 -35.81 22.54 25.98
N THR I 66 -36.71 22.19 25.06
CA THR I 66 -37.17 23.10 24.01
C THR I 66 -38.45 23.82 24.44
N GLY I 67 -39.18 23.23 25.39
CA GLY I 67 -40.42 23.78 25.89
C GLY I 67 -40.29 25.18 26.47
N MET I 68 -41.44 25.86 26.60
CA MET I 68 -41.46 27.23 27.11
C MET I 68 -41.23 27.25 28.63
N HIS I 69 -40.44 28.23 29.07
CA HIS I 69 -40.15 28.40 30.50
C HIS I 69 -41.23 29.20 31.17
N ALA I 70 -41.32 29.07 32.49
CA ALA I 70 -42.30 29.80 33.29
C ALA I 70 -41.97 31.30 33.40
N SER I 71 -41.22 31.80 32.42
CA SER I 71 -40.83 33.20 32.35
C SER I 71 -41.31 33.87 31.05
N GLY I 72 -42.01 33.10 30.22
CA GLY I 72 -42.47 33.58 28.92
C GLY I 72 -41.43 33.39 27.83
N ILE I 73 -40.16 33.51 28.23
CA ILE I 73 -39.01 33.28 27.35
C ILE I 73 -38.61 31.80 27.39
N PRO I 74 -38.15 31.24 26.25
CA PRO I 74 -37.84 29.80 26.16
C PRO I 74 -36.79 29.32 27.15
N THR I 75 -36.92 28.06 27.59
CA THR I 75 -35.97 27.43 28.51
C THR I 75 -34.52 27.56 28.05
N VAL I 76 -34.31 27.32 26.76
CA VAL I 76 -32.98 27.44 26.12
C VAL I 76 -32.41 28.84 26.36
N GLU I 77 -33.24 29.86 26.12
CA GLU I 77 -32.84 31.26 26.25
C GLU I 77 -32.48 31.62 27.70
N VAL I 78 -33.24 31.08 28.65
CA VAL I 78 -32.99 31.31 30.08
C VAL I 78 -31.57 30.87 30.45
N ILE I 79 -31.21 29.65 30.06
CA ILE I 79 -29.91 29.06 30.38
C ILE I 79 -28.73 29.87 29.82
N PHE I 80 -28.98 30.63 28.75
CA PHE I 80 -27.92 31.40 28.10
C PHE I 80 -27.95 32.92 28.37
N THR I 81 -28.95 33.39 29.12
CA THR I 81 -29.12 34.84 29.33
C THR I 81 -29.20 35.33 30.79
N VAL I 82 -29.55 34.44 31.73
CA VAL I 82 -29.67 34.85 33.13
C VAL I 82 -28.42 34.56 33.97
N LEU I 83 -28.19 35.39 34.99
CA LEU I 83 -26.98 35.34 35.81
C LEU I 83 -26.69 33.97 36.48
N HIS I 84 -27.63 33.38 37.22
CA HIS I 84 -29.00 33.86 37.44
C HIS I 84 -29.11 34.71 38.68
N GLY I 102 -26.86 23.81 34.89
CA GLY I 102 -26.15 24.26 33.70
C GLY I 102 -25.36 25.53 33.94
N VAL I 103 -24.39 25.46 34.85
CA VAL I 103 -23.57 26.61 35.23
C VAL I 103 -22.57 26.98 34.15
N GLY I 104 -22.53 28.27 33.79
CA GLY I 104 -21.49 28.78 32.90
C GLY I 104 -21.89 29.05 31.47
N ALA I 105 -23.03 28.47 31.04
CA ALA I 105 -23.51 28.65 29.68
C ALA I 105 -23.73 30.12 29.33
N SER I 106 -24.40 30.84 30.24
CA SER I 106 -24.68 32.27 30.05
C SER I 106 -23.41 33.10 29.99
N VAL I 107 -22.42 32.73 30.81
CA VAL I 107 -21.13 33.43 30.87
C VAL I 107 -20.41 33.39 29.53
N VAL I 108 -20.37 32.20 28.92
CA VAL I 108 -19.74 32.01 27.60
C VAL I 108 -20.46 32.87 26.55
N ASN I 109 -21.79 32.83 26.56
CA ASN I 109 -22.62 33.61 25.65
C ASN I 109 -22.42 35.11 25.81
N ALA I 110 -22.25 35.55 27.06
CA ALA I 110 -22.06 36.96 27.39
C ALA I 110 -20.76 37.54 26.81
N LEU I 111 -19.77 36.68 26.60
CA LEU I 111 -18.45 37.11 26.14
C LEU I 111 -18.11 36.61 24.73
N SER I 112 -19.13 36.49 23.89
CA SER I 112 -18.95 36.01 22.52
C SER I 112 -19.79 36.79 21.53
N LYS I 113 -19.19 37.18 20.40
CA LYS I 113 -19.88 37.94 19.36
C LYS I 113 -21.01 37.16 18.70
N TRP I 114 -20.83 35.85 18.54
CA TRP I 114 -21.92 34.97 18.15
C TRP I 114 -21.86 33.61 18.78
N LEU I 115 -23.03 33.10 19.16
CA LEU I 115 -23.18 31.78 19.77
C LEU I 115 -24.46 31.13 19.27
N GLU I 116 -24.35 29.89 18.78
CA GLU I 116 -25.49 29.15 18.29
C GLU I 116 -25.66 27.83 19.03
N VAL I 117 -26.91 27.44 19.23
CA VAL I 117 -27.23 26.18 19.91
C VAL I 117 -28.16 25.31 19.05
N HIS I 118 -27.66 24.15 18.62
CA HIS I 118 -28.44 23.22 17.81
C HIS I 118 -28.88 22.06 18.66
N ILE I 119 -30.19 21.92 18.82
CA ILE I 119 -30.77 20.90 19.70
C ILE I 119 -31.49 19.82 18.90
N VAL I 120 -30.99 18.58 19.00
CA VAL I 120 -31.64 17.43 18.38
C VAL I 120 -32.30 16.57 19.46
N ARG I 121 -33.64 16.58 19.45
CA ARG I 121 -34.42 15.78 20.39
C ARG I 121 -35.62 15.18 19.66
N ASP I 122 -35.51 13.90 19.32
CA ASP I 122 -36.51 13.16 18.52
C ASP I 122 -36.65 13.73 17.09
N GLY I 123 -37.25 14.90 16.98
CA GLY I 123 -37.44 15.58 15.70
C GLY I 123 -38.16 16.90 15.85
N GLU I 125 -34.76 19.02 14.86
CA GLU I 125 -33.68 19.96 15.08
C GLU I 125 -34.21 21.37 15.33
N TYR I 126 -33.61 22.06 16.30
CA TYR I 126 -33.98 23.43 16.64
C TYR I 126 -32.73 24.31 16.68
N MET I 127 -32.92 25.63 16.69
CA MET I 127 -31.79 26.56 16.70
C MET I 127 -32.15 27.92 17.31
N GLU I 128 -31.16 28.53 17.96
CA GLU I 128 -31.23 29.94 18.33
C GLU I 128 -29.84 30.57 18.28
N ARG I 129 -29.72 31.66 17.53
CA ARG I 129 -28.48 32.42 17.46
C ARG I 129 -28.48 33.53 18.50
N PHE I 130 -27.33 33.70 19.16
CA PHE I 130 -27.13 34.79 20.11
C PHE I 130 -25.97 35.64 19.62
N GLU I 131 -26.18 36.96 19.60
CA GLU I 131 -25.22 37.86 18.96
C GLU I 131 -24.86 39.04 19.85
N ASP I 132 -23.74 39.70 19.53
CA ASP I 132 -23.27 40.92 20.19
C ASP I 132 -23.06 40.78 21.71
N GLY I 133 -23.07 39.54 22.20
CA GLY I 133 -22.86 39.26 23.61
C GLY I 133 -24.12 38.86 24.35
N GLY I 134 -24.80 37.83 23.84
CA GLY I 134 -25.96 37.26 24.53
C GLY I 134 -27.33 37.70 24.04
N LYS I 135 -27.37 38.73 23.20
CA LYS I 135 -28.63 39.20 22.63
C LYS I 135 -29.10 38.28 21.50
N PRO I 136 -30.35 37.78 21.60
CA PRO I 136 -30.85 36.72 20.72
C PRO I 136 -31.34 37.23 19.36
N VAL I 137 -30.87 36.59 18.29
CA VAL I 137 -31.36 36.85 16.94
C VAL I 137 -32.59 35.98 16.70
N GLY I 138 -33.76 36.61 16.65
CA GLY I 138 -35.03 35.90 16.56
C GLY I 138 -35.33 35.18 17.85
N THR I 139 -35.71 33.90 17.74
CA THR I 139 -36.00 33.06 18.90
C THR I 139 -35.66 31.60 18.60
N LEU I 140 -36.12 30.68 19.45
CA LEU I 140 -35.92 29.25 19.24
C LEU I 140 -36.71 28.78 18.02
N LYS I 141 -36.03 28.70 16.89
CA LYS I 141 -36.63 28.35 15.60
C LYS I 141 -36.53 26.85 15.34
N LYS I 142 -37.67 26.23 15.04
CA LYS I 142 -37.73 24.81 14.69
C LYS I 142 -37.44 24.60 13.20
N ILE I 143 -36.46 23.73 12.92
CA ILE I 143 -36.07 23.44 11.54
C ILE I 143 -36.49 22.01 11.14
N GLY I 144 -36.99 21.25 12.10
CA GLY I 144 -37.46 19.89 11.85
C GLY I 144 -37.54 19.06 13.12
N THR I 146 -35.40 17.31 11.17
CA THR I 146 -34.97 16.09 10.48
C THR I 146 -34.53 15.00 11.46
N LYS I 147 -33.66 14.10 10.99
CA LYS I 147 -33.16 12.97 11.79
C LYS I 147 -31.88 13.33 12.52
N ASN I 150 -29.68 12.27 18.48
CA ASN I 150 -29.96 13.12 19.64
C ASN I 150 -28.70 13.70 20.25
N GLY I 151 -28.78 14.98 20.64
CA GLY I 151 -27.64 15.68 21.25
C GLY I 151 -27.61 17.17 21.02
N THR I 152 -27.00 17.89 21.96
CA THR I 152 -26.88 19.35 21.89
C THR I 152 -25.56 19.75 21.25
N SER I 153 -25.62 20.73 20.36
CA SER I 153 -24.43 21.26 19.69
C SER I 153 -24.31 22.76 19.95
N VAL I 154 -23.26 23.15 20.65
CA VAL I 154 -23.01 24.56 20.96
C VAL I 154 -21.78 25.08 20.24
N THR I 155 -22.00 25.98 19.29
CA THR I 155 -20.92 26.62 18.54
C THR I 155 -20.89 28.12 18.83
N PHE I 156 -19.69 28.65 19.06
CA PHE I 156 -19.52 30.05 19.44
C PHE I 156 -18.16 30.61 19.05
N LEU I 157 -18.14 31.93 18.81
CA LEU I 157 -16.91 32.66 18.59
C LEU I 157 -16.80 33.77 19.64
N PRO I 158 -15.72 33.73 20.45
CA PRO I 158 -15.49 34.70 21.52
C PRO I 158 -15.39 36.14 21.03
N ASP I 159 -15.74 37.09 21.90
CA ASP I 159 -15.67 38.52 21.59
C ASP I 159 -14.23 38.99 21.60
N ASP I 160 -13.70 39.29 20.42
CA ASP I 160 -12.29 39.66 20.24
C ASP I 160 -11.92 41.05 20.78
N THR I 161 -12.92 41.89 21.05
CA THR I 161 -12.70 43.20 21.65
C THR I 161 -12.80 43.15 23.19
N ILE I 162 -12.61 41.97 23.74
CA ILE I 162 -12.59 41.75 25.19
C ILE I 162 -11.29 41.07 25.61
N PHE I 163 -10.86 40.09 24.82
CA PHE I 163 -9.67 39.29 25.14
C PHE I 163 -8.38 39.92 24.59
N THR I 165 -6.34 37.59 22.77
CA THR I 165 -6.16 36.82 21.53
C THR I 165 -7.40 35.99 21.19
N THR I 166 -7.45 35.50 19.96
CA THR I 166 -8.53 34.62 19.51
C THR I 166 -7.97 33.23 19.19
N ASN I 167 -6.65 33.15 19.06
CA ASN I 167 -5.95 31.94 18.64
C ASN I 167 -6.07 30.79 19.64
N PHE I 168 -6.85 29.78 19.29
CA PHE I 168 -6.98 28.57 20.10
C PHE I 168 -5.80 27.64 19.90
N SER I 169 -5.23 27.16 21.00
CA SER I 169 -4.09 26.25 20.97
C SER I 169 -4.56 24.82 20.88
N TYR I 170 -3.94 24.05 19.99
CA TYR I 170 -4.27 22.64 19.82
C TYR I 170 -3.80 21.82 21.02
N GLU I 171 -2.54 22.01 21.40
CA GLU I 171 -1.90 21.21 22.46
C GLU I 171 -2.51 21.45 23.84
N ILE I 172 -2.80 22.72 24.15
CA ILE I 172 -3.44 23.08 25.42
C ILE I 172 -4.83 22.45 25.52
N LEU I 173 -5.63 22.61 24.46
CA LEU I 173 -6.96 21.99 24.39
C LEU I 173 -6.88 20.47 24.41
N ALA I 174 -5.81 19.92 23.83
CA ALA I 174 -5.59 18.48 23.77
C ALA I 174 -5.42 17.86 25.16
N GLU I 175 -4.52 18.44 25.96
CA GLU I 175 -4.23 17.91 27.29
C GLU I 175 -5.45 17.94 28.22
N ARG I 176 -6.20 19.03 28.17
CA ARG I 176 -7.32 19.24 29.09
C ARG I 176 -8.57 18.42 28.77
N LEU I 177 -8.80 18.15 27.49
CA LEU I 177 -9.91 17.30 27.08
C LEU I 177 -9.65 15.83 27.40
N ARG I 178 -8.38 15.43 27.33
CA ARG I 178 -7.94 14.11 27.77
C ARG I 178 -8.16 13.95 29.28
N GLU I 179 -7.85 15.00 30.03
CA GLU I 179 -8.05 15.05 31.48
C GLU I 179 -9.52 14.85 31.85
N SER I 180 -10.42 15.42 31.04
CA SER I 180 -11.87 15.25 31.22
C SER I 180 -12.30 13.82 30.93
N ALA I 181 -11.62 13.18 29.98
CA ALA I 181 -11.91 11.79 29.62
C ALA I 181 -11.50 10.80 30.72
N PHE I 182 -10.50 11.17 31.51
CA PHE I 182 -10.08 10.36 32.66
C PHE I 182 -11.23 10.20 33.65
N LEU I 183 -12.02 11.27 33.81
CA LEU I 183 -13.19 11.30 34.68
C LEU I 183 -14.28 10.34 34.22
N LEU I 184 -14.21 9.94 32.96
CA LEU I 184 -15.31 9.24 32.30
C LEU I 184 -15.02 7.79 31.94
N LYS I 185 -16.06 6.97 31.96
CA LYS I 185 -16.01 5.60 31.48
C LYS I 185 -17.12 5.35 30.45
N GLY I 186 -16.74 4.73 29.33
CA GLY I 186 -17.69 4.40 28.28
C GLY I 186 -18.12 5.58 27.41
N VAL I 187 -17.31 6.62 27.41
CA VAL I 187 -17.56 7.81 26.60
C VAL I 187 -16.26 8.35 25.98
N LYS I 188 -16.29 8.53 24.66
CA LYS I 188 -15.15 8.99 23.88
C LYS I 188 -15.19 10.51 23.68
N ILE I 189 -14.02 11.12 23.60
CA ILE I 189 -13.92 12.57 23.35
C ILE I 189 -12.93 12.87 22.24
N THR I 190 -13.38 13.64 21.25
CA THR I 190 -12.55 14.00 20.09
C THR I 190 -12.24 15.50 20.04
N LEU I 191 -11.09 15.85 19.48
CA LEU I 191 -10.70 17.24 19.28
C LEU I 191 -10.12 17.43 17.87
N THR I 192 -10.92 18.04 17.00
CA THR I 192 -10.58 18.18 15.58
C THR I 192 -10.27 19.64 15.22
N ASP I 193 -9.20 19.83 14.45
CA ASP I 193 -8.81 21.15 13.95
C ASP I 193 -9.01 21.23 12.44
N GLU I 194 -9.67 22.30 11.99
CA GLU I 194 -9.91 22.54 10.56
C GLU I 194 -9.64 24.02 10.28
N ARG I 195 -8.37 24.41 10.37
CA ARG I 195 -8.00 25.83 10.34
C ARG I 195 -7.31 26.36 9.06
N GLY I 196 -6.56 25.54 8.31
CA GLY I 196 -6.38 24.11 8.56
C GLY I 196 -6.32 23.36 7.24
N GLU I 197 -5.20 22.70 6.97
CA GLU I 197 -4.97 21.99 5.71
C GLU I 197 -5.82 20.71 5.59
N GLU I 198 -5.76 19.87 6.62
CA GLU I 198 -6.55 18.64 6.66
C GLU I 198 -6.99 18.36 8.10
N PRO I 199 -8.24 17.88 8.28
CA PRO I 199 -8.76 17.51 9.60
C PRO I 199 -7.83 16.59 10.41
N LYS I 200 -7.08 17.18 11.32
CA LYS I 200 -6.20 16.44 12.23
C LYS I 200 -6.83 16.41 13.62
N GLU I 201 -7.08 15.20 14.13
CA GLU I 201 -7.80 15.04 15.39
C GLU I 201 -7.16 14.06 16.39
N GLU I 202 -7.48 14.26 17.67
CA GLU I 202 -7.07 13.37 18.75
C GLU I 202 -8.30 12.62 19.27
N VAL I 203 -8.09 11.41 19.79
CA VAL I 203 -9.18 10.60 20.35
C VAL I 203 -8.80 10.05 21.72
N PHE I 204 -9.72 10.21 22.68
CA PHE I 204 -9.55 9.69 24.04
C PHE I 204 -10.80 8.96 24.51
N HIS I 205 -10.62 7.71 24.93
CA HIS I 205 -11.71 6.90 25.50
C HIS I 205 -11.18 5.89 26.48
N TYR I 206 -11.94 5.65 27.55
CA TYR I 206 -11.58 4.67 28.58
C TYR I 206 -12.83 3.91 29.03
N GLU I 207 -12.64 2.66 29.46
CA GLU I 207 -13.77 1.76 29.69
C GLU I 207 -13.68 0.97 31.00
N GLU I 208 -12.47 0.59 31.39
CA GLU I 208 -12.27 -0.25 32.56
C GLU I 208 -12.41 0.52 33.87
#